data_4WHV
#
_entry.id   4WHV
#
_cell.length_a   341.379
_cell.length_b   341.379
_cell.length_c   113.447
_cell.angle_alpha   90.000
_cell.angle_beta   90.000
_cell.angle_gamma   120.000
#
_symmetry.space_group_name_H-M   'P 64 2 2'
#
loop_
_entity.id
_entity.type
_entity.pdbx_description
1 polymer 'Ubiquitin-conjugating enzyme E2 N'
2 polymer 'E3 ubiquitin-protein ligase RNF8'
3 polymer Polyubiquitin-B
4 non-polymer 'ZINC ION'
#
loop_
_entity_poly.entity_id
_entity_poly.type
_entity_poly.pdbx_seq_one_letter_code
_entity_poly.pdbx_strand_id
1 'polypeptide(L)'
;GPLGSPEFMAGLPRRIIKETQRLLAEPVPGIKAEPDESNARYFHVVIAGPQDSPFEGGTFKLELFLPEEYPMAAPKVRFM
TKIYHPNVDKLGRIKLDILKDKWSPALQIRTVLLSIQALLSAPNPDDPLANDVAEQWKTNEAQAIETARAWTRLYAMNNI
;
B,E,H,K
2 'polypeptide(L)'
;GPLGSPEFQEHWALMEELNRSKKDFEAIIQAKNKELEQTKEEKEKMQAQKEEVLSHMNDVLENELQCIICSEYFIEAVTL
NCAHSFCSYCINEWMKRKIECPICRKDIKSKTYSLVLDNCINKMVNNLSSEVKERRIVLIRERKAKRLF
;
C,D,I,J
3 'polypeptide(L)'
;GPGYQDPMQIFVKTLTGKTITLEVEPSDTIENVKAKIQDKEGIPPDQQRLIFAGKQLEDGRTLSDYNIQKESTLHLVLRL
RGG
;
A,F,G,L
#
# COMPACT_ATOMS: atom_id res chain seq x y z
N LEU A 12 -10.55 0.45 -31.63
CA LEU A 12 -11.02 -0.01 -30.33
C LEU A 12 -9.87 -0.23 -29.35
N PRO A 13 -10.14 -0.10 -28.05
CA PRO A 13 -9.17 -0.49 -27.03
C PRO A 13 -8.78 -1.96 -27.21
N ARG A 14 -7.55 -2.31 -26.83
CA ARG A 14 -7.06 -3.67 -27.05
C ARG A 14 -8.01 -4.73 -26.47
N ARG A 15 -8.58 -4.43 -25.31
CA ARG A 15 -9.45 -5.39 -24.64
C ARG A 15 -10.68 -5.75 -25.45
N ILE A 16 -11.31 -4.75 -26.03
CA ILE A 16 -12.48 -4.98 -26.87
C ILE A 16 -12.08 -5.81 -28.09
N ILE A 17 -10.94 -5.49 -28.68
CA ILE A 17 -10.43 -6.27 -29.82
C ILE A 17 -10.18 -7.70 -29.36
N LYS A 18 -9.57 -7.83 -28.18
CA LYS A 18 -9.26 -9.11 -27.59
C LYS A 18 -10.50 -9.98 -27.40
N GLU A 19 -11.51 -9.44 -26.73
CA GLU A 19 -12.73 -10.18 -26.45
C GLU A 19 -13.52 -10.51 -27.72
N THR A 20 -13.65 -9.52 -28.60
CA THR A 20 -14.36 -9.67 -29.86
C THR A 20 -13.86 -10.87 -30.66
N GLN A 21 -12.55 -11.02 -30.69
CA GLN A 21 -11.92 -12.09 -31.49
C GLN A 21 -11.85 -13.39 -30.71
N ARG A 22 -11.96 -13.29 -29.40
CA ARG A 22 -12.04 -14.48 -28.57
C ARG A 22 -13.41 -15.12 -28.76
N LEU A 23 -14.42 -14.28 -28.97
CA LEU A 23 -15.78 -14.76 -29.21
C LEU A 23 -15.88 -15.53 -30.52
N LEU A 24 -15.21 -15.02 -31.55
CA LEU A 24 -15.20 -15.68 -32.85
C LEU A 24 -14.33 -16.94 -32.83
N ALA A 25 -13.21 -16.88 -32.11
CA ALA A 25 -12.26 -17.98 -32.08
C ALA A 25 -12.65 -19.04 -31.03
N GLU A 26 -13.08 -18.59 -29.86
CA GLU A 26 -13.44 -19.50 -28.78
C GLU A 26 -14.89 -19.28 -28.32
N PRO A 27 -15.84 -19.81 -29.11
CA PRO A 27 -17.27 -19.60 -28.83
C PRO A 27 -17.73 -20.28 -27.54
N VAL A 28 -18.54 -19.58 -26.76
CA VAL A 28 -19.17 -20.14 -25.58
C VAL A 28 -20.15 -21.26 -25.98
N PRO A 29 -20.09 -22.40 -25.29
CA PRO A 29 -21.04 -23.50 -25.57
C PRO A 29 -22.50 -23.05 -25.45
N GLY A 30 -23.30 -23.36 -26.48
CA GLY A 30 -24.71 -23.04 -26.45
C GLY A 30 -25.01 -21.58 -26.70
N ILE A 31 -23.98 -20.81 -27.03
CA ILE A 31 -24.13 -19.37 -27.27
C ILE A 31 -23.39 -18.93 -28.53
N LYS A 32 -24.10 -18.30 -29.43
CA LYS A 32 -23.49 -17.68 -30.61
C LYS A 32 -23.43 -16.17 -30.40
N ALA A 33 -22.34 -15.55 -30.83
CA ALA A 33 -22.20 -14.10 -30.68
C ALA A 33 -21.46 -13.51 -31.86
N GLU A 34 -22.18 -12.76 -32.68
CA GLU A 34 -21.61 -12.21 -33.89
C GLU A 34 -21.65 -10.69 -33.89
N PRO A 35 -20.59 -10.07 -34.43
CA PRO A 35 -20.53 -8.60 -34.49
C PRO A 35 -21.53 -8.04 -35.48
N ASP A 36 -22.07 -6.87 -35.16
CA ASP A 36 -22.94 -6.17 -36.09
C ASP A 36 -22.14 -5.70 -37.30
N GLU A 37 -22.82 -5.55 -38.44
CA GLU A 37 -22.15 -5.21 -39.69
C GLU A 37 -21.80 -3.73 -39.80
N SER A 38 -22.22 -2.94 -38.83
CA SER A 38 -22.00 -1.50 -38.89
C SER A 38 -21.38 -0.94 -37.61
N ASN A 39 -21.55 -1.67 -36.50
CA ASN A 39 -21.14 -1.18 -35.20
C ASN A 39 -20.26 -2.21 -34.50
N ALA A 40 -18.98 -1.89 -34.34
CA ALA A 40 -18.00 -2.83 -33.80
C ALA A 40 -18.20 -3.08 -32.30
N ARG A 41 -19.07 -2.31 -31.67
CA ARG A 41 -19.35 -2.48 -30.25
C ARG A 41 -20.69 -3.16 -30.03
N TYR A 42 -21.33 -3.53 -31.13
CA TYR A 42 -22.68 -4.07 -31.13
C TYR A 42 -22.65 -5.54 -31.53
N PHE A 43 -23.23 -6.40 -30.71
CA PHE A 43 -23.19 -7.83 -31.01
C PHE A 43 -24.57 -8.47 -30.99
N HIS A 44 -24.79 -9.38 -31.93
CA HIS A 44 -26.03 -10.13 -32.01
C HIS A 44 -25.78 -11.51 -31.46
N VAL A 45 -26.45 -11.82 -30.37
CA VAL A 45 -26.20 -13.04 -29.63
C VAL A 45 -27.40 -13.97 -29.75
N VAL A 46 -27.12 -15.26 -29.90
CA VAL A 46 -28.17 -16.27 -29.80
C VAL A 46 -27.83 -17.22 -28.68
N ILE A 47 -28.71 -17.32 -27.69
CA ILE A 47 -28.50 -18.26 -26.60
C ILE A 47 -29.45 -19.45 -26.74
N ALA A 48 -28.88 -20.65 -26.77
CA ALA A 48 -29.67 -21.88 -26.74
C ALA A 48 -30.30 -22.04 -25.36
N GLY A 49 -31.55 -22.47 -25.32
CA GLY A 49 -32.19 -22.76 -24.05
C GLY A 49 -31.39 -23.83 -23.32
N PRO A 50 -31.09 -23.61 -22.04
CA PRO A 50 -30.24 -24.55 -21.29
C PRO A 50 -30.88 -25.92 -21.12
N GLN A 51 -30.05 -26.95 -21.09
CA GLN A 51 -30.54 -28.31 -20.92
C GLN A 51 -31.33 -28.44 -19.62
N ASP A 52 -32.41 -29.22 -19.69
CA ASP A 52 -33.29 -29.49 -18.54
C ASP A 52 -34.03 -28.23 -18.06
N SER A 53 -34.05 -27.19 -18.89
CA SER A 53 -34.84 -25.99 -18.58
C SER A 53 -36.11 -26.01 -19.43
N PRO A 54 -37.13 -25.21 -19.05
CA PRO A 54 -38.32 -25.13 -19.90
C PRO A 54 -38.05 -24.40 -21.21
N PHE A 55 -36.86 -23.85 -21.34
CA PHE A 55 -36.45 -23.16 -22.56
C PHE A 55 -35.64 -24.07 -23.47
N GLU A 56 -35.39 -25.28 -23.01
CA GLU A 56 -34.59 -26.22 -23.78
C GLU A 56 -35.22 -26.46 -25.14
N GLY A 57 -34.41 -26.41 -26.18
CA GLY A 57 -34.90 -26.60 -27.53
C GLY A 57 -35.14 -25.28 -28.24
N GLY A 58 -35.25 -24.21 -27.45
CA GLY A 58 -35.46 -22.88 -28.00
C GLY A 58 -34.16 -22.17 -28.28
N THR A 59 -34.22 -21.14 -29.10
CA THR A 59 -33.09 -20.26 -29.34
C THR A 59 -33.53 -18.83 -29.09
N PHE A 60 -32.74 -18.06 -28.36
CA PHE A 60 -33.17 -16.74 -27.91
C PHE A 60 -32.19 -15.68 -28.39
N LYS A 61 -32.73 -14.67 -29.07
CA LYS A 61 -31.91 -13.58 -29.55
C LYS A 61 -31.63 -12.62 -28.43
N LEU A 62 -30.39 -12.19 -28.33
CA LEU A 62 -30.02 -11.13 -27.43
C LEU A 62 -29.17 -10.13 -28.18
N GLU A 63 -29.17 -8.90 -27.72
CA GLU A 63 -28.26 -7.94 -28.30
C GLU A 63 -27.37 -7.43 -27.18
N LEU A 64 -26.11 -7.19 -27.53
CA LEU A 64 -25.13 -6.73 -26.56
C LEU A 64 -24.42 -5.52 -27.12
N PHE A 65 -24.28 -4.50 -26.28
CA PHE A 65 -23.58 -3.29 -26.67
C PHE A 65 -22.52 -2.93 -25.65
N LEU A 66 -21.33 -2.60 -26.14
CA LEU A 66 -20.23 -2.16 -25.29
C LEU A 66 -20.13 -0.63 -25.33
N PRO A 67 -20.56 0.04 -24.25
CA PRO A 67 -20.57 1.51 -24.15
C PRO A 67 -19.18 2.12 -24.29
N GLU A 68 -19.11 3.44 -24.48
CA GLU A 68 -17.84 4.15 -24.58
C GLU A 68 -16.92 3.84 -23.40
N GLU A 69 -17.49 3.90 -22.20
CA GLU A 69 -16.70 3.80 -20.99
C GLU A 69 -16.44 2.34 -20.58
N TYR A 70 -16.86 1.40 -21.41
CA TYR A 70 -16.52 -0.01 -21.19
C TYR A 70 -15.00 -0.15 -21.22
N PRO A 71 -14.43 -0.90 -20.25
CA PRO A 71 -15.11 -1.76 -19.28
C PRO A 71 -15.43 -1.12 -17.93
N MET A 72 -15.25 0.19 -17.77
CA MET A 72 -15.65 0.86 -16.53
C MET A 72 -17.15 0.73 -16.36
N ALA A 73 -17.87 0.95 -17.45
CA ALA A 73 -19.31 0.76 -17.47
C ALA A 73 -19.63 -0.66 -17.94
N ALA A 74 -20.74 -1.20 -17.44
CA ALA A 74 -21.14 -2.55 -17.77
C ALA A 74 -21.60 -2.63 -19.23
N PRO A 75 -21.51 -3.81 -19.83
CA PRO A 75 -22.10 -3.97 -21.16
C PRO A 75 -23.61 -3.83 -21.06
N LYS A 76 -24.25 -3.41 -22.14
CA LYS A 76 -25.71 -3.36 -22.17
C LYS A 76 -26.22 -4.62 -22.87
N VAL A 77 -27.19 -5.29 -22.27
CA VAL A 77 -27.73 -6.52 -22.84
C VAL A 77 -29.25 -6.54 -22.72
N ARG A 78 -29.92 -7.07 -23.74
CA ARG A 78 -31.36 -7.18 -23.73
C ARG A 78 -31.79 -8.36 -24.58
N PHE A 79 -32.82 -9.08 -24.14
CA PHE A 79 -33.42 -10.11 -24.99
C PHE A 79 -34.22 -9.45 -26.11
N MET A 80 -34.17 -10.05 -27.29
CA MET A 80 -34.97 -9.57 -28.42
C MET A 80 -35.99 -10.63 -28.80
N THR A 81 -35.95 -11.75 -28.08
CA THR A 81 -36.95 -12.80 -28.23
C THR A 81 -37.82 -12.79 -26.98
N LYS A 82 -39.14 -12.78 -27.17
CA LYS A 82 -40.07 -12.82 -26.05
C LYS A 82 -39.86 -14.08 -25.22
N ILE A 83 -39.78 -13.93 -23.92
CA ILE A 83 -39.49 -15.07 -23.05
C ILE A 83 -40.22 -14.93 -21.72
N TYR A 84 -40.69 -16.05 -21.19
CA TYR A 84 -41.42 -16.07 -19.93
C TYR A 84 -40.45 -16.42 -18.82
N HIS A 85 -39.99 -15.39 -18.11
CA HIS A 85 -38.95 -15.56 -17.13
C HIS A 85 -39.06 -14.44 -16.11
N PRO A 86 -38.95 -14.76 -14.82
CA PRO A 86 -39.10 -13.80 -13.72
C PRO A 86 -38.15 -12.62 -13.81
N ASN A 87 -37.01 -12.81 -14.47
CA ASN A 87 -35.97 -11.79 -14.50
C ASN A 87 -35.77 -11.18 -15.88
N VAL A 88 -36.72 -11.44 -16.77
CA VAL A 88 -36.73 -10.80 -18.08
C VAL A 88 -38.10 -10.16 -18.27
N ASP A 89 -38.15 -8.86 -18.52
CA ASP A 89 -39.45 -8.21 -18.62
C ASP A 89 -40.01 -8.26 -20.04
N LYS A 90 -41.11 -7.55 -20.25
CA LYS A 90 -41.85 -7.63 -21.50
C LYS A 90 -41.06 -7.05 -22.66
N LEU A 91 -40.10 -6.19 -22.35
CA LEU A 91 -39.28 -5.56 -23.38
C LEU A 91 -37.90 -6.22 -23.48
N GLY A 92 -37.71 -7.29 -22.74
CA GLY A 92 -36.50 -8.09 -22.85
C GLY A 92 -35.39 -7.63 -21.92
N ARG A 93 -35.68 -6.64 -21.09
CA ARG A 93 -34.68 -6.12 -20.17
C ARG A 93 -34.37 -7.16 -19.12
N ILE A 94 -33.09 -7.30 -18.80
CA ILE A 94 -32.62 -8.36 -17.93
C ILE A 94 -32.29 -7.85 -16.55
N LYS A 95 -32.88 -8.49 -15.55
CA LYS A 95 -32.54 -8.19 -14.16
C LYS A 95 -31.42 -9.12 -13.70
N LEU A 96 -30.20 -8.61 -13.74
CA LEU A 96 -29.01 -9.37 -13.37
C LEU A 96 -28.02 -8.43 -12.71
N ASP A 97 -27.65 -8.73 -11.47
CA ASP A 97 -26.94 -7.77 -10.65
C ASP A 97 -25.53 -7.44 -11.14
N ILE A 98 -24.94 -8.31 -11.95
CA ILE A 98 -23.62 -8.02 -12.50
C ILE A 98 -23.72 -7.10 -13.71
N LEU A 99 -24.96 -6.81 -14.13
CA LEU A 99 -25.19 -5.85 -15.20
C LEU A 99 -25.39 -4.45 -14.64
N LYS A 100 -25.41 -4.33 -13.31
CA LYS A 100 -25.64 -3.05 -12.66
C LYS A 100 -24.85 -2.91 -11.35
N ASP A 101 -25.28 -3.63 -10.33
CA ASP A 101 -24.69 -3.54 -8.99
C ASP A 101 -23.27 -4.08 -8.95
N LYS A 102 -23.14 -5.39 -9.22
CA LYS A 102 -21.88 -6.08 -9.05
C LYS A 102 -21.04 -6.15 -10.32
N TRP A 103 -21.01 -5.06 -11.09
CA TRP A 103 -20.16 -5.03 -12.27
C TRP A 103 -18.74 -4.56 -11.94
N SER A 104 -17.75 -5.32 -12.38
CA SER A 104 -16.35 -4.94 -12.27
C SER A 104 -15.63 -5.27 -13.58
N PRO A 105 -14.66 -4.43 -13.97
CA PRO A 105 -13.92 -4.58 -15.23
C PRO A 105 -13.22 -5.92 -15.44
N ALA A 106 -13.21 -6.78 -14.43
CA ALA A 106 -12.55 -8.09 -14.58
C ALA A 106 -13.51 -9.15 -15.11
N LEU A 107 -14.80 -8.84 -15.09
CA LEU A 107 -15.83 -9.84 -15.39
C LEU A 107 -15.81 -10.35 -16.83
N GLN A 108 -15.72 -9.45 -17.80
CA GLN A 108 -15.69 -9.75 -19.24
C GLN A 108 -17.08 -10.04 -19.81
N ILE A 109 -17.14 -10.15 -21.13
CA ILE A 109 -18.40 -10.33 -21.84
C ILE A 109 -18.97 -11.74 -21.69
N ARG A 110 -18.13 -12.76 -21.83
CA ARG A 110 -18.63 -14.12 -21.83
C ARG A 110 -19.11 -14.55 -20.45
N THR A 111 -18.59 -13.91 -19.40
CA THR A 111 -19.09 -14.17 -18.05
C THR A 111 -20.54 -13.76 -17.96
N VAL A 112 -20.84 -12.56 -18.47
CA VAL A 112 -22.19 -12.05 -18.54
C VAL A 112 -23.09 -13.01 -19.31
N LEU A 113 -22.63 -13.44 -20.48
CA LEU A 113 -23.45 -14.31 -21.33
C LEU A 113 -23.73 -15.66 -20.66
N LEU A 114 -22.73 -16.23 -20.03
CA LEU A 114 -22.92 -17.49 -19.31
C LEU A 114 -23.85 -17.31 -18.12
N SER A 115 -23.71 -16.18 -17.44
CA SER A 115 -24.57 -15.85 -16.31
C SER A 115 -26.02 -15.71 -16.74
N ILE A 116 -26.25 -15.08 -17.89
CA ILE A 116 -27.60 -14.95 -18.44
C ILE A 116 -28.16 -16.34 -18.76
N GLN A 117 -27.34 -17.18 -19.37
CA GLN A 117 -27.73 -18.55 -19.66
C GLN A 117 -28.09 -19.28 -18.38
N ALA A 118 -27.31 -19.02 -17.33
CA ALA A 118 -27.51 -19.65 -16.04
C ALA A 118 -28.79 -19.17 -15.38
N LEU A 119 -29.16 -17.93 -15.69
CA LEU A 119 -30.39 -17.34 -15.19
C LEU A 119 -31.59 -18.09 -15.78
N LEU A 120 -31.47 -18.46 -17.06
CA LEU A 120 -32.48 -19.27 -17.72
C LEU A 120 -32.56 -20.64 -17.06
N SER A 121 -31.39 -21.21 -16.79
CA SER A 121 -31.29 -22.53 -16.16
C SER A 121 -31.83 -22.55 -14.73
N ALA A 122 -31.71 -21.41 -14.04
CA ALA A 122 -32.18 -21.31 -12.66
C ALA A 122 -32.74 -19.92 -12.37
N PRO A 123 -34.03 -19.72 -12.67
CA PRO A 123 -34.72 -18.44 -12.47
C PRO A 123 -34.73 -17.96 -11.01
N ASN A 124 -34.80 -16.64 -10.83
CA ASN A 124 -34.83 -16.04 -9.50
C ASN A 124 -36.12 -15.26 -9.28
N PRO A 125 -37.21 -15.98 -8.98
CA PRO A 125 -38.53 -15.35 -8.79
C PRO A 125 -38.54 -14.42 -7.59
N ASP A 126 -37.65 -14.67 -6.64
CA ASP A 126 -37.66 -13.94 -5.38
C ASP A 126 -36.94 -12.59 -5.47
N ASP A 127 -36.59 -12.20 -6.69
CA ASP A 127 -35.92 -10.93 -6.91
C ASP A 127 -36.86 -9.75 -6.64
N PRO A 128 -36.37 -8.73 -5.92
CA PRO A 128 -37.16 -7.53 -5.61
C PRO A 128 -37.75 -6.85 -6.85
N LEU A 129 -36.92 -6.59 -7.85
CA LEU A 129 -37.38 -5.92 -9.05
C LEU A 129 -37.80 -6.91 -10.13
N ALA A 130 -38.41 -8.01 -9.71
CA ALA A 130 -38.83 -9.04 -10.65
C ALA A 130 -40.17 -8.69 -11.29
N ASN A 131 -40.47 -9.35 -12.40
CA ASN A 131 -41.64 -9.08 -13.25
C ASN A 131 -42.98 -8.96 -12.54
N ASP A 132 -43.71 -10.07 -12.62
CA ASP A 132 -45.11 -10.19 -12.25
C ASP A 132 -45.36 -11.63 -12.63
N VAL A 133 -44.53 -12.07 -13.58
CA VAL A 133 -44.31 -13.46 -13.89
C VAL A 133 -43.72 -14.15 -12.64
N ALA A 134 -42.90 -13.40 -11.91
CA ALA A 134 -42.31 -13.89 -10.67
C ALA A 134 -43.37 -14.41 -9.71
N GLU A 135 -44.44 -13.65 -9.54
CA GLU A 135 -45.51 -14.02 -8.63
C GLU A 135 -46.12 -15.37 -8.99
N GLN A 136 -46.34 -15.58 -10.29
CA GLN A 136 -46.81 -16.87 -10.76
C GLN A 136 -45.76 -17.94 -10.48
N TRP A 137 -44.49 -17.58 -10.65
CA TRP A 137 -43.40 -18.52 -10.46
C TRP A 137 -43.28 -18.93 -9.00
N LYS A 138 -43.61 -18.01 -8.10
CA LYS A 138 -43.53 -18.26 -6.67
C LYS A 138 -44.67 -19.16 -6.18
N THR A 139 -45.89 -18.81 -6.58
CA THR A 139 -47.08 -19.45 -6.04
C THR A 139 -47.45 -20.71 -6.80
N ASN A 140 -47.28 -20.68 -8.12
CA ASN A 140 -47.58 -21.84 -8.94
C ASN A 140 -46.43 -22.14 -9.90
N GLU A 141 -45.32 -22.61 -9.35
CA GLU A 141 -44.11 -22.83 -10.13
C GLU A 141 -44.34 -23.80 -11.28
N ALA A 142 -45.14 -24.85 -11.04
CA ALA A 142 -45.40 -25.85 -12.07
C ALA A 142 -46.09 -25.22 -13.28
N GLN A 143 -47.06 -24.36 -13.03
CA GLN A 143 -47.78 -23.71 -14.12
C GLN A 143 -46.86 -22.72 -14.85
N ALA A 144 -46.05 -22.00 -14.09
CA ALA A 144 -45.13 -21.03 -14.67
C ALA A 144 -44.13 -21.71 -15.60
N ILE A 145 -43.63 -22.86 -15.17
CA ILE A 145 -42.68 -23.61 -15.98
C ILE A 145 -43.33 -24.12 -17.28
N GLU A 146 -44.60 -24.51 -17.20
CA GLU A 146 -45.28 -24.93 -18.42
C GLU A 146 -45.52 -23.74 -19.34
N THR A 147 -45.81 -22.59 -18.76
CA THR A 147 -46.02 -21.38 -19.56
C THR A 147 -44.70 -20.93 -20.20
N ALA A 148 -43.60 -21.05 -19.46
CA ALA A 148 -42.28 -20.80 -20.04
C ALA A 148 -42.05 -21.69 -21.24
N ARG A 149 -42.42 -22.96 -21.11
CA ARG A 149 -42.27 -23.91 -22.22
C ARG A 149 -43.22 -23.53 -23.35
N ALA A 150 -44.43 -23.10 -22.99
CA ALA A 150 -45.40 -22.64 -23.97
C ALA A 150 -44.82 -21.47 -24.79
N TRP A 151 -44.27 -20.47 -24.10
CA TRP A 151 -43.72 -19.32 -24.80
C TRP A 151 -42.50 -19.68 -25.63
N THR A 152 -41.74 -20.68 -25.17
CA THR A 152 -40.61 -21.17 -25.95
C THR A 152 -41.11 -21.75 -27.27
N ARG A 153 -42.16 -22.55 -27.21
CA ARG A 153 -42.78 -23.09 -28.43
C ARG A 153 -43.23 -21.97 -29.36
N LEU A 154 -43.83 -20.95 -28.77
CA LEU A 154 -44.47 -19.88 -29.54
C LEU A 154 -43.49 -18.91 -30.16
N TYR A 155 -42.41 -18.59 -29.45
CA TYR A 155 -41.55 -17.49 -29.86
C TYR A 155 -40.10 -17.86 -30.14
N ALA A 156 -39.64 -18.98 -29.60
CA ALA A 156 -38.20 -19.27 -29.67
C ALA A 156 -37.85 -20.50 -30.50
N MET A 157 -38.76 -20.95 -31.36
CA MET A 157 -38.46 -22.16 -32.14
C MET A 157 -38.17 -21.82 -33.61
N ASN A 158 -38.15 -20.53 -33.92
CA ASN A 158 -37.81 -20.07 -35.27
C ASN A 158 -36.86 -18.88 -35.25
N GLN B 9 43.96 -55.54 -73.84
CA GLN B 9 43.95 -55.97 -72.45
C GLN B 9 44.23 -54.83 -71.50
N GLU B 10 45.20 -53.99 -71.88
CA GLU B 10 45.55 -52.82 -71.10
C GLU B 10 44.39 -51.84 -71.01
N HIS B 11 43.70 -51.66 -72.11
CA HIS B 11 42.53 -50.80 -72.16
C HIS B 11 41.42 -51.30 -71.26
N TRP B 12 41.23 -52.61 -71.25
CA TRP B 12 40.23 -53.24 -70.40
C TRP B 12 40.55 -53.04 -68.92
N ALA B 13 41.83 -53.15 -68.59
CA ALA B 13 42.27 -52.91 -67.23
C ALA B 13 42.04 -51.48 -66.78
N LEU B 14 42.28 -50.55 -67.70
CA LEU B 14 42.04 -49.14 -67.44
C LEU B 14 40.57 -48.85 -67.22
N MET B 15 39.72 -49.50 -68.00
CA MET B 15 38.29 -49.36 -67.87
C MET B 15 37.80 -49.88 -66.52
N GLU B 16 38.36 -50.99 -66.08
CA GLU B 16 38.04 -51.56 -64.79
C GLU B 16 38.42 -50.64 -63.65
N GLU B 17 39.58 -50.00 -63.78
CA GLU B 17 40.04 -49.04 -62.79
C GLU B 17 39.14 -47.83 -62.73
N LEU B 18 38.68 -47.38 -63.89
CA LEU B 18 37.76 -46.26 -63.97
C LEU B 18 36.42 -46.58 -63.31
N ASN B 19 35.96 -47.80 -63.51
CA ASN B 19 34.73 -48.26 -62.90
C ASN B 19 34.82 -48.29 -61.38
N ARG B 20 35.97 -48.74 -60.89
CA ARG B 20 36.23 -48.77 -59.47
C ARG B 20 36.25 -47.37 -58.86
N SER B 21 36.83 -46.43 -59.59
CA SER B 21 36.87 -45.05 -59.17
C SER B 21 35.47 -44.43 -59.12
N LYS B 22 34.65 -44.78 -60.09
CA LYS B 22 33.28 -44.33 -60.14
C LYS B 22 32.46 -44.85 -58.96
N LYS B 23 32.70 -46.10 -58.61
CA LYS B 23 32.05 -46.71 -57.47
C LYS B 23 32.42 -46.03 -56.17
N ASP B 24 33.70 -45.68 -56.04
CA ASP B 24 34.19 -44.96 -54.89
C ASP B 24 33.57 -43.58 -54.76
N PHE B 25 33.42 -42.91 -55.90
CA PHE B 25 32.78 -41.60 -55.95
C PHE B 25 31.33 -41.67 -55.54
N GLU B 26 30.64 -42.71 -55.98
CA GLU B 26 29.26 -42.93 -55.61
C GLU B 26 29.10 -43.16 -54.11
N ALA B 27 30.02 -43.90 -53.53
CA ALA B 27 30.02 -44.15 -52.10
C ALA B 27 30.24 -42.87 -51.31
N ILE B 28 31.13 -42.02 -51.82
CA ILE B 28 31.39 -40.73 -51.20
C ILE B 28 30.18 -39.82 -51.26
N ILE B 29 29.47 -39.87 -52.37
CA ILE B 29 28.26 -39.09 -52.55
C ILE B 29 27.17 -39.52 -51.58
N GLN B 30 27.06 -40.82 -51.38
CA GLN B 30 26.12 -41.38 -50.44
C GLN B 30 26.41 -40.95 -49.01
N ALA B 31 27.69 -40.93 -48.67
CA ALA B 31 28.13 -40.47 -47.36
C ALA B 31 27.81 -39.00 -47.13
N LYS B 32 28.00 -38.21 -48.17
CA LYS B 32 27.69 -36.79 -48.13
C LYS B 32 26.20 -36.55 -47.94
N ASN B 33 25.39 -37.35 -48.60
CA ASN B 33 23.95 -37.28 -48.47
C ASN B 33 23.49 -37.61 -47.05
N LYS B 34 24.12 -38.61 -46.46
CA LYS B 34 23.84 -39.00 -45.08
C LYS B 34 24.19 -37.89 -44.10
N GLU B 35 25.31 -37.23 -44.35
CA GLU B 35 25.74 -36.12 -43.54
C GLU B 35 24.78 -34.95 -43.63
N LEU B 36 24.29 -34.69 -44.83
CA LEU B 36 23.31 -33.65 -45.06
C LEU B 36 22.00 -33.91 -44.31
N GLU B 37 21.58 -35.16 -44.32
CA GLU B 37 20.40 -35.58 -43.61
C GLU B 37 20.53 -35.38 -42.11
N GLN B 38 21.71 -35.70 -41.59
CA GLN B 38 22.01 -35.50 -40.18
C GLN B 38 21.99 -34.03 -39.79
N THR B 39 22.52 -33.20 -40.68
CA THR B 39 22.52 -31.76 -40.48
C THR B 39 21.10 -31.20 -40.46
N LYS B 40 20.26 -31.71 -41.33
CA LYS B 40 18.87 -31.31 -41.39
C LYS B 40 18.12 -31.67 -40.12
N GLU B 41 18.41 -32.85 -39.59
CA GLU B 41 17.82 -33.30 -38.35
C GLU B 41 18.24 -32.42 -37.18
N GLU B 42 19.51 -32.02 -37.17
CA GLU B 42 20.03 -31.13 -36.15
C GLU B 42 19.38 -29.76 -36.21
N LYS B 43 19.15 -29.28 -37.42
CA LYS B 43 18.48 -28.01 -37.63
C LYS B 43 17.05 -28.04 -37.13
N GLU B 44 16.37 -29.15 -37.37
CA GLU B 44 15.02 -29.34 -36.89
C GLU B 44 14.94 -29.34 -35.37
N LYS B 45 15.92 -29.98 -34.74
CA LYS B 45 16.01 -30.00 -33.29
C LYS B 45 16.25 -28.63 -32.71
N MET B 46 17.08 -27.85 -33.39
CA MET B 46 17.36 -26.48 -32.99
C MET B 46 16.12 -25.61 -33.08
N GLN B 47 15.35 -25.81 -34.14
CA GLN B 47 14.11 -25.10 -34.32
C GLN B 47 13.09 -25.40 -33.23
N ALA B 48 13.03 -26.66 -32.84
CA ALA B 48 12.16 -27.09 -31.76
C ALA B 48 12.56 -26.46 -30.43
N GLN B 49 13.85 -26.38 -30.19
CA GLN B 49 14.38 -25.75 -29.01
C GLN B 49 14.05 -24.26 -28.96
N LYS B 50 14.14 -23.62 -30.11
CA LYS B 50 13.83 -22.20 -30.22
C LYS B 50 12.32 -21.99 -30.09
N GLU B 51 11.56 -22.95 -30.62
CA GLU B 51 10.10 -22.89 -30.52
C GLU B 51 9.66 -22.99 -29.07
N GLU B 52 10.28 -23.90 -28.33
CA GLU B 52 9.98 -24.06 -26.92
C GLU B 52 10.30 -22.78 -26.15
N VAL B 53 11.41 -22.14 -26.52
CA VAL B 53 11.82 -20.90 -25.90
C VAL B 53 10.77 -19.82 -26.16
N LEU B 54 10.30 -19.75 -27.41
CA LEU B 54 9.28 -18.80 -27.79
C LEU B 54 8.01 -19.03 -26.98
N SER B 55 7.68 -20.31 -26.77
CA SER B 55 6.51 -20.67 -25.98
C SER B 55 6.67 -20.17 -24.55
N HIS B 56 7.84 -20.42 -23.96
CA HIS B 56 8.13 -19.96 -22.61
C HIS B 56 7.97 -18.45 -22.53
N MET B 57 8.42 -17.76 -23.58
CA MET B 57 8.31 -16.30 -23.63
C MET B 57 6.85 -15.88 -23.83
N ASN B 58 6.06 -16.55 -24.64
CA ASN B 58 4.69 -16.04 -24.79
C ASN B 58 3.87 -16.36 -23.53
N ASP B 59 4.48 -17.14 -22.63
CA ASP B 59 3.85 -17.48 -21.34
C ASP B 59 3.55 -16.31 -20.35
N VAL B 60 4.54 -15.45 -20.14
CA VAL B 60 4.43 -14.34 -19.18
C VAL B 60 3.74 -13.16 -19.83
N LEU B 61 3.86 -13.13 -21.14
CA LEU B 61 3.36 -12.04 -21.96
C LEU B 61 1.83 -11.95 -21.85
N GLU B 62 1.16 -12.99 -22.36
CA GLU B 62 -0.30 -13.04 -22.63
C GLU B 62 -1.33 -13.16 -21.51
N ASN B 63 -1.08 -14.00 -20.52
CA ASN B 63 -2.06 -14.15 -19.44
C ASN B 63 -1.52 -13.42 -18.21
N GLU B 64 -0.20 -13.26 -18.10
CA GLU B 64 0.41 -12.81 -16.86
C GLU B 64 0.43 -11.28 -16.72
N LEU B 65 1.60 -10.69 -16.88
CA LEU B 65 1.79 -9.26 -16.66
C LEU B 65 0.78 -8.41 -17.40
N GLN B 66 -0.49 -8.82 -17.41
CA GLN B 66 -1.51 -7.97 -18.03
C GLN B 66 -2.51 -7.49 -16.97
N CYS B 67 -2.79 -6.20 -17.00
CA CYS B 67 -3.89 -5.61 -16.28
C CYS B 67 -5.22 -6.19 -16.74
N ILE B 68 -6.01 -6.67 -15.77
CA ILE B 68 -7.30 -7.28 -16.11
C ILE B 68 -8.31 -6.27 -16.68
N ILE B 69 -8.13 -4.99 -16.39
CA ILE B 69 -9.09 -3.98 -16.87
C ILE B 69 -8.88 -3.67 -18.35
N CYS B 70 -7.63 -3.45 -18.76
CA CYS B 70 -7.34 -3.01 -20.13
C CYS B 70 -6.73 -4.10 -21.00
N SER B 71 -6.29 -5.20 -20.38
CA SER B 71 -5.63 -6.31 -21.10
C SER B 71 -4.26 -5.96 -21.71
N GLU B 72 -3.68 -4.83 -21.31
CA GLU B 72 -2.34 -4.47 -21.75
C GLU B 72 -1.36 -4.87 -20.66
N TYR B 73 -0.08 -5.02 -21.00
CA TYR B 73 0.93 -5.16 -19.94
C TYR B 73 0.84 -3.94 -19.03
N PHE B 74 0.97 -4.15 -17.72
CA PHE B 74 0.78 -3.07 -16.75
C PHE B 74 1.60 -1.85 -17.13
N ILE B 75 0.95 -0.69 -17.11
CA ILE B 75 1.62 0.61 -17.29
C ILE B 75 1.53 1.31 -15.93
N GLU B 76 2.69 1.55 -15.31
CA GLU B 76 2.76 2.05 -13.92
C GLU B 76 1.95 1.20 -12.96
N ALA B 77 2.40 -0.03 -12.79
CA ALA B 77 1.75 -1.01 -11.97
C ALA B 77 1.56 -0.50 -10.53
N VAL B 78 0.37 -0.69 -9.99
CA VAL B 78 0.08 -0.39 -8.59
C VAL B 78 -0.54 -1.61 -7.97
N THR B 79 -0.21 -1.83 -6.70
CA THR B 79 -0.70 -2.98 -5.95
C THR B 79 -1.56 -2.49 -4.80
N LEU B 80 -2.75 -3.06 -4.70
CA LEU B 80 -3.70 -2.72 -3.65
C LEU B 80 -3.40 -3.50 -2.38
N ASN B 81 -4.05 -3.10 -1.29
CA ASN B 81 -3.92 -3.78 0.00
C ASN B 81 -4.31 -5.26 -0.09
N CYS B 82 -5.18 -5.59 -1.04
CA CYS B 82 -5.67 -6.98 -1.21
C CYS B 82 -4.72 -7.83 -2.08
N ALA B 83 -3.61 -7.22 -2.50
CA ALA B 83 -2.51 -7.90 -3.18
C ALA B 83 -2.71 -8.01 -4.67
N HIS B 84 -3.81 -7.43 -5.18
CA HIS B 84 -4.04 -7.38 -6.62
C HIS B 84 -3.42 -6.13 -7.24
N SER B 85 -2.99 -6.24 -8.48
CA SER B 85 -2.33 -5.13 -9.19
C SER B 85 -3.11 -4.69 -10.45
N PHE B 86 -2.98 -3.41 -10.78
CA PHE B 86 -3.63 -2.81 -11.93
C PHE B 86 -2.73 -1.71 -12.45
N CYS B 87 -2.97 -1.27 -13.67
CA CYS B 87 -2.35 -0.03 -14.17
C CYS B 87 -2.80 1.11 -13.28
N SER B 88 -1.94 2.10 -13.11
CA SER B 88 -2.29 3.25 -12.30
C SER B 88 -3.49 3.94 -12.94
N TYR B 89 -3.46 4.11 -14.25
CA TYR B 89 -4.55 4.79 -14.94
C TYR B 89 -5.87 4.08 -14.76
N CYS B 90 -5.84 2.77 -14.94
CA CYS B 90 -7.05 1.96 -14.90
C CYS B 90 -7.71 1.94 -13.54
N ILE B 91 -6.91 1.71 -12.49
CA ILE B 91 -7.48 1.73 -11.16
C ILE B 91 -7.92 3.14 -10.77
N ASN B 92 -7.20 4.18 -11.20
CA ASN B 92 -7.60 5.54 -10.87
C ASN B 92 -8.96 5.89 -11.51
N GLU B 93 -9.20 5.42 -12.74
CA GLU B 93 -10.51 5.58 -13.41
C GLU B 93 -11.60 4.78 -12.69
N TRP B 94 -11.31 3.51 -12.38
CA TRP B 94 -12.25 2.65 -11.65
C TRP B 94 -12.72 3.32 -10.34
N MET B 95 -11.77 3.90 -9.59
CA MET B 95 -12.04 4.48 -8.28
C MET B 95 -12.86 5.77 -8.32
N LYS B 96 -13.06 6.32 -9.52
CA LYS B 96 -14.02 7.42 -9.70
C LYS B 96 -15.46 6.92 -9.56
N ARG B 97 -15.67 5.61 -9.63
CA ARG B 97 -16.99 5.01 -9.46
C ARG B 97 -17.12 4.06 -8.28
N LYS B 98 -16.08 3.28 -8.00
CA LYS B 98 -16.14 2.31 -6.90
C LYS B 98 -14.81 2.27 -6.13
N ILE B 99 -14.87 2.31 -4.80
CA ILE B 99 -13.65 2.23 -4.00
C ILE B 99 -13.48 0.78 -3.53
N GLU B 100 -13.43 -0.13 -4.51
CA GLU B 100 -13.29 -1.54 -4.25
C GLU B 100 -12.48 -2.21 -5.35
N CYS B 101 -11.78 -3.26 -4.98
CA CYS B 101 -10.99 -3.98 -5.96
C CYS B 101 -11.87 -4.57 -7.05
N PRO B 102 -11.53 -4.30 -8.32
CA PRO B 102 -12.25 -4.89 -9.43
C PRO B 102 -12.23 -6.42 -9.40
N ILE B 103 -11.17 -7.01 -8.85
CA ILE B 103 -11.06 -8.47 -8.80
C ILE B 103 -11.77 -9.08 -7.61
N CYS B 104 -11.41 -8.69 -6.39
CA CYS B 104 -11.99 -9.33 -5.21
C CYS B 104 -13.06 -8.51 -4.49
N ARG B 105 -13.27 -7.27 -4.91
CA ARG B 105 -14.30 -6.40 -4.37
C ARG B 105 -14.11 -6.00 -2.91
N LYS B 106 -12.93 -6.27 -2.36
CA LYS B 106 -12.56 -5.73 -1.07
C LYS B 106 -12.38 -4.21 -1.14
N ASP B 107 -12.78 -3.52 -0.07
CA ASP B 107 -12.56 -2.09 0.08
C ASP B 107 -11.08 -1.73 -0.13
N ILE B 108 -10.80 -0.70 -0.95
CA ILE B 108 -9.42 -0.29 -1.17
C ILE B 108 -8.93 0.61 -0.04
N LYS B 109 -7.89 0.13 0.64
CA LYS B 109 -7.29 0.80 1.76
C LYS B 109 -5.94 1.41 1.45
N SER B 110 -5.23 0.92 0.43
CA SER B 110 -3.93 1.44 0.07
C SER B 110 -3.64 1.11 -1.40
N LYS B 111 -2.79 1.92 -2.03
CA LYS B 111 -2.42 1.76 -3.44
C LYS B 111 -0.94 2.09 -3.50
N THR B 112 -0.15 1.11 -3.96
CA THR B 112 1.28 1.23 -3.89
C THR B 112 1.93 0.96 -5.24
N TYR B 113 2.75 1.89 -5.70
CA TYR B 113 3.48 1.68 -6.97
C TYR B 113 4.48 0.52 -6.81
N SER B 114 4.68 -0.26 -7.87
CA SER B 114 5.58 -1.38 -7.79
C SER B 114 6.69 -1.27 -8.83
N LEU B 115 7.88 -0.89 -8.36
CA LEU B 115 9.04 -0.74 -9.24
C LEU B 115 9.45 -2.03 -9.88
N VAL B 116 9.39 -3.14 -9.13
CA VAL B 116 9.83 -4.45 -9.67
C VAL B 116 8.94 -4.87 -10.86
N LEU B 117 7.63 -4.73 -10.73
CA LEU B 117 6.73 -5.04 -11.83
C LEU B 117 7.02 -4.18 -13.08
N ASP B 118 7.17 -2.88 -12.87
CA ASP B 118 7.44 -1.95 -13.95
C ASP B 118 8.77 -2.27 -14.64
N ASN B 119 9.83 -2.46 -13.87
CA ASN B 119 11.15 -2.77 -14.46
C ASN B 119 11.17 -4.10 -15.21
N CYS B 120 10.50 -5.11 -14.66
CA CYS B 120 10.41 -6.42 -15.34
C CYS B 120 9.67 -6.32 -16.66
N ILE B 121 8.53 -5.63 -16.66
CA ILE B 121 7.79 -5.40 -17.89
C ILE B 121 8.63 -4.63 -18.91
N ASN B 122 9.19 -3.50 -18.49
CA ASN B 122 10.01 -2.68 -19.39
C ASN B 122 11.18 -3.44 -20.01
N LYS B 123 11.88 -4.21 -19.18
CA LYS B 123 13.00 -5.01 -19.66
C LYS B 123 12.66 -6.13 -20.63
N MET B 124 11.51 -6.78 -20.43
CA MET B 124 11.09 -7.88 -21.28
C MET B 124 10.51 -7.37 -22.60
N VAL B 125 9.69 -6.33 -22.49
CA VAL B 125 9.08 -5.74 -23.68
C VAL B 125 10.14 -5.19 -24.63
N ASN B 126 11.26 -4.72 -24.08
CA ASN B 126 12.34 -4.18 -24.89
C ASN B 126 12.91 -5.22 -25.88
N ASN B 127 12.63 -6.50 -25.66
CA ASN B 127 13.12 -7.57 -26.56
C ASN B 127 12.15 -8.02 -27.64
N LEU B 128 10.94 -7.47 -27.61
CA LEU B 128 9.87 -7.90 -28.53
C LEU B 128 9.86 -7.01 -29.77
N SER B 129 8.89 -7.21 -30.64
CA SER B 129 8.89 -6.54 -31.95
C SER B 129 8.72 -5.04 -31.79
N SER B 130 9.09 -4.31 -32.85
CA SER B 130 8.89 -2.86 -32.91
C SER B 130 7.43 -2.52 -32.73
N GLU B 131 6.55 -3.31 -33.34
CA GLU B 131 5.11 -3.11 -33.24
C GLU B 131 4.63 -3.14 -31.78
N VAL B 132 5.12 -4.10 -31.00
CA VAL B 132 4.73 -4.25 -29.59
C VAL B 132 5.27 -3.10 -28.73
N LYS B 133 6.54 -2.76 -28.97
CA LYS B 133 7.21 -1.70 -28.23
C LYS B 133 6.53 -0.37 -28.49
N GLU B 134 6.25 -0.10 -29.75
CA GLU B 134 5.58 1.13 -30.16
C GLU B 134 4.16 1.30 -29.61
N ARG B 135 3.36 0.24 -29.62
CA ARG B 135 2.03 0.26 -29.00
C ARG B 135 2.10 0.71 -27.54
N ARG B 136 3.01 0.11 -26.78
CA ARG B 136 3.20 0.50 -25.41
C ARG B 136 3.56 1.98 -25.29
N ILE B 137 4.50 2.46 -26.09
CA ILE B 137 4.86 3.87 -26.05
C ILE B 137 3.64 4.77 -26.37
N VAL B 138 2.83 4.37 -27.34
CA VAL B 138 1.63 5.14 -27.67
C VAL B 138 0.67 5.16 -26.50
N LEU B 139 0.45 4.00 -25.89
CA LEU B 139 -0.50 3.90 -24.78
C LEU B 139 -0.07 4.73 -23.61
N ILE B 140 1.23 4.79 -23.37
CA ILE B 140 1.75 5.59 -22.25
C ILE B 140 1.49 7.06 -22.53
N ARG B 141 1.74 7.46 -23.78
CA ARG B 141 1.51 8.85 -24.21
C ARG B 141 0.04 9.21 -24.13
N GLU B 142 -0.83 8.32 -24.59
CA GLU B 142 -2.27 8.55 -24.54
C GLU B 142 -2.73 8.73 -23.10
N ARG B 143 -2.32 7.81 -22.24
CA ARG B 143 -2.68 7.88 -20.83
C ARG B 143 -2.13 9.16 -20.20
N LYS B 144 -0.96 9.57 -20.66
CA LYS B 144 -0.33 10.79 -20.16
C LYS B 144 -1.17 12.01 -20.54
N PRO C 6 38.66 -52.40 -84.40
CA PRO C 6 37.38 -51.73 -84.16
C PRO C 6 36.96 -51.80 -82.70
N GLU C 7 37.22 -52.94 -82.06
CA GLU C 7 37.01 -53.10 -80.64
C GLU C 7 38.01 -52.23 -79.89
N PHE C 8 39.03 -51.81 -80.61
CA PHE C 8 40.00 -50.83 -80.15
C PHE C 8 39.31 -49.51 -79.81
N GLN C 9 38.80 -48.87 -80.86
CA GLN C 9 38.11 -47.59 -80.74
C GLN C 9 36.88 -47.72 -79.87
N GLU C 10 36.31 -48.92 -79.84
CA GLU C 10 35.18 -49.20 -78.95
C GLU C 10 35.63 -49.10 -77.50
N HIS C 11 36.74 -49.74 -77.15
CA HIS C 11 37.19 -49.71 -75.78
C HIS C 11 37.58 -48.31 -75.35
N TRP C 12 38.24 -47.60 -76.23
CA TRP C 12 38.64 -46.23 -75.97
C TRP C 12 37.43 -45.32 -75.79
N ALA C 13 36.42 -45.53 -76.61
CA ALA C 13 35.17 -44.78 -76.51
C ALA C 13 34.46 -45.05 -75.20
N LEU C 14 34.47 -46.29 -74.77
CA LEU C 14 33.90 -46.68 -73.49
C LEU C 14 34.62 -46.03 -72.32
N MET C 15 35.93 -45.97 -72.42
CA MET C 15 36.75 -45.33 -71.41
C MET C 15 36.45 -43.84 -71.30
N GLU C 16 36.27 -43.21 -72.44
CA GLU C 16 35.93 -41.80 -72.49
C GLU C 16 34.58 -41.52 -71.84
N GLU C 17 33.62 -42.41 -72.10
CA GLU C 17 32.31 -42.31 -71.49
C GLU C 17 32.36 -42.47 -69.98
N LEU C 18 33.19 -43.38 -69.52
CA LEU C 18 33.40 -43.60 -68.10
C LEU C 18 34.00 -42.39 -67.43
N ASN C 19 34.95 -41.76 -68.11
CA ASN C 19 35.59 -40.55 -67.61
C ASN C 19 34.60 -39.41 -67.47
N ARG C 20 33.71 -39.29 -68.45
CA ARG C 20 32.66 -38.28 -68.42
C ARG C 20 31.70 -38.50 -67.26
N SER C 21 31.37 -39.76 -67.01
CA SER C 21 30.52 -40.12 -65.90
C SER C 21 31.15 -39.79 -64.56
N LYS C 22 32.45 -40.03 -64.47
CA LYS C 22 33.20 -39.72 -63.27
C LYS C 22 33.23 -38.22 -63.00
N LYS C 23 33.38 -37.45 -64.06
CA LYS C 23 33.36 -36.00 -63.95
C LYS C 23 32.02 -35.49 -63.47
N ASP C 24 30.95 -36.08 -63.97
CA ASP C 24 29.61 -35.74 -63.55
C ASP C 24 29.37 -36.07 -62.08
N PHE C 25 29.90 -37.19 -61.64
CA PHE C 25 29.81 -37.60 -60.26
C PHE C 25 30.54 -36.64 -59.34
N GLU C 26 31.70 -36.19 -59.79
CA GLU C 26 32.49 -35.22 -59.04
C GLU C 26 31.77 -33.90 -58.89
N ALA C 27 31.11 -33.47 -59.96
CA ALA C 27 30.31 -32.26 -59.93
C ALA C 27 29.14 -32.36 -58.96
N ILE C 28 28.51 -33.52 -58.93
CA ILE C 28 27.42 -33.78 -58.01
C ILE C 28 27.89 -33.76 -56.57
N ILE C 29 29.07 -34.31 -56.33
CA ILE C 29 29.65 -34.30 -55.00
C ILE C 29 29.97 -32.90 -54.52
N GLN C 30 30.46 -32.07 -55.42
CA GLN C 30 30.73 -30.68 -55.13
C GLN C 30 29.47 -29.91 -54.77
N ALA C 31 28.40 -30.19 -55.49
CA ALA C 31 27.11 -29.58 -55.21
C ALA C 31 26.56 -29.99 -53.86
N LYS C 32 26.76 -31.25 -53.51
CA LYS C 32 26.35 -31.76 -52.22
C LYS C 32 27.12 -31.11 -51.09
N ASN C 33 28.40 -30.90 -51.31
CA ASN C 33 29.24 -30.23 -50.33
C ASN C 33 28.82 -28.80 -50.09
N LYS C 34 28.45 -28.11 -51.17
CA LYS C 34 27.94 -26.76 -51.08
C LYS C 34 26.64 -26.68 -50.31
N GLU C 35 25.77 -27.65 -50.53
CA GLU C 35 24.51 -27.75 -49.82
C GLU C 35 24.72 -27.98 -48.33
N LEU C 36 25.70 -28.81 -48.02
CA LEU C 36 26.05 -29.10 -46.63
C LEU C 36 26.57 -27.86 -45.92
N GLU C 37 27.37 -27.09 -46.63
CA GLU C 37 27.89 -25.83 -46.10
C GLU C 37 26.79 -24.83 -45.81
N GLN C 38 25.81 -24.77 -46.71
CA GLN C 38 24.67 -23.90 -46.54
C GLN C 38 23.83 -24.31 -45.33
N THR C 39 23.67 -25.61 -45.15
CA THR C 39 22.97 -26.15 -44.00
C THR C 39 23.65 -25.81 -42.70
N LYS C 40 24.97 -25.90 -42.71
CA LYS C 40 25.76 -25.56 -41.54
C LYS C 40 25.62 -24.08 -41.17
N GLU C 41 25.60 -23.23 -42.18
CA GLU C 41 25.40 -21.80 -41.97
C GLU C 41 24.03 -21.50 -41.38
N GLU C 42 23.02 -22.21 -41.86
CA GLU C 42 21.67 -22.09 -41.35
C GLU C 42 21.57 -22.51 -39.89
N LYS C 43 22.27 -23.58 -39.56
CA LYS C 43 22.32 -24.08 -38.20
C LYS C 43 22.97 -23.08 -37.26
N GLU C 44 24.03 -22.45 -37.73
CA GLU C 44 24.72 -21.43 -36.97
C GLU C 44 23.83 -20.22 -36.69
N LYS C 45 23.05 -19.83 -37.71
CA LYS C 45 22.11 -18.74 -37.57
C LYS C 45 21.01 -19.07 -36.56
N MET C 46 20.56 -20.30 -36.58
CA MET C 46 19.55 -20.77 -35.65
C MET C 46 20.08 -20.76 -34.21
N GLN C 47 21.32 -21.14 -34.04
CA GLN C 47 21.96 -21.13 -32.75
C GLN C 47 22.09 -19.71 -32.20
N ALA C 48 22.42 -18.77 -33.07
CA ALA C 48 22.51 -17.37 -32.70
C ALA C 48 21.16 -16.81 -32.26
N GLN C 49 20.11 -17.21 -32.97
CA GLN C 49 18.76 -16.82 -32.64
C GLN C 49 18.33 -17.36 -31.28
N LYS C 50 18.71 -18.60 -31.01
CA LYS C 50 18.37 -19.25 -29.75
C LYS C 50 19.32 -18.83 -28.65
N GLU C 51 20.56 -18.54 -29.01
CA GLU C 51 21.58 -18.14 -28.04
C GLU C 51 21.18 -16.83 -27.37
N GLU C 52 20.65 -15.91 -28.15
CA GLU C 52 20.20 -14.62 -27.62
C GLU C 52 19.07 -14.83 -26.62
N VAL C 53 18.15 -15.75 -26.96
CA VAL C 53 17.04 -16.07 -26.08
C VAL C 53 17.56 -16.67 -24.77
N LEU C 54 18.56 -17.52 -24.87
CA LEU C 54 19.18 -18.12 -23.69
C LEU C 54 19.80 -17.05 -22.82
N SER C 55 20.46 -16.08 -23.45
CA SER C 55 21.09 -14.98 -22.73
C SER C 55 20.04 -14.14 -22.02
N HIS C 56 18.91 -13.90 -22.70
CA HIS C 56 17.83 -13.12 -22.12
C HIS C 56 17.20 -13.86 -20.94
N MET C 57 17.00 -15.17 -21.11
CA MET C 57 16.42 -15.99 -20.05
C MET C 57 17.29 -15.95 -18.81
N ASN C 58 18.60 -16.12 -19.00
CA ASN C 58 19.55 -16.09 -17.87
C ASN C 58 20.08 -14.68 -17.45
N ASP C 59 19.48 -13.62 -18.01
CA ASP C 59 19.52 -12.26 -17.41
C ASP C 59 18.09 -11.81 -17.06
N VAL C 60 17.11 -12.62 -17.44
CA VAL C 60 15.75 -12.44 -16.96
C VAL C 60 15.71 -12.91 -15.51
N LEU C 61 15.89 -14.20 -15.28
CA LEU C 61 15.46 -14.72 -13.99
C LEU C 61 16.52 -14.81 -12.93
N GLU C 62 17.03 -13.65 -12.47
CA GLU C 62 18.22 -13.55 -11.60
C GLU C 62 18.58 -12.10 -11.19
N ASN C 63 18.34 -11.12 -12.07
CA ASN C 63 18.81 -9.71 -11.87
C ASN C 63 17.72 -8.76 -11.34
N GLU C 64 16.46 -9.17 -11.39
CA GLU C 64 15.38 -8.25 -11.05
C GLU C 64 14.38 -8.87 -10.09
N LEU C 65 14.45 -10.19 -9.94
CA LEU C 65 13.53 -10.89 -9.06
C LEU C 65 14.25 -11.44 -7.84
N GLN C 66 15.35 -10.83 -7.44
CA GLN C 66 16.06 -11.33 -6.25
C GLN C 66 15.98 -10.34 -5.09
N CYS C 67 15.58 -10.85 -3.94
CA CYS C 67 15.56 -10.07 -2.70
C CYS C 67 16.97 -9.63 -2.30
N ILE C 68 17.15 -8.34 -2.04
CA ILE C 68 18.46 -7.80 -1.66
C ILE C 68 18.90 -8.28 -0.29
N ILE C 69 17.97 -8.65 0.59
CA ILE C 69 18.34 -9.11 1.94
C ILE C 69 18.88 -10.53 1.92
N CYS C 70 18.22 -11.45 1.21
CA CYS C 70 18.58 -12.88 1.25
C CYS C 70 19.18 -13.45 -0.05
N SER C 71 19.18 -12.65 -1.12
CA SER C 71 19.69 -13.04 -2.42
C SER C 71 18.95 -14.23 -3.03
N GLU C 72 17.71 -14.48 -2.61
CA GLU C 72 16.88 -15.51 -3.24
C GLU C 72 15.82 -14.78 -4.09
N TYR C 73 15.25 -15.47 -5.07
CA TYR C 73 14.04 -14.95 -5.74
C TYR C 73 13.00 -14.69 -4.65
N PHE C 74 12.30 -13.54 -4.71
CA PHE C 74 11.35 -13.18 -3.65
C PHE C 74 10.43 -14.32 -3.26
N ILE C 75 10.27 -14.53 -1.96
CA ILE C 75 9.33 -15.53 -1.43
C ILE C 75 8.28 -14.76 -0.68
N GLU C 76 7.03 -14.84 -1.13
CA GLU C 76 5.94 -14.04 -0.55
C GLU C 76 6.27 -12.55 -0.65
N ALA C 77 6.33 -12.06 -1.88
CA ALA C 77 6.78 -10.73 -2.13
C ALA C 77 5.86 -9.71 -1.42
N VAL C 78 6.51 -8.73 -0.80
CA VAL C 78 5.82 -7.59 -0.21
C VAL C 78 6.41 -6.32 -0.79
N THR C 79 5.54 -5.38 -1.12
CA THR C 79 5.96 -4.10 -1.70
C THR C 79 5.66 -3.00 -0.68
N LEU C 80 6.65 -2.17 -0.42
CA LEU C 80 6.54 -1.07 0.55
C LEU C 80 6.03 0.21 -0.10
N ASN C 81 5.67 1.19 0.71
CA ASN C 81 5.19 2.47 0.22
C ASN C 81 6.14 3.15 -0.74
N CYS C 82 7.43 2.91 -0.56
CA CYS C 82 8.48 3.49 -1.41
C CYS C 82 8.68 2.74 -2.75
N ALA C 83 7.86 1.72 -2.97
CA ALA C 83 7.80 0.94 -4.21
C ALA C 83 8.82 -0.18 -4.32
N HIS C 84 9.64 -0.39 -3.29
CA HIS C 84 10.62 -1.48 -3.30
C HIS C 84 9.99 -2.74 -2.76
N SER C 85 10.43 -3.87 -3.26
CA SER C 85 9.89 -5.15 -2.81
C SER C 85 10.95 -6.03 -2.11
N PHE C 86 10.47 -6.90 -1.22
CA PHE C 86 11.31 -7.79 -0.40
C PHE C 86 10.50 -9.06 -0.11
N CYS C 87 11.16 -10.14 0.28
CA CYS C 87 10.43 -11.27 0.82
C CYS C 87 9.72 -10.79 2.08
N SER C 88 8.54 -11.35 2.35
CA SER C 88 7.83 -11.06 3.58
C SER C 88 8.68 -11.38 4.81
N TYR C 89 9.29 -12.55 4.82
CA TYR C 89 10.13 -12.97 5.94
C TYR C 89 11.26 -11.99 6.17
N CYS C 90 11.95 -11.66 5.09
CA CYS C 90 13.12 -10.78 5.18
C CYS C 90 12.78 -9.41 5.72
N ILE C 91 11.74 -8.78 5.16
CA ILE C 91 11.41 -7.43 5.57
C ILE C 91 10.89 -7.38 7.01
N ASN C 92 10.17 -8.41 7.45
CA ASN C 92 9.74 -8.47 8.85
C ASN C 92 10.90 -8.56 9.85
N GLU C 93 11.86 -9.41 9.56
CA GLU C 93 13.05 -9.46 10.39
C GLU C 93 13.78 -8.12 10.40
N TRP C 94 13.88 -7.48 9.24
CA TRP C 94 14.52 -6.17 9.14
C TRP C 94 13.79 -5.16 10.01
N MET C 95 12.47 -5.13 9.87
CA MET C 95 11.61 -4.20 10.60
C MET C 95 11.60 -4.36 12.11
N LYS C 96 11.99 -5.52 12.61
CA LYS C 96 12.14 -5.63 14.06
C LYS C 96 13.28 -4.74 14.56
N ARG C 97 14.24 -4.44 13.67
CA ARG C 97 15.44 -3.66 14.03
C ARG C 97 15.44 -2.24 13.51
N LYS C 98 14.85 -2.01 12.33
CA LYS C 98 14.90 -0.72 11.67
C LYS C 98 13.59 -0.52 10.94
N ILE C 99 13.07 0.70 10.90
CA ILE C 99 11.82 0.94 10.15
C ILE C 99 12.09 1.84 8.93
N GLU C 100 13.23 1.61 8.29
CA GLU C 100 13.62 2.29 7.06
C GLU C 100 13.81 1.28 5.94
N CYS C 101 13.30 1.56 4.74
CA CYS C 101 13.52 0.65 3.61
C CYS C 101 15.00 0.29 3.51
N PRO C 102 15.32 -1.00 3.42
CA PRO C 102 16.74 -1.34 3.23
C PRO C 102 17.38 -0.60 2.05
N ILE C 103 16.65 -0.46 0.94
CA ILE C 103 17.23 0.06 -0.31
C ILE C 103 17.31 1.59 -0.33
N CYS C 104 16.18 2.28 -0.09
CA CYS C 104 16.16 3.74 -0.17
C CYS C 104 16.19 4.47 1.18
N ARG C 105 16.06 3.69 2.25
CA ARG C 105 16.06 4.19 3.63
C ARG C 105 14.92 5.14 4.00
N LYS C 106 13.87 5.23 3.17
CA LYS C 106 12.68 5.99 3.56
C LYS C 106 11.94 5.25 4.67
N ASP C 107 11.39 5.99 5.63
CA ASP C 107 10.65 5.36 6.72
C ASP C 107 9.53 4.52 6.14
N ILE C 108 9.41 3.29 6.61
CA ILE C 108 8.39 2.37 6.12
C ILE C 108 7.04 2.76 6.70
N LYS C 109 6.06 2.98 5.83
CA LYS C 109 4.73 3.38 6.23
C LYS C 109 3.69 2.35 5.82
N SER C 110 3.95 1.55 4.78
CA SER C 110 3.03 0.49 4.42
C SER C 110 3.69 -0.72 3.78
N LYS C 111 3.03 -1.87 3.94
CA LYS C 111 3.39 -3.12 3.29
C LYS C 111 2.18 -3.66 2.59
N THR C 112 2.37 -4.23 1.41
CA THR C 112 1.33 -5.04 0.82
C THR C 112 1.94 -6.23 0.11
N TYR C 113 1.27 -7.38 0.23
CA TYR C 113 1.63 -8.57 -0.54
C TYR C 113 1.30 -8.33 -2.02
N SER C 114 1.87 -9.14 -2.88
CA SER C 114 1.70 -8.95 -4.32
C SER C 114 1.55 -10.31 -4.98
N LEU C 115 0.30 -10.67 -5.29
CA LEU C 115 -0.02 -11.89 -6.00
C LEU C 115 0.65 -11.97 -7.37
N VAL C 116 0.70 -10.83 -8.06
CA VAL C 116 1.26 -10.79 -9.43
C VAL C 116 2.74 -11.13 -9.38
N LEU C 117 3.47 -10.53 -8.42
CA LEU C 117 4.91 -10.81 -8.30
C LEU C 117 5.14 -12.27 -7.94
N ASP C 118 4.38 -12.81 -7.00
CA ASP C 118 4.53 -14.23 -6.66
C ASP C 118 4.23 -15.14 -7.84
N ASN C 119 3.15 -14.86 -8.57
CA ASN C 119 2.77 -15.67 -9.72
C ASN C 119 3.75 -15.57 -10.89
N CYS C 120 4.27 -14.36 -11.13
CA CYS C 120 5.29 -14.15 -12.15
C CYS C 120 6.51 -14.96 -11.78
N ILE C 121 6.99 -14.82 -10.55
CA ILE C 121 8.18 -15.55 -10.10
C ILE C 121 8.01 -17.08 -10.21
N ASN C 122 6.87 -17.61 -9.76
CA ASN C 122 6.64 -19.05 -9.92
C ASN C 122 6.73 -19.51 -11.37
N LYS C 123 6.19 -18.72 -12.28
CA LYS C 123 6.24 -19.07 -13.69
C LYS C 123 7.68 -19.04 -14.20
N MET C 124 8.42 -18.00 -13.84
CA MET C 124 9.82 -17.86 -14.26
C MET C 124 10.68 -18.99 -13.70
N VAL C 125 10.60 -19.19 -12.39
CA VAL C 125 11.39 -20.23 -11.73
C VAL C 125 11.09 -21.62 -12.30
N ASN C 126 9.85 -21.82 -12.73
CA ASN C 126 9.41 -23.09 -13.34
C ASN C 126 10.22 -23.48 -14.58
N ASN C 127 10.82 -22.48 -15.23
CA ASN C 127 11.70 -22.71 -16.36
C ASN C 127 13.18 -22.84 -16.02
N LEU C 128 13.51 -22.95 -14.73
CA LEU C 128 14.90 -23.06 -14.31
C LEU C 128 15.19 -24.50 -13.90
N SER C 129 16.42 -24.77 -13.49
CA SER C 129 16.86 -26.14 -13.17
C SER C 129 16.13 -26.65 -11.94
N SER C 130 15.99 -27.97 -11.83
CA SER C 130 15.25 -28.56 -10.71
C SER C 130 15.95 -28.31 -9.36
N GLU C 131 17.24 -28.01 -9.40
CA GLU C 131 17.98 -27.56 -8.23
C GLU C 131 17.45 -26.23 -7.71
N VAL C 132 17.28 -25.28 -8.63
CA VAL C 132 16.75 -23.95 -8.29
C VAL C 132 15.31 -24.09 -7.80
N LYS C 133 14.52 -24.91 -8.51
CA LYS C 133 13.12 -25.12 -8.15
C LYS C 133 12.97 -25.76 -6.78
N GLU C 134 13.82 -26.74 -6.46
CA GLU C 134 13.72 -27.45 -5.18
C GLU C 134 14.21 -26.59 -4.00
N ARG C 135 15.27 -25.82 -4.23
CA ARG C 135 15.74 -24.83 -3.26
C ARG C 135 14.62 -23.85 -2.83
N ARG C 136 13.93 -23.30 -3.83
CA ARG C 136 12.79 -22.43 -3.59
C ARG C 136 11.69 -23.12 -2.77
N ILE C 137 11.41 -24.38 -3.07
CA ILE C 137 10.40 -25.15 -2.33
C ILE C 137 10.81 -25.28 -0.87
N VAL C 138 12.09 -25.58 -0.64
CA VAL C 138 12.63 -25.74 0.71
C VAL C 138 12.52 -24.46 1.53
N LEU C 139 12.88 -23.33 0.94
CA LEU C 139 12.80 -22.04 1.65
C LEU C 139 11.36 -21.69 1.99
N ILE C 140 10.47 -21.90 1.02
CA ILE C 140 9.03 -21.64 1.23
C ILE C 140 8.52 -22.38 2.46
N ARG C 141 8.84 -23.66 2.57
CA ARG C 141 8.38 -24.45 3.71
C ARG C 141 9.13 -24.06 4.99
N GLU C 142 10.45 -23.87 4.88
CA GLU C 142 11.28 -23.38 6.00
C GLU C 142 10.79 -22.08 6.61
N ARG C 143 10.33 -21.15 5.77
CA ARG C 143 9.85 -19.86 6.26
C ARG C 143 8.38 -19.89 6.65
N LYS C 144 7.73 -20.99 6.21
CA LYS C 144 6.39 -21.37 6.67
C LYS C 144 6.44 -21.99 8.06
N LEU D 12 25.38 -21.43 4.20
CA LEU D 12 25.13 -20.00 4.33
C LEU D 12 23.82 -19.60 3.66
N PRO D 13 23.20 -18.52 4.16
CA PRO D 13 22.05 -17.92 3.46
C PRO D 13 22.44 -17.55 2.04
N ARG D 14 21.47 -17.58 1.11
CA ARG D 14 21.76 -17.32 -0.29
C ARG D 14 22.50 -16.00 -0.49
N ARG D 15 22.13 -14.99 0.27
CA ARG D 15 22.71 -13.66 0.12
C ARG D 15 24.21 -13.65 0.39
N ILE D 16 24.61 -14.31 1.45
CA ILE D 16 26.04 -14.40 1.79
C ILE D 16 26.78 -15.14 0.69
N ILE D 17 26.19 -16.22 0.17
CA ILE D 17 26.78 -16.95 -0.93
C ILE D 17 26.89 -16.04 -2.15
N LYS D 18 25.81 -15.30 -2.39
CA LYS D 18 25.71 -14.36 -3.50
C LYS D 18 26.82 -13.31 -3.46
N GLU D 19 26.95 -12.62 -2.31
CA GLU D 19 27.94 -11.56 -2.16
C GLU D 19 29.38 -12.10 -2.21
N THR D 20 29.61 -13.20 -1.49
CA THR D 20 30.92 -13.83 -1.44
C THR D 20 31.49 -14.13 -2.82
N GLN D 21 30.62 -14.61 -3.71
CA GLN D 21 31.04 -15.00 -5.05
C GLN D 21 31.03 -13.81 -6.00
N ARG D 22 30.30 -12.76 -5.62
CA ARG D 22 30.33 -11.54 -6.40
C ARG D 22 31.66 -10.84 -6.15
N LEU D 23 32.19 -10.98 -4.94
CA LEU D 23 33.49 -10.41 -4.59
C LEU D 23 34.61 -11.05 -5.38
N LEU D 24 34.54 -12.36 -5.54
CA LEU D 24 35.55 -13.09 -6.31
C LEU D 24 35.39 -12.85 -7.81
N ALA D 25 34.15 -12.77 -8.27
CA ALA D 25 33.87 -12.61 -9.70
C ALA D 25 33.94 -11.15 -10.13
N GLU D 26 33.38 -10.25 -9.32
CA GLU D 26 33.35 -8.83 -9.65
C GLU D 26 34.04 -7.99 -8.58
N PRO D 27 35.38 -7.98 -8.58
CA PRO D 27 36.16 -7.28 -7.56
C PRO D 27 36.00 -5.76 -7.62
N VAL D 28 35.86 -5.14 -6.45
CA VAL D 28 35.83 -3.69 -6.33
C VAL D 28 37.18 -3.10 -6.74
N PRO D 29 37.17 -2.05 -7.57
CA PRO D 29 38.42 -1.39 -7.96
C PRO D 29 39.24 -0.91 -6.75
N GLY D 30 40.52 -1.25 -6.73
CA GLY D 30 41.40 -0.81 -5.66
C GLY D 30 41.19 -1.55 -4.35
N ILE D 31 40.37 -2.59 -4.38
CA ILE D 31 40.07 -3.38 -3.19
C ILE D 31 40.11 -4.87 -3.48
N LYS D 32 40.92 -5.60 -2.73
CA LYS D 32 40.92 -7.06 -2.79
C LYS D 32 40.20 -7.62 -1.58
N ALA D 33 39.42 -8.68 -1.77
CA ALA D 33 38.69 -9.27 -0.66
C ALA D 33 38.62 -10.78 -0.82
N GLU D 34 39.34 -11.48 0.04
CA GLU D 34 39.44 -12.93 -0.05
C GLU D 34 38.88 -13.62 1.19
N PRO D 35 38.20 -14.76 1.00
CA PRO D 35 37.64 -15.50 2.13
C PRO D 35 38.73 -16.15 2.97
N ASP D 36 38.48 -16.21 4.27
CA ASP D 36 39.38 -16.91 5.17
C ASP D 36 39.34 -18.42 4.88
N GLU D 37 40.43 -19.11 5.19
CA GLU D 37 40.56 -20.52 4.84
C GLU D 37 39.81 -21.43 5.81
N SER D 38 39.24 -20.86 6.87
CA SER D 38 38.57 -21.66 7.89
C SER D 38 37.17 -21.15 8.22
N ASN D 39 36.92 -19.88 7.92
CA ASN D 39 35.67 -19.24 8.29
C ASN D 39 35.02 -18.57 7.09
N ALA D 40 33.90 -19.11 6.65
CA ALA D 40 33.23 -18.64 5.44
C ALA D 40 32.59 -17.26 5.61
N ARG D 41 32.55 -16.76 6.84
CA ARG D 41 31.99 -15.45 7.11
C ARG D 41 33.06 -14.42 7.37
N TYR D 42 34.31 -14.86 7.23
CA TYR D 42 35.49 -14.07 7.57
C TYR D 42 36.26 -13.73 6.30
N PHE D 43 36.52 -12.44 6.09
CA PHE D 43 37.20 -12.02 4.88
C PHE D 43 38.43 -11.17 5.16
N HIS D 44 39.48 -11.40 4.38
CA HIS D 44 40.69 -10.62 4.47
C HIS D 44 40.72 -9.65 3.32
N VAL D 45 40.68 -8.37 3.65
CA VAL D 45 40.54 -7.33 2.66
C VAL D 45 41.82 -6.52 2.58
N VAL D 46 42.19 -6.14 1.35
CA VAL D 46 43.27 -5.18 1.16
C VAL D 46 42.72 -3.99 0.39
N ILE D 47 42.81 -2.80 1.00
CA ILE D 47 42.39 -1.59 0.31
C ILE D 47 43.60 -0.78 -0.13
N ALA D 48 43.67 -0.48 -1.41
CA ALA D 48 44.67 0.42 -1.94
C ALA D 48 44.38 1.85 -1.48
N GLY D 49 45.42 2.58 -1.10
CA GLY D 49 45.24 3.98 -0.74
C GLY D 49 44.65 4.71 -1.93
N PRO D 50 43.60 5.51 -1.70
CA PRO D 50 42.91 6.19 -2.80
C PRO D 50 43.78 7.22 -3.50
N GLN D 51 43.56 7.39 -4.80
CA GLN D 51 44.33 8.35 -5.59
C GLN D 51 44.18 9.75 -5.01
N ASP D 52 45.29 10.50 -5.03
CA ASP D 52 45.34 11.88 -4.54
C ASP D 52 45.11 11.98 -3.03
N SER D 53 45.22 10.85 -2.32
CA SER D 53 45.15 10.85 -0.86
C SER D 53 46.56 10.71 -0.29
N PRO D 54 46.76 11.06 1.00
CA PRO D 54 48.09 10.83 1.58
C PRO D 54 48.39 9.35 1.79
N PHE D 55 47.39 8.50 1.52
CA PHE D 55 47.57 7.05 1.63
C PHE D 55 47.86 6.43 0.28
N GLU D 56 47.86 7.25 -0.76
CA GLU D 56 48.11 6.75 -2.11
C GLU D 56 49.45 6.04 -2.17
N GLY D 57 49.45 4.86 -2.78
CA GLY D 57 50.67 4.08 -2.90
C GLY D 57 50.76 3.02 -1.82
N GLY D 58 49.97 3.20 -0.77
CA GLY D 58 49.94 2.23 0.33
C GLY D 58 48.89 1.16 0.11
N THR D 59 49.04 0.05 0.83
CA THR D 59 48.02 -0.99 0.85
C THR D 59 47.65 -1.27 2.30
N PHE D 60 46.36 -1.37 2.58
CA PHE D 60 45.92 -1.45 3.96
C PHE D 60 45.10 -2.71 4.18
N LYS D 61 45.50 -3.50 5.16
CA LYS D 61 44.78 -4.71 5.49
C LYS D 61 43.55 -4.38 6.31
N LEU D 62 42.45 -5.01 5.95
CA LEU D 62 41.25 -4.92 6.75
C LEU D 62 40.71 -6.32 6.93
N GLU D 63 39.97 -6.53 8.01
CA GLU D 63 39.29 -7.79 8.16
C GLU D 63 37.80 -7.50 8.25
N LEU D 64 37.02 -8.40 7.67
CA LEU D 64 35.58 -8.24 7.65
C LEU D 64 34.93 -9.52 8.12
N PHE D 65 33.96 -9.39 9.00
CA PHE D 65 33.22 -10.54 9.51
C PHE D 65 31.73 -10.32 9.37
N LEU D 66 31.04 -11.34 8.87
CA LEU D 66 29.58 -11.31 8.75
C LEU D 66 28.96 -12.10 9.91
N PRO D 67 28.38 -11.37 10.88
CA PRO D 67 27.77 -11.97 12.08
C PRO D 67 26.62 -12.93 11.76
N GLU D 68 26.18 -13.70 12.74
CA GLU D 68 25.06 -14.63 12.56
C GLU D 68 23.84 -13.93 12.01
N GLU D 69 23.52 -12.78 12.59
CA GLU D 69 22.28 -12.08 12.27
C GLU D 69 22.40 -11.20 11.03
N TYR D 70 23.55 -11.25 10.36
CA TYR D 70 23.71 -10.57 9.08
C TYR D 70 22.68 -11.14 8.09
N PRO D 71 22.00 -10.26 7.33
CA PRO D 71 22.24 -8.82 7.20
C PRO D 71 21.44 -7.92 8.14
N MET D 72 20.72 -8.47 9.11
CA MET D 72 20.02 -7.63 10.09
C MET D 72 21.04 -6.83 10.89
N ALA D 73 22.12 -7.50 11.28
CA ALA D 73 23.24 -6.86 11.94
C ALA D 73 24.27 -6.44 10.91
N ALA D 74 24.98 -5.34 11.19
CA ALA D 74 25.98 -4.83 10.27
C ALA D 74 27.18 -5.77 10.22
N PRO D 75 27.93 -5.73 9.12
CA PRO D 75 29.19 -6.47 9.09
C PRO D 75 30.15 -5.85 10.09
N LYS D 76 31.09 -6.62 10.59
CA LYS D 76 32.14 -6.08 11.46
C LYS D 76 33.38 -5.86 10.62
N VAL D 77 33.98 -4.68 10.73
CA VAL D 77 35.16 -4.35 9.96
C VAL D 77 36.19 -3.63 10.83
N ARG D 78 37.46 -3.92 10.61
CA ARG D 78 38.54 -3.28 11.34
C ARG D 78 39.79 -3.24 10.49
N PHE D 79 40.55 -2.15 10.58
CA PHE D 79 41.86 -2.10 9.95
C PHE D 79 42.84 -2.96 10.73
N MET D 80 43.72 -3.64 10.00
CA MET D 80 44.77 -4.45 10.63
C MET D 80 46.13 -3.82 10.34
N THR D 81 46.12 -2.76 9.52
CA THR D 81 47.31 -1.99 9.23
C THR D 81 47.20 -0.66 9.94
N LYS D 82 48.24 -0.29 10.67
CA LYS D 82 48.28 0.99 11.38
C LYS D 82 48.12 2.14 10.38
N ILE D 83 47.23 3.08 10.70
CA ILE D 83 46.96 4.17 9.78
C ILE D 83 46.64 5.46 10.54
N TYR D 84 47.09 6.58 10.00
CA TYR D 84 46.89 7.88 10.62
C TYR D 84 45.67 8.52 9.98
N HIS D 85 44.54 8.43 10.67
CA HIS D 85 43.27 8.87 10.11
C HIS D 85 42.34 9.19 11.26
N PRO D 86 41.62 10.32 11.15
CA PRO D 86 40.72 10.80 12.21
C PRO D 86 39.64 9.80 12.60
N ASN D 87 39.28 8.91 11.68
CA ASN D 87 38.17 8.00 11.90
C ASN D 87 38.61 6.54 12.03
N VAL D 88 39.90 6.34 12.21
CA VAL D 88 40.44 5.02 12.50
C VAL D 88 41.29 5.13 13.75
N ASP D 89 40.98 4.34 14.79
CA ASP D 89 41.73 4.51 16.03
C ASP D 89 42.97 3.62 16.07
N LYS D 90 43.61 3.57 17.23
CA LYS D 90 44.90 2.92 17.35
C LYS D 90 44.80 1.42 17.16
N LEU D 91 43.60 0.88 17.36
CA LEU D 91 43.39 -0.56 17.21
C LEU D 91 42.72 -0.89 15.89
N GLY D 92 42.54 0.13 15.04
CA GLY D 92 42.04 -0.09 13.69
C GLY D 92 40.53 -0.02 13.60
N ARG D 93 39.88 0.30 14.71
CA ARG D 93 38.43 0.38 14.71
C ARG D 93 37.98 1.57 13.88
N ILE D 94 36.92 1.37 13.10
CA ILE D 94 36.48 2.36 12.13
C ILE D 94 35.24 3.08 12.61
N LYS D 95 35.32 4.40 12.60
CA LYS D 95 34.16 5.22 12.89
C LYS D 95 33.43 5.56 11.59
N LEU D 96 32.39 4.80 11.30
CA LEU D 96 31.62 4.96 10.07
C LEU D 96 30.16 4.66 10.37
N ASP D 97 29.28 5.63 10.14
CA ASP D 97 27.92 5.54 10.66
C ASP D 97 27.09 4.43 10.03
N ILE D 98 27.47 3.96 8.85
CA ILE D 98 26.73 2.86 8.23
C ILE D 98 27.17 1.53 8.82
N LEU D 99 28.18 1.55 9.67
CA LEU D 99 28.61 0.36 10.40
C LEU D 99 27.90 0.24 11.74
N LYS D 100 27.09 1.25 12.06
CA LYS D 100 26.38 1.27 13.34
C LYS D 100 25.00 1.91 13.23
N ASP D 101 24.98 3.23 13.09
CA ASP D 101 23.74 4.00 13.06
C ASP D 101 22.90 3.71 11.81
N LYS D 102 23.46 4.04 10.65
CA LYS D 102 22.73 3.99 9.40
C LYS D 102 22.90 2.68 8.65
N TRP D 103 22.92 1.56 9.37
CA TRP D 103 22.98 0.26 8.70
C TRP D 103 21.60 -0.27 8.33
N SER D 104 21.45 -0.65 7.07
CA SER D 104 20.23 -1.31 6.60
C SER D 104 20.60 -2.48 5.69
N PRO D 105 19.82 -3.57 5.75
CA PRO D 105 20.09 -4.80 4.98
C PRO D 105 20.23 -4.62 3.47
N ALA D 106 19.95 -3.43 2.94
CA ALA D 106 20.06 -3.21 1.51
C ALA D 106 21.46 -2.77 1.10
N LEU D 107 22.26 -2.37 2.09
CA LEU D 107 23.55 -1.73 1.83
C LEU D 107 24.58 -2.64 1.14
N GLN D 108 24.74 -3.86 1.64
CA GLN D 108 25.68 -4.87 1.13
C GLN D 108 27.11 -4.62 1.60
N ILE D 109 27.97 -5.60 1.31
CA ILE D 109 29.36 -5.56 1.76
C ILE D 109 30.20 -4.56 0.98
N ARG D 110 30.07 -4.55 -0.34
CA ARG D 110 30.96 -3.71 -1.15
C ARG D 110 30.65 -2.23 -0.98
N THR D 111 29.42 -1.91 -0.57
CA THR D 111 29.07 -0.52 -0.26
C THR D 111 29.91 -0.06 0.92
N VAL D 112 29.96 -0.89 1.94
CA VAL D 112 30.79 -0.63 3.12
C VAL D 112 32.25 -0.43 2.73
N LEU D 113 32.77 -1.34 1.91
CA LEU D 113 34.18 -1.29 1.53
C LEU D 113 34.51 -0.03 0.73
N LEU D 114 33.63 0.34 -0.20
CA LEU D 114 33.83 1.56 -0.97
C LEU D 114 33.72 2.80 -0.08
N SER D 115 32.79 2.75 0.87
CA SER D 115 32.62 3.84 1.82
C SER D 115 33.86 4.02 2.69
N ILE D 116 34.46 2.91 3.12
CA ILE D 116 35.69 2.96 3.89
C ILE D 116 36.80 3.58 3.05
N GLN D 117 36.90 3.15 1.79
CA GLN D 117 37.88 3.71 0.87
C GLN D 117 37.65 5.21 0.71
N ALA D 118 36.39 5.60 0.66
CA ALA D 118 36.02 7.00 0.49
C ALA D 118 36.36 7.80 1.73
N LEU D 119 36.32 7.14 2.88
CA LEU D 119 36.69 7.76 4.14
C LEU D 119 38.18 8.12 4.12
N LEU D 120 38.98 7.24 3.54
CA LEU D 120 40.40 7.50 3.34
C LEU D 120 40.60 8.67 2.40
N SER D 121 39.81 8.69 1.31
CA SER D 121 39.88 9.75 0.32
C SER D 121 39.43 11.10 0.87
N ALA D 122 38.52 11.08 1.83
CA ALA D 122 38.00 12.31 2.42
C ALA D 122 37.70 12.12 3.91
N PRO D 123 38.72 12.32 4.76
CA PRO D 123 38.62 12.17 6.21
C PRO D 123 37.58 13.09 6.85
N ASN D 124 37.03 12.67 7.98
CA ASN D 124 36.04 13.45 8.72
C ASN D 124 36.54 13.79 10.12
N PRO D 125 37.41 14.80 10.22
CA PRO D 125 38.01 15.19 11.51
C PRO D 125 36.96 15.71 12.47
N ASP D 126 35.86 16.22 11.93
CA ASP D 126 34.85 16.89 12.75
C ASP D 126 33.88 15.90 13.40
N ASP D 127 34.19 14.61 13.30
CA ASP D 127 33.35 13.58 13.90
C ASP D 127 33.43 13.63 15.43
N PRO D 128 32.26 13.54 16.09
CA PRO D 128 32.20 13.55 17.56
C PRO D 128 33.09 12.50 18.23
N LEU D 129 32.98 11.25 17.79
CA LEU D 129 33.76 10.16 18.38
C LEU D 129 35.07 9.94 17.62
N ALA D 130 35.68 11.03 17.17
CA ALA D 130 36.93 10.93 16.42
C ALA D 130 38.12 10.80 17.35
N ASN D 131 39.23 10.35 16.79
CA ASN D 131 40.46 10.03 17.52
C ASN D 131 40.97 11.08 18.51
N ASP D 132 41.96 11.81 18.02
CA ASP D 132 42.80 12.73 18.79
C ASP D 132 43.73 13.20 17.71
N VAL D 133 43.87 12.31 16.72
CA VAL D 133 44.41 12.62 15.42
C VAL D 133 43.54 13.68 14.76
N ALA D 134 42.23 13.58 15.01
CA ALA D 134 41.27 14.56 14.50
C ALA D 134 41.65 15.98 14.85
N GLU D 135 42.03 16.20 16.11
CA GLU D 135 42.40 17.52 16.59
C GLU D 135 43.57 18.10 15.79
N GLN D 136 44.56 17.26 15.51
CA GLN D 136 45.67 17.68 14.66
C GLN D 136 45.16 17.96 13.26
N TRP D 137 44.21 17.15 12.79
CA TRP D 137 43.68 17.30 11.44
C TRP D 137 42.88 18.58 11.30
N LYS D 138 42.25 19.01 12.39
CA LYS D 138 41.46 20.23 12.40
C LYS D 138 42.32 21.48 12.42
N THR D 139 43.30 21.50 13.32
CA THR D 139 44.08 22.69 13.59
C THR D 139 45.27 22.83 12.65
N ASN D 140 45.90 21.71 12.34
CA ASN D 140 47.04 21.71 11.44
C ASN D 140 46.90 20.62 10.37
N GLU D 141 45.95 20.83 9.46
CA GLU D 141 45.63 19.83 8.46
C GLU D 141 46.85 19.46 7.60
N ALA D 142 47.66 20.46 7.26
CA ALA D 142 48.84 20.20 6.43
C ALA D 142 49.79 19.23 7.11
N GLN D 143 50.02 19.43 8.39
CA GLN D 143 50.92 18.55 9.14
C GLN D 143 50.33 17.15 9.28
N ALA D 144 49.02 17.10 9.54
CA ALA D 144 48.33 15.81 9.69
C ALA D 144 48.42 14.99 8.40
N ILE D 145 48.25 15.66 7.27
CA ILE D 145 48.34 14.98 5.98
C ILE D 145 49.74 14.46 5.72
N GLU D 146 50.77 15.20 6.14
CA GLU D 146 52.12 14.72 5.98
C GLU D 146 52.38 13.53 6.90
N THR D 147 51.81 13.58 8.10
CA THR D 147 51.97 12.48 9.05
C THR D 147 51.24 11.23 8.54
N ALA D 148 50.06 11.41 7.94
CA ALA D 148 49.36 10.32 7.29
C ALA D 148 50.23 9.69 6.23
N ARG D 149 50.91 10.52 5.44
CA ARG D 149 51.80 10.04 4.41
C ARG D 149 53.00 9.33 5.06
N ALA D 150 53.50 9.92 6.15
CA ALA D 150 54.59 9.31 6.90
C ALA D 150 54.22 7.90 7.36
N TRP D 151 53.05 7.76 7.97
CA TRP D 151 52.62 6.45 8.46
C TRP D 151 52.37 5.47 7.32
N THR D 152 51.93 5.99 6.17
CA THR D 152 51.77 5.14 5.00
C THR D 152 53.12 4.56 4.58
N ARG D 153 54.15 5.40 4.56
CA ARG D 153 55.50 4.94 4.26
C ARG D 153 55.95 3.87 5.25
N LEU D 154 55.64 4.11 6.51
CA LEU D 154 56.15 3.27 7.60
C LEU D 154 55.44 1.93 7.71
N TYR D 155 54.14 1.92 7.47
CA TYR D 155 53.33 0.73 7.79
C TYR D 155 52.60 0.10 6.62
N ALA D 156 52.38 0.85 5.55
CA ALA D 156 51.51 0.36 4.49
C ALA D 156 52.20 0.13 3.16
N MET D 157 53.53 0.01 3.16
CA MET D 157 54.24 -0.17 1.90
C MET D 157 54.76 -1.60 1.74
N ASN D 158 54.44 -2.45 2.71
CA ASN D 158 54.82 -3.86 2.64
C ASN D 158 53.67 -4.77 3.05
N LEU E 12 -30.70 24.26 3.25
CA LEU E 12 -29.36 24.14 2.70
C LEU E 12 -28.45 23.30 3.58
N PRO E 13 -27.44 22.66 2.98
CA PRO E 13 -26.39 21.99 3.75
C PRO E 13 -25.74 22.98 4.72
N ARG E 14 -25.24 22.50 5.85
CA ARG E 14 -24.68 23.37 6.87
C ARG E 14 -23.59 24.28 6.30
N ARG E 15 -22.78 23.75 5.40
CA ARG E 15 -21.66 24.50 4.84
C ARG E 15 -22.11 25.74 4.08
N ILE E 16 -23.14 25.57 3.25
CA ILE E 16 -23.68 26.70 2.51
C ILE E 16 -24.25 27.75 3.47
N ILE E 17 -24.94 27.30 4.50
CA ILE E 17 -25.45 28.21 5.53
C ILE E 17 -24.28 28.92 6.20
N LYS E 18 -23.24 28.14 6.51
CA LYS E 18 -22.03 28.63 7.16
C LYS E 18 -21.37 29.74 6.34
N GLU E 19 -21.10 29.47 5.06
CA GLU E 19 -20.42 30.43 4.20
C GLU E 19 -21.27 31.66 3.93
N THR E 20 -22.55 31.44 3.64
CA THR E 20 -23.50 32.52 3.36
C THR E 20 -23.51 33.57 4.47
N GLN E 21 -23.48 33.10 5.71
CA GLN E 21 -23.55 34.00 6.85
C GLN E 21 -22.19 34.53 7.24
N ARG E 22 -21.14 33.85 6.79
CA ARG E 22 -19.79 34.34 6.99
C ARG E 22 -19.56 35.53 6.06
N LEU E 23 -20.19 35.47 4.88
CA LEU E 23 -20.09 36.56 3.92
C LEU E 23 -20.74 37.83 4.44
N LEU E 24 -21.89 37.68 5.08
CA LEU E 24 -22.60 38.82 5.66
C LEU E 24 -21.90 39.33 6.92
N ALA E 25 -21.37 38.41 7.72
CA ALA E 25 -20.74 38.78 8.98
C ALA E 25 -19.28 39.20 8.80
N GLU E 26 -18.55 38.47 7.97
CA GLU E 26 -17.14 38.75 7.74
C GLU E 26 -16.85 39.02 6.25
N PRO E 27 -17.19 40.23 5.80
CA PRO E 27 -17.04 40.59 4.38
C PRO E 27 -15.58 40.65 3.93
N VAL E 28 -15.31 40.11 2.75
CA VAL E 28 -14.00 40.22 2.11
C VAL E 28 -13.70 41.67 1.78
N PRO E 29 -12.48 42.15 2.10
CA PRO E 29 -12.07 43.52 1.76
C PRO E 29 -12.20 43.80 0.26
N GLY E 30 -12.85 44.90 -0.09
CA GLY E 30 -12.99 45.30 -1.48
C GLY E 30 -13.99 44.48 -2.26
N ILE E 31 -14.73 43.62 -1.56
CA ILE E 31 -15.72 42.75 -2.19
C ILE E 31 -17.02 42.73 -1.40
N LYS E 32 -18.12 43.05 -2.07
CA LYS E 32 -19.45 42.91 -1.48
C LYS E 32 -20.12 41.68 -2.06
N ALA E 33 -20.85 40.94 -1.23
CA ALA E 33 -21.53 39.73 -1.71
C ALA E 33 -22.86 39.56 -0.99
N GLU E 34 -23.94 39.76 -1.73
CA GLU E 34 -25.28 39.71 -1.15
C GLU E 34 -26.12 38.61 -1.77
N PRO E 35 -26.93 37.94 -0.94
CA PRO E 35 -27.81 36.88 -1.44
C PRO E 35 -28.92 37.43 -2.31
N ASP E 36 -29.30 36.65 -3.32
CA ASP E 36 -30.44 36.99 -4.15
C ASP E 36 -31.73 36.90 -3.34
N GLU E 37 -32.74 37.67 -3.73
CA GLU E 37 -33.98 37.75 -2.96
C GLU E 37 -34.90 36.57 -3.19
N SER E 38 -34.53 35.68 -4.11
CA SER E 38 -35.38 34.55 -4.47
C SER E 38 -34.65 33.23 -4.44
N ASN E 39 -33.34 33.27 -4.56
CA ASN E 39 -32.53 32.06 -4.69
C ASN E 39 -31.38 32.07 -3.67
N ALA E 40 -31.47 31.17 -2.70
CA ALA E 40 -30.51 31.14 -1.59
C ALA E 40 -29.12 30.66 -2.02
N ARG E 41 -29.01 30.17 -3.25
CA ARG E 41 -27.73 29.70 -3.77
C ARG E 41 -27.14 30.70 -4.76
N TYR E 42 -27.84 31.82 -4.92
CA TYR E 42 -27.51 32.84 -5.91
C TYR E 42 -27.02 34.10 -5.21
N PHE E 43 -25.84 34.58 -5.59
CA PHE E 43 -25.28 35.76 -4.95
C PHE E 43 -24.89 36.85 -5.92
N HIS E 44 -25.15 38.08 -5.54
CA HIS E 44 -24.77 39.23 -6.33
C HIS E 44 -23.56 39.86 -5.70
N VAL E 45 -22.47 39.85 -6.45
CA VAL E 45 -21.18 40.25 -5.94
C VAL E 45 -20.73 41.55 -6.61
N VAL E 46 -20.13 42.43 -5.82
CA VAL E 46 -19.47 43.60 -6.39
C VAL E 46 -18.01 43.57 -5.98
N ILE E 47 -17.11 43.55 -6.97
CA ILE E 47 -15.69 43.60 -6.67
C ILE E 47 -15.13 44.97 -7.02
N ALA E 48 -14.50 45.59 -6.05
CA ALA E 48 -13.77 46.83 -6.28
C ALA E 48 -12.51 46.56 -7.10
N GLY E 49 -12.22 47.41 -8.07
CA GLY E 49 -10.98 47.28 -8.82
C GLY E 49 -9.81 47.33 -7.86
N PRO E 50 -8.87 46.39 -7.99
CA PRO E 50 -7.74 46.30 -7.05
C PRO E 50 -6.82 47.52 -7.12
N GLN E 51 -6.24 47.88 -5.99
CA GLN E 51 -5.32 49.01 -5.95
C GLN E 51 -4.16 48.82 -6.91
N ASP E 52 -3.75 49.90 -7.55
CA ASP E 52 -2.64 49.92 -8.50
C ASP E 52 -2.92 49.10 -9.76
N SER E 53 -4.19 48.76 -9.99
CA SER E 53 -4.59 48.09 -11.22
C SER E 53 -5.26 49.10 -12.16
N PRO E 54 -5.37 48.78 -13.46
CA PRO E 54 -6.09 49.71 -14.35
C PRO E 54 -7.59 49.71 -14.09
N PHE E 55 -8.03 48.83 -13.19
CA PHE E 55 -9.44 48.75 -12.82
C PHE E 55 -9.70 49.51 -11.52
N GLU E 56 -8.65 50.05 -10.94
CA GLU E 56 -8.77 50.78 -9.68
C GLU E 56 -9.76 51.92 -9.82
N GLY E 57 -10.68 52.03 -8.86
CA GLY E 57 -11.67 53.09 -8.91
C GLY E 57 -12.98 52.59 -9.48
N GLY E 58 -12.92 51.45 -10.17
CA GLY E 58 -14.12 50.85 -10.74
C GLY E 58 -14.78 49.87 -9.80
N THR E 59 -16.05 49.57 -10.06
CA THR E 59 -16.75 48.52 -9.33
C THR E 59 -17.33 47.55 -10.35
N PHE E 60 -17.17 46.25 -10.10
CA PHE E 60 -17.53 45.26 -11.10
C PHE E 60 -18.54 44.28 -10.54
N LYS E 61 -19.65 44.14 -11.24
CA LYS E 61 -20.69 43.21 -10.82
C LYS E 61 -20.30 41.80 -11.22
N LEU E 62 -20.48 40.87 -10.29
CA LEU E 62 -20.34 39.47 -10.59
C LEU E 62 -21.53 38.74 -10.04
N GLU E 63 -21.84 37.60 -10.64
CA GLU E 63 -22.87 36.77 -10.06
C GLU E 63 -22.25 35.43 -9.72
N LEU E 64 -22.70 34.85 -8.62
CA LEU E 64 -22.18 33.59 -8.16
C LEU E 64 -23.32 32.65 -7.86
N PHE E 65 -23.21 31.42 -8.33
CA PHE E 65 -24.23 30.41 -8.09
C PHE E 65 -23.59 29.15 -7.52
N LEU E 66 -24.21 28.61 -6.46
CA LEU E 66 -23.78 27.35 -5.87
C LEU E 66 -24.67 26.21 -6.36
N PRO E 67 -24.14 25.37 -7.25
CA PRO E 67 -24.88 24.25 -7.86
C PRO E 67 -25.37 23.24 -6.83
N GLU E 68 -26.26 22.34 -7.23
CA GLU E 68 -26.77 21.29 -6.35
C GLU E 68 -25.64 20.51 -5.70
N GLU E 69 -24.67 20.11 -6.51
CA GLU E 69 -23.61 19.22 -6.06
C GLU E 69 -22.48 19.96 -5.36
N TYR E 70 -22.63 21.27 -5.17
CA TYR E 70 -21.67 22.02 -4.37
C TYR E 70 -21.64 21.45 -2.95
N PRO E 71 -20.43 21.25 -2.38
CA PRO E 71 -19.13 21.70 -2.89
C PRO E 71 -18.36 20.70 -3.75
N MET E 72 -18.97 19.58 -4.13
CA MET E 72 -18.30 18.64 -5.04
C MET E 72 -18.06 19.32 -6.37
N ALA E 73 -19.07 20.05 -6.84
CA ALA E 73 -18.95 20.85 -8.04
C ALA E 73 -18.54 22.27 -7.67
N ALA E 74 -17.79 22.92 -8.55
CA ALA E 74 -17.31 24.27 -8.31
C ALA E 74 -18.47 25.25 -8.34
N PRO E 75 -18.30 26.40 -7.66
CA PRO E 75 -19.31 27.45 -7.81
C PRO E 75 -19.28 27.97 -9.24
N LYS E 76 -20.39 28.52 -9.72
CA LYS E 76 -20.40 29.17 -11.02
C LYS E 76 -20.28 30.66 -10.82
N VAL E 77 -19.37 31.29 -11.57
CA VAL E 77 -19.15 32.73 -11.44
C VAL E 77 -19.00 33.37 -12.81
N ARG E 78 -19.55 34.58 -12.95
CA ARG E 78 -19.44 35.31 -14.20
C ARG E 78 -19.48 36.81 -13.93
N PHE E 79 -18.69 37.58 -14.67
CA PHE E 79 -18.81 39.03 -14.60
C PHE E 79 -20.07 39.48 -15.29
N MET E 80 -20.73 40.49 -14.73
CA MET E 80 -21.92 41.08 -15.34
C MET E 80 -21.61 42.50 -15.79
N THR E 81 -20.41 42.95 -15.48
CA THR E 81 -19.91 44.25 -15.93
C THR E 81 -18.87 44.01 -17.00
N LYS E 82 -19.00 44.69 -18.13
CA LYS E 82 -18.03 44.58 -19.22
C LYS E 82 -16.64 45.00 -18.73
N ILE E 83 -15.65 44.18 -19.03
CA ILE E 83 -14.30 44.45 -18.55
C ILE E 83 -13.26 44.00 -19.56
N TYR E 84 -12.18 44.78 -19.68
CA TYR E 84 -11.10 44.48 -20.62
C TYR E 84 -10.02 43.74 -19.88
N HIS E 85 -10.01 42.42 -20.04
CA HIS E 85 -9.11 41.57 -19.27
C HIS E 85 -8.90 40.28 -20.05
N PRO E 86 -7.65 39.82 -20.14
CA PRO E 86 -7.28 38.63 -20.91
C PRO E 86 -8.03 37.36 -20.50
N ASN E 87 -8.50 37.33 -19.26
CA ASN E 87 -9.11 36.12 -18.71
C ASN E 87 -10.60 36.28 -18.44
N VAL E 88 -11.18 37.35 -18.97
CA VAL E 88 -12.62 37.54 -18.93
C VAL E 88 -13.10 37.80 -20.34
N ASP E 89 -14.04 37.00 -20.84
CA ASP E 89 -14.45 37.17 -22.23
C ASP E 89 -15.59 38.17 -22.36
N LYS E 90 -16.14 38.25 -23.57
CA LYS E 90 -17.11 39.28 -23.89
C LYS E 90 -18.42 39.09 -23.14
N LEU E 91 -18.67 37.86 -22.70
CA LEU E 91 -19.89 37.55 -21.96
C LEU E 91 -19.63 37.46 -20.46
N GLY E 92 -18.41 37.78 -20.05
CA GLY E 92 -18.09 37.87 -18.63
C GLY E 92 -17.61 36.55 -18.04
N ARG E 93 -17.46 35.54 -18.89
CA ARG E 93 -17.02 34.24 -18.41
C ARG E 93 -15.56 34.33 -17.98
N ILE E 94 -15.25 33.68 -16.87
CA ILE E 94 -13.95 33.82 -16.24
C ILE E 94 -13.09 32.59 -16.48
N LYS E 95 -11.89 32.82 -16.98
CA LYS E 95 -10.92 31.76 -17.14
C LYS E 95 -10.05 31.69 -15.88
N LEU E 96 -10.39 30.78 -14.99
CA LEU E 96 -9.69 30.61 -13.72
C LEU E 96 -9.68 29.14 -13.37
N ASP E 97 -8.49 28.57 -13.21
CA ASP E 97 -8.36 27.11 -13.14
C ASP E 97 -8.98 26.48 -11.90
N ILE E 98 -9.19 27.27 -10.85
CA ILE E 98 -9.82 26.73 -9.65
C ILE E 98 -11.34 26.72 -9.81
N LEU E 99 -11.82 27.28 -10.92
CA LEU E 99 -13.25 27.22 -11.25
C LEU E 99 -13.56 26.00 -12.11
N LYS E 100 -12.52 25.26 -12.49
CA LYS E 100 -12.69 24.08 -13.34
C LYS E 100 -11.70 22.96 -12.99
N ASP E 101 -10.44 23.17 -13.36
CA ASP E 101 -9.40 22.15 -13.17
C ASP E 101 -9.08 21.89 -11.70
N LYS E 102 -8.59 22.93 -11.03
CA LYS E 102 -8.09 22.77 -9.68
C LYS E 102 -9.12 23.09 -8.60
N TRP E 103 -10.36 22.66 -8.82
CA TRP E 103 -11.39 22.84 -7.79
C TRP E 103 -11.40 21.70 -6.79
N SER E 104 -11.36 22.03 -5.50
CA SER E 104 -11.52 21.05 -4.43
C SER E 104 -12.43 21.62 -3.34
N PRO E 105 -13.24 20.77 -2.72
CA PRO E 105 -14.23 21.17 -1.70
C PRO E 105 -13.66 21.95 -0.51
N ALA E 106 -12.34 22.07 -0.40
CA ALA E 106 -11.75 22.80 0.72
C ALA E 106 -11.59 24.28 0.41
N LEU E 107 -11.71 24.64 -0.87
CA LEU E 107 -11.38 25.99 -1.32
C LEU E 107 -12.28 27.09 -0.77
N GLN E 108 -13.59 26.87 -0.80
CA GLN E 108 -14.61 27.81 -0.32
C GLN E 108 -14.91 28.94 -1.32
N ILE E 109 -15.94 29.72 -1.00
CA ILE E 109 -16.40 30.78 -1.89
C ILE E 109 -15.47 31.99 -1.89
N ARG E 110 -15.04 32.43 -0.71
CA ARG E 110 -14.27 33.66 -0.62
C ARG E 110 -12.86 33.49 -1.21
N THR E 111 -12.37 32.25 -1.25
CA THR E 111 -11.09 31.98 -1.91
C THR E 111 -11.22 32.30 -3.38
N VAL E 112 -12.30 31.82 -3.99
CA VAL E 112 -12.62 32.10 -5.38
C VAL E 112 -12.70 33.60 -5.63
N LEU E 113 -13.44 34.30 -4.77
CA LEU E 113 -13.64 35.73 -4.96
C LEU E 113 -12.33 36.51 -4.85
N LEU E 114 -11.49 36.15 -3.88
CA LEU E 114 -10.20 36.81 -3.73
C LEU E 114 -9.29 36.49 -4.91
N SER E 115 -9.36 35.25 -5.40
CA SER E 115 -8.59 34.83 -6.55
C SER E 115 -9.00 35.60 -7.81
N ILE E 116 -10.30 35.83 -7.98
CA ILE E 116 -10.79 36.63 -9.09
C ILE E 116 -10.27 38.06 -8.99
N GLN E 117 -10.33 38.61 -7.77
CA GLN E 117 -9.79 39.94 -7.52
C GLN E 117 -8.31 39.99 -7.86
N ALA E 118 -7.62 38.93 -7.52
CA ALA E 118 -6.18 38.83 -7.77
C ALA E 118 -5.88 38.71 -9.25
N LEU E 119 -6.81 38.13 -9.98
CA LEU E 119 -6.70 38.01 -11.43
C LEU E 119 -6.76 39.39 -12.06
N LEU E 120 -7.61 40.26 -11.51
CA LEU E 120 -7.67 41.64 -11.94
C LEU E 120 -6.37 42.36 -11.63
N SER E 121 -5.85 42.11 -10.43
CA SER E 121 -4.60 42.72 -9.98
C SER E 121 -3.39 42.25 -10.80
N ALA E 122 -3.45 41.02 -11.30
CA ALA E 122 -2.35 40.44 -12.09
C ALA E 122 -2.88 39.54 -13.20
N PRO E 123 -3.21 40.13 -14.35
CA PRO E 123 -3.75 39.41 -15.52
C PRO E 123 -2.81 38.32 -16.04
N ASN E 124 -3.38 37.30 -16.66
CA ASN E 124 -2.61 36.20 -17.24
C ASN E 124 -2.84 36.09 -18.74
N PRO E 125 -2.17 36.96 -19.51
CA PRO E 125 -2.33 37.01 -20.96
C PRO E 125 -1.86 35.72 -21.63
N ASP E 126 -0.95 35.02 -20.96
CA ASP E 126 -0.31 33.86 -21.55
C ASP E 126 -1.15 32.59 -21.41
N ASP E 127 -2.39 32.75 -20.97
CA ASP E 127 -3.31 31.63 -20.80
C ASP E 127 -3.71 31.05 -22.16
N PRO E 128 -3.70 29.72 -22.30
CA PRO E 128 -4.09 29.04 -23.54
C PRO E 128 -5.49 29.45 -24.04
N LEU E 129 -6.48 29.38 -23.16
CA LEU E 129 -7.85 29.70 -23.54
C LEU E 129 -8.17 31.17 -23.27
N ALA E 130 -7.20 32.04 -23.49
CA ALA E 130 -7.40 33.46 -23.25
C ALA E 130 -8.10 34.13 -24.43
N ASN E 131 -8.64 35.32 -24.16
CA ASN E 131 -9.46 36.08 -25.11
C ASN E 131 -8.91 36.25 -26.52
N ASP E 132 -8.35 37.43 -26.72
CA ASP E 132 -7.95 37.97 -28.01
C ASP E 132 -7.44 39.33 -27.58
N VAL E 133 -8.01 39.74 -26.45
CA VAL E 133 -7.49 40.82 -25.63
C VAL E 133 -6.10 40.44 -25.14
N ALA E 134 -5.92 39.14 -24.88
CA ALA E 134 -4.62 38.61 -24.46
C ALA E 134 -3.52 38.98 -25.42
N GLU E 135 -3.78 38.83 -26.72
CA GLU E 135 -2.79 39.12 -27.74
C GLU E 135 -2.33 40.58 -27.68
N GLN E 136 -3.28 41.48 -27.48
CA GLN E 136 -2.94 42.88 -27.28
C GLN E 136 -2.14 43.06 -26.00
N TRP E 137 -2.50 42.30 -24.97
CA TRP E 137 -1.84 42.40 -23.68
C TRP E 137 -0.41 41.90 -23.76
N LYS E 138 -0.17 40.93 -24.62
CA LYS E 138 1.16 40.35 -24.81
C LYS E 138 2.08 41.27 -25.59
N THR E 139 1.59 41.77 -26.71
CA THR E 139 2.42 42.51 -27.66
C THR E 139 2.50 44.00 -27.32
N ASN E 140 1.39 44.56 -26.86
CA ASN E 140 1.35 45.96 -26.48
C ASN E 140 0.71 46.14 -25.11
N GLU E 141 1.40 45.69 -24.07
CA GLU E 141 0.85 45.71 -22.72
C GLU E 141 0.45 47.12 -22.28
N ALA E 142 1.25 48.11 -22.64
CA ALA E 142 0.96 49.49 -22.24
C ALA E 142 -0.38 49.94 -22.80
N GLN E 143 -0.63 49.64 -24.06
CA GLN E 143 -1.89 50.03 -24.70
C GLN E 143 -3.06 49.26 -24.09
N ALA E 144 -2.86 47.98 -23.83
CA ALA E 144 -3.90 47.14 -23.24
C ALA E 144 -4.31 47.66 -21.87
N ILE E 145 -3.33 48.05 -21.08
CA ILE E 145 -3.59 48.59 -19.75
C ILE E 145 -4.38 49.90 -19.83
N GLU E 146 -4.07 50.73 -20.82
CA GLU E 146 -4.82 51.97 -20.98
C GLU E 146 -6.25 51.67 -21.43
N THR E 147 -6.40 50.67 -22.28
CA THR E 147 -7.73 50.27 -22.74
C THR E 147 -8.55 49.68 -21.59
N ALA E 148 -7.90 48.89 -20.73
CA ALA E 148 -8.54 48.39 -19.52
C ALA E 148 -9.04 49.55 -18.68
N ARG E 149 -8.21 50.59 -18.55
CA ARG E 149 -8.60 51.77 -17.78
C ARG E 149 -9.74 52.49 -18.52
N ALA E 150 -9.65 52.55 -19.85
CA ALA E 150 -10.71 53.15 -20.64
C ALA E 150 -12.05 52.45 -20.39
N TRP E 151 -12.04 51.12 -20.45
CA TRP E 151 -13.28 50.36 -20.24
C TRP E 151 -13.79 50.51 -18.81
N THR E 152 -12.87 50.66 -17.86
CA THR E 152 -13.27 50.90 -16.48
C THR E 152 -14.03 52.22 -16.38
N ARG E 153 -13.51 53.26 -17.03
CA ARG E 153 -14.20 54.54 -17.08
C ARG E 153 -15.59 54.40 -17.70
N LEU E 154 -15.67 53.63 -18.77
CA LEU E 154 -16.88 53.52 -19.57
C LEU E 154 -17.96 52.68 -18.92
N TYR E 155 -17.57 51.60 -18.25
CA TYR E 155 -18.55 50.61 -17.81
C TYR E 155 -18.60 50.36 -16.32
N ALA E 156 -17.54 50.70 -15.59
CA ALA E 156 -17.47 50.30 -14.19
C ALA E 156 -17.47 51.45 -13.21
N MET E 157 -17.91 52.63 -13.63
CA MET E 157 -17.91 53.78 -12.72
C MET E 157 -19.31 54.14 -12.24
N ASN E 158 -20.29 53.34 -12.65
CA ASN E 158 -21.67 53.53 -12.20
C ASN E 158 -22.33 52.22 -11.81
N GLU F 44 -20.84 37.75 39.64
CA GLU F 44 -20.28 38.24 38.39
C GLU F 44 -19.00 37.51 38.01
N LYS F 45 -18.17 37.23 39.01
CA LYS F 45 -16.96 36.47 38.81
C LYS F 45 -17.24 35.05 38.36
N MET F 46 -18.27 34.46 38.95
CA MET F 46 -18.69 33.11 38.59
C MET F 46 -19.19 33.06 37.16
N GLN F 47 -19.93 34.08 36.76
CA GLN F 47 -20.42 34.19 35.40
C GLN F 47 -19.30 34.30 34.38
N ALA F 48 -18.28 35.06 34.74
CA ALA F 48 -17.10 35.21 33.90
C ALA F 48 -16.35 33.90 33.74
N GLN F 49 -16.26 33.14 34.82
CA GLN F 49 -15.64 31.84 34.80
C GLN F 49 -16.39 30.86 33.93
N LYS F 50 -17.72 30.93 34.00
CA LYS F 50 -18.58 30.08 33.19
C LYS F 50 -18.50 30.51 31.72
N GLU F 51 -18.39 31.82 31.51
CA GLU F 51 -18.28 32.38 30.16
C GLU F 51 -17.00 31.89 29.50
N GLU F 52 -15.91 31.92 30.27
CA GLU F 52 -14.62 31.45 29.78
C GLU F 52 -14.70 29.98 29.41
N VAL F 53 -15.40 29.20 30.23
CA VAL F 53 -15.59 27.78 29.98
C VAL F 53 -16.36 27.57 28.68
N LEU F 54 -17.41 28.36 28.49
CA LEU F 54 -18.20 28.29 27.27
C LEU F 54 -17.34 28.62 26.05
N SER F 55 -16.45 29.59 26.21
CA SER F 55 -15.54 29.98 25.15
C SER F 55 -14.62 28.81 24.79
N HIS F 56 -14.05 28.18 25.83
CA HIS F 56 -13.19 27.02 25.62
C HIS F 56 -13.95 25.93 24.88
N MET F 57 -15.21 25.75 25.23
CA MET F 57 -16.05 24.76 24.58
C MET F 57 -16.38 25.18 23.15
N ASN F 58 -16.65 26.44 22.85
CA ASN F 58 -17.00 26.73 21.47
C ASN F 58 -15.74 26.69 20.59
N ASP F 59 -14.58 26.54 21.27
CA ASP F 59 -13.29 26.40 20.57
C ASP F 59 -13.10 25.17 19.64
N VAL F 60 -13.43 23.99 20.15
CA VAL F 60 -13.24 22.73 19.41
C VAL F 60 -14.39 22.49 18.47
N LEU F 61 -15.51 23.08 18.84
CA LEU F 61 -16.76 22.92 18.13
C LEU F 61 -16.65 23.46 16.70
N GLU F 62 -16.48 24.79 16.61
CA GLU F 62 -16.61 25.59 15.38
C GLU F 62 -15.56 25.55 14.26
N ASN F 63 -14.28 25.56 14.61
CA ASN F 63 -13.26 25.55 13.57
C ASN F 63 -12.65 24.15 13.52
N GLU F 64 -12.71 23.41 14.61
CA GLU F 64 -11.96 22.16 14.73
C GLU F 64 -12.67 20.95 14.13
N LEU F 65 -13.18 20.07 14.99
CA LEU F 65 -13.78 18.82 14.55
C LEU F 65 -14.83 19.02 13.46
N GLN F 66 -14.55 19.88 12.49
CA GLN F 66 -15.48 20.01 11.37
C GLN F 66 -14.82 19.56 10.08
N CYS F 67 -15.54 18.72 9.33
CA CYS F 67 -15.22 18.42 7.96
C CYS F 67 -15.21 19.66 7.07
N ILE F 68 -14.11 19.87 6.36
CA ILE F 68 -14.00 21.05 5.51
C ILE F 68 -14.98 21.04 4.32
N ILE F 69 -15.46 19.87 3.92
CA ILE F 69 -16.36 19.78 2.78
C ILE F 69 -17.79 20.21 3.15
N CYS F 70 -18.30 19.72 4.27
CA CYS F 70 -19.69 19.97 4.64
C CYS F 70 -19.85 20.95 5.79
N SER F 71 -18.76 21.25 6.49
CA SER F 71 -18.78 22.15 7.66
C SER F 71 -19.54 21.60 8.88
N GLU F 72 -19.84 20.31 8.89
CA GLU F 72 -20.48 19.69 10.03
C GLU F 72 -19.39 18.99 10.85
N TYR F 73 -19.66 18.73 12.12
CA TYR F 73 -18.74 17.84 12.88
C TYR F 73 -18.64 16.51 12.14
N PHE F 74 -17.44 15.95 12.06
CA PHE F 74 -17.21 14.73 11.27
C PHE F 74 -18.24 13.66 11.60
N ILE F 75 -18.82 13.08 10.57
CA ILE F 75 -19.71 11.92 10.70
C ILE F 75 -18.96 10.74 10.07
N GLU F 76 -18.63 9.74 10.90
CA GLU F 76 -17.75 8.63 10.47
C GLU F 76 -16.44 9.12 9.87
N ALA F 77 -15.65 9.75 10.73
CA ALA F 77 -14.39 10.35 10.35
C ALA F 77 -13.46 9.31 9.69
N VAL F 78 -12.85 9.70 8.58
CA VAL F 78 -11.84 8.88 7.91
C VAL F 78 -10.61 9.75 7.71
N THR F 79 -9.44 9.12 7.82
CA THR F 79 -8.18 9.80 7.69
C THR F 79 -7.43 9.23 6.47
N LEU F 80 -6.99 10.13 5.60
CA LEU F 80 -6.26 9.74 4.41
C LEU F 80 -4.78 9.54 4.72
N ASN F 81 -4.07 8.97 3.75
CA ASN F 81 -2.62 8.77 3.87
C ASN F 81 -1.87 10.07 4.12
N CYS F 82 -2.44 11.19 3.66
CA CYS F 82 -1.80 12.52 3.79
C CYS F 82 -2.10 13.18 5.15
N ALA F 83 -2.84 12.45 6.00
CA ALA F 83 -3.08 12.81 7.40
C ALA F 83 -4.26 13.76 7.56
N HIS F 84 -4.95 14.07 6.46
CA HIS F 84 -6.17 14.87 6.52
C HIS F 84 -7.40 13.98 6.72
N SER F 85 -8.39 14.51 7.40
CA SER F 85 -9.63 13.77 7.71
C SER F 85 -10.88 14.42 7.10
N PHE F 86 -11.87 13.58 6.79
CA PHE F 86 -13.12 14.01 6.21
C PHE F 86 -14.21 13.06 6.69
N CYS F 87 -15.46 13.46 6.57
CA CYS F 87 -16.57 12.52 6.74
C CYS F 87 -16.44 11.43 5.71
N SER F 88 -16.89 10.23 6.06
CA SER F 88 -16.81 9.12 5.15
C SER F 88 -17.68 9.46 3.91
N TYR F 89 -18.86 9.99 4.15
CA TYR F 89 -19.77 10.31 3.06
C TYR F 89 -19.17 11.33 2.11
N CYS F 90 -18.61 12.38 2.67
CA CYS F 90 -18.07 13.48 1.90
C CYS F 90 -16.88 13.09 1.04
N ILE F 91 -15.92 12.38 1.63
CA ILE F 91 -14.79 11.93 0.83
C ILE F 91 -15.22 10.88 -0.20
N ASN F 92 -16.17 10.02 0.14
CA ASN F 92 -16.63 9.02 -0.83
C ASN F 92 -17.30 9.67 -2.04
N GLU F 93 -18.05 10.76 -1.83
CA GLU F 93 -18.64 11.54 -2.92
C GLU F 93 -17.55 12.26 -3.74
N TRP F 94 -16.62 12.91 -3.05
CA TRP F 94 -15.49 13.58 -3.71
C TRP F 94 -14.73 12.62 -4.67
N MET F 95 -14.48 11.41 -4.19
CA MET F 95 -13.70 10.42 -4.94
C MET F 95 -14.40 9.84 -6.15
N LYS F 96 -15.68 10.13 -6.29
CA LYS F 96 -16.40 9.83 -7.54
C LYS F 96 -15.93 10.75 -8.68
N ARG F 97 -15.27 11.86 -8.34
CA ARG F 97 -14.74 12.79 -9.33
C ARG F 97 -13.23 12.95 -9.33
N LYS F 98 -12.62 12.93 -8.15
CA LYS F 98 -11.16 13.11 -8.05
C LYS F 98 -10.55 12.17 -7.00
N ILE F 99 -9.47 11.49 -7.34
CA ILE F 99 -8.80 10.60 -6.37
C ILE F 99 -7.63 11.37 -5.76
N GLU F 100 -7.95 12.52 -5.16
CA GLU F 100 -6.97 13.38 -4.53
C GLU F 100 -7.56 14.08 -3.33
N CYS F 101 -6.70 14.36 -2.36
CA CYS F 101 -7.16 15.05 -1.17
C CYS F 101 -7.71 16.43 -1.52
N PRO F 102 -8.93 16.71 -1.05
CA PRO F 102 -9.51 18.04 -1.23
C PRO F 102 -8.64 19.14 -0.64
N ILE F 103 -7.91 18.84 0.44
CA ILE F 103 -7.07 19.86 1.08
C ILE F 103 -5.71 20.01 0.45
N CYS F 104 -4.91 18.94 0.36
CA CYS F 104 -3.56 19.06 -0.15
C CYS F 104 -3.35 18.56 -1.58
N ARG F 105 -4.37 17.94 -2.16
CA ARG F 105 -4.36 17.46 -3.54
C ARG F 105 -3.36 16.35 -3.82
N LYS F 106 -2.81 15.76 -2.77
CA LYS F 106 -2.05 14.54 -2.91
C LYS F 106 -2.94 13.36 -3.31
N ASP F 107 -2.42 12.48 -4.17
CA ASP F 107 -3.08 11.25 -4.56
C ASP F 107 -3.54 10.44 -3.32
N ILE F 108 -4.78 9.98 -3.31
CA ILE F 108 -5.25 9.18 -2.18
C ILE F 108 -4.83 7.73 -2.33
N LYS F 109 -4.04 7.28 -1.35
CA LYS F 109 -3.50 5.95 -1.30
C LYS F 109 -4.16 5.05 -0.25
N SER F 110 -4.78 5.64 0.78
CA SER F 110 -5.42 4.87 1.83
C SER F 110 -6.48 5.73 2.52
N LYS F 111 -7.49 5.09 3.09
CA LYS F 111 -8.60 5.75 3.78
C LYS F 111 -8.90 4.90 5.01
N THR F 112 -8.77 5.51 6.17
CA THR F 112 -8.86 4.77 7.40
C THR F 112 -9.86 5.38 8.36
N TYR F 113 -10.79 4.56 8.83
CA TYR F 113 -11.77 5.05 9.84
C TYR F 113 -11.05 5.39 11.15
N SER F 114 -11.51 6.41 11.85
CA SER F 114 -10.88 6.81 13.09
C SER F 114 -11.85 6.77 14.26
N LEU F 115 -11.73 5.74 15.08
CA LEU F 115 -12.60 5.56 16.23
C LEU F 115 -12.43 6.67 17.25
N VAL F 116 -11.20 7.13 17.47
CA VAL F 116 -10.96 8.19 18.47
C VAL F 116 -11.69 9.49 18.08
N LEU F 117 -11.59 9.89 16.82
CA LEU F 117 -12.29 11.08 16.36
C LEU F 117 -13.82 10.96 16.54
N ASP F 118 -14.36 9.82 16.14
CA ASP F 118 -15.79 9.57 16.25
C ASP F 118 -16.25 9.57 17.71
N ASN F 119 -15.56 8.85 18.57
CA ASN F 119 -15.93 8.81 20.00
C ASN F 119 -15.84 10.17 20.67
N CYS F 120 -14.79 10.94 20.36
CA CYS F 120 -14.63 12.29 20.92
C CYS F 120 -15.76 13.20 20.48
N ILE F 121 -16.09 13.20 19.20
CA ILE F 121 -17.21 13.98 18.70
C ILE F 121 -18.53 13.56 19.36
N ASN F 122 -18.81 12.26 19.34
CA ASN F 122 -20.06 11.75 19.95
C ASN F 122 -20.21 12.13 21.42
N LYS F 123 -19.11 11.98 22.17
CA LYS F 123 -19.14 12.31 23.59
C LYS F 123 -19.32 13.79 23.93
N MET F 124 -18.75 14.67 23.11
CA MET F 124 -18.84 16.11 23.32
C MET F 124 -20.18 16.64 22.88
N VAL F 125 -20.62 16.19 21.71
CA VAL F 125 -21.92 16.62 21.18
C VAL F 125 -23.07 16.23 22.11
N ASN F 126 -22.90 15.11 22.82
CA ASN F 126 -23.93 14.66 23.76
C ASN F 126 -24.22 15.68 24.87
N ASN F 127 -23.31 16.64 25.08
CA ASN F 127 -23.50 17.68 26.11
C ASN F 127 -24.11 18.99 25.63
N LEU F 128 -24.34 19.09 24.33
CA LEU F 128 -24.83 20.34 23.72
C LEU F 128 -26.34 20.33 23.63
N SER F 129 -26.92 21.34 23.01
CA SER F 129 -28.37 21.51 23.02
C SER F 129 -29.07 20.39 22.25
N SER F 130 -30.36 20.23 22.52
CA SER F 130 -31.19 19.28 21.79
C SER F 130 -31.16 19.57 20.31
N GLU F 131 -31.20 20.85 19.96
CA GLU F 131 -31.15 21.28 18.56
C GLU F 131 -29.91 20.77 17.84
N VAL F 132 -28.74 20.88 18.49
CA VAL F 132 -27.48 20.44 17.90
C VAL F 132 -27.41 18.90 17.77
N LYS F 133 -27.86 18.22 18.82
CA LYS F 133 -27.84 16.76 18.87
C LYS F 133 -28.76 16.20 17.80
N GLU F 134 -29.94 16.78 17.69
CA GLU F 134 -30.94 16.37 16.70
C GLU F 134 -30.50 16.57 15.25
N ARG F 135 -29.89 17.72 14.95
CA ARG F 135 -29.33 17.96 13.61
C ARG F 135 -28.35 16.86 13.19
N ARG F 136 -27.45 16.52 14.09
CA ARG F 136 -26.51 15.44 13.84
C ARG F 136 -27.24 14.13 13.56
N ILE F 137 -28.21 13.78 14.38
CA ILE F 137 -28.97 12.55 14.14
C ILE F 137 -29.67 12.58 12.77
N VAL F 138 -30.23 13.72 12.39
CA VAL F 138 -30.87 13.85 11.09
C VAL F 138 -29.86 13.66 9.98
N LEU F 139 -28.70 14.31 10.10
CA LEU F 139 -27.68 14.23 9.06
C LEU F 139 -27.19 12.82 8.88
N ILE F 140 -27.06 12.09 9.98
CA ILE F 140 -26.60 10.70 9.90
C ILE F 140 -27.63 9.86 9.16
N ARG F 141 -28.90 10.09 9.48
CA ARG F 141 -30.00 9.39 8.83
C ARG F 141 -30.07 9.72 7.35
N GLU F 142 -29.92 11.00 7.01
CA GLU F 142 -29.95 11.43 5.61
C GLU F 142 -28.82 10.77 4.83
N ARG F 143 -27.62 10.83 5.38
CA ARG F 143 -26.45 10.21 4.74
C ARG F 143 -26.66 8.71 4.61
N LYS F 144 -27.32 8.11 5.60
CA LYS F 144 -27.61 6.69 5.59
C LYS F 144 -28.55 6.34 4.44
N GLU G 44 -25.17 29.63 43.99
CA GLU G 44 -25.13 28.18 44.05
C GLU G 44 -25.52 27.54 42.73
N LYS G 45 -26.54 28.11 42.09
CA LYS G 45 -26.98 27.65 40.79
C LYS G 45 -25.92 27.84 39.72
N MET G 46 -25.23 28.97 39.80
CA MET G 46 -24.15 29.27 38.89
C MET G 46 -22.99 28.31 39.05
N GLN G 47 -22.70 27.96 40.29
CA GLN G 47 -21.64 27.01 40.60
C GLN G 47 -21.97 25.63 40.05
N ALA G 48 -23.23 25.24 40.16
CA ALA G 48 -23.69 23.97 39.61
C ALA G 48 -23.57 23.92 38.10
N GLN G 49 -23.90 25.04 37.46
CA GLN G 49 -23.77 25.16 36.02
C GLN G 49 -22.32 25.06 35.57
N LYS G 50 -21.43 25.68 36.33
CA LYS G 50 -20.01 25.67 36.01
C LYS G 50 -19.35 24.38 36.49
N GLU G 51 -19.87 23.80 37.56
CA GLU G 51 -19.33 22.57 38.12
C GLU G 51 -19.46 21.43 37.11
N GLU G 52 -20.61 21.38 36.43
CA GLU G 52 -20.84 20.35 35.43
C GLU G 52 -19.84 20.49 34.29
N VAL G 53 -19.58 21.74 33.90
CA VAL G 53 -18.62 22.02 32.84
C VAL G 53 -17.23 21.56 33.26
N LEU G 54 -16.89 21.81 34.52
CA LEU G 54 -15.60 21.38 35.06
C LEU G 54 -15.49 19.87 35.02
N SER G 55 -16.58 19.19 35.37
CA SER G 55 -16.61 17.74 35.36
C SER G 55 -16.42 17.21 33.95
N HIS G 56 -17.07 17.87 32.98
CA HIS G 56 -16.97 17.47 31.58
C HIS G 56 -15.55 17.69 31.07
N MET G 57 -14.97 18.83 31.42
CA MET G 57 -13.60 19.16 31.01
C MET G 57 -12.63 18.10 31.53
N ASN G 58 -12.75 17.76 32.80
CA ASN G 58 -11.87 16.74 33.41
C ASN G 58 -12.31 15.26 33.25
N ASP G 59 -13.35 15.02 32.42
CA ASP G 59 -13.58 13.69 31.81
C ASP G 59 -13.48 13.80 30.27
N VAL G 60 -13.30 15.01 29.79
CA VAL G 60 -12.93 15.24 28.39
C VAL G 60 -11.47 14.87 28.25
N LEU G 61 -10.57 15.62 28.86
CA LEU G 61 -9.20 15.54 28.41
C LEU G 61 -8.31 14.59 29.18
N GLU G 62 -8.58 13.28 29.09
CA GLU G 62 -7.95 12.26 29.94
C GLU G 62 -8.44 10.81 29.61
N ASN G 63 -9.70 10.63 29.20
CA ASN G 63 -10.32 9.29 29.05
C ASN G 63 -10.34 8.78 27.58
N GLU G 64 -10.11 9.66 26.61
CA GLU G 64 -10.28 9.29 25.22
C GLU G 64 -9.09 9.68 24.36
N LEU G 65 -8.25 10.55 24.90
CA LEU G 65 -7.09 11.03 24.17
C LEU G 65 -5.79 10.51 24.78
N GLN G 66 -5.85 9.37 25.45
CA GLN G 66 -4.62 8.82 26.03
C GLN G 66 -4.19 7.53 25.34
N CYS G 67 -2.93 7.49 24.95
CA CYS G 67 -2.33 6.29 24.37
C CYS G 67 -2.29 5.15 25.38
N ILE G 68 -2.79 3.99 24.99
CA ILE G 68 -2.82 2.81 25.88
C ILE G 68 -1.44 2.27 26.19
N ILE G 69 -0.46 2.51 25.31
CA ILE G 69 0.90 2.01 25.54
C ILE G 69 1.64 2.82 26.59
N CYS G 70 1.58 4.15 26.50
CA CYS G 70 2.39 5.04 27.36
C CYS G 70 1.58 5.85 28.39
N SER G 71 0.24 5.81 28.29
CA SER G 71 -0.64 6.55 29.18
C SER G 71 -0.47 8.06 29.10
N GLU G 72 0.07 8.57 27.99
CA GLU G 72 0.15 10.01 27.77
C GLU G 72 -0.91 10.38 26.72
N TYR G 73 -1.33 11.64 26.69
CA TYR G 73 -2.10 12.12 25.53
C TYR G 73 -1.31 11.83 24.27
N PHE G 74 -1.94 11.32 23.20
CA PHE G 74 -1.21 10.92 21.98
C PHE G 74 -0.22 11.97 21.53
N ILE G 75 0.99 11.53 21.20
CA ILE G 75 2.01 12.41 20.63
C ILE G 75 2.28 11.92 19.23
N GLU G 76 2.00 12.76 18.24
CA GLU G 76 2.09 12.34 16.82
C GLU G 76 1.18 11.15 16.58
N ALA G 77 -0.12 11.39 16.68
CA ALA G 77 -1.08 10.32 16.63
C ALA G 77 -1.01 9.60 15.26
N VAL G 78 -1.05 8.28 15.33
CA VAL G 78 -1.15 7.43 14.15
C VAL G 78 -2.37 6.54 14.31
N THR G 79 -3.10 6.39 13.22
CA THR G 79 -4.30 5.55 13.21
C THR G 79 -4.06 4.35 12.31
N LEU G 80 -4.33 3.16 12.83
CA LEU G 80 -4.12 1.91 12.10
C LEU G 80 -5.35 1.52 11.29
N ASN G 81 -5.19 0.53 10.41
CA ASN G 81 -6.27 0.04 9.58
C ASN G 81 -7.50 -0.38 10.38
N CYS G 82 -7.27 -0.86 11.59
CA CYS G 82 -8.35 -1.31 12.48
C CYS G 82 -9.06 -0.16 13.22
N ALA G 83 -8.65 1.06 12.93
CA ALA G 83 -9.25 2.30 13.44
C ALA G 83 -8.77 2.74 14.80
N HIS G 84 -7.84 2.01 15.41
CA HIS G 84 -7.30 2.40 16.72
C HIS G 84 -6.13 3.32 16.52
N SER G 85 -5.95 4.23 17.47
CA SER G 85 -4.84 5.18 17.39
C SER G 85 -3.83 5.02 18.54
N PHE G 86 -2.58 5.41 18.26
CA PHE G 86 -1.45 5.28 19.19
C PHE G 86 -0.48 6.44 18.91
N CYS G 87 0.40 6.75 19.84
CA CYS G 87 1.52 7.63 19.51
C CYS G 87 2.34 6.94 18.42
N SER G 88 2.92 7.73 17.52
CA SER G 88 3.82 7.20 16.52
C SER G 88 5.00 6.43 17.16
N TYR G 89 5.61 7.03 18.15
CA TYR G 89 6.74 6.41 18.84
C TYR G 89 6.34 5.07 19.44
N CYS G 90 5.22 5.06 20.14
CA CYS G 90 4.76 3.86 20.84
C CYS G 90 4.47 2.72 19.88
N ILE G 91 3.72 3.00 18.83
CA ILE G 91 3.33 1.93 17.92
C ILE G 91 4.53 1.38 17.13
N ASN G 92 5.50 2.23 16.81
CA ASN G 92 6.72 1.76 16.14
C ASN G 92 7.55 0.81 17.01
N GLU G 93 7.73 1.17 18.28
CA GLU G 93 8.39 0.27 19.19
C GLU G 93 7.63 -1.07 19.32
N TRP G 94 6.30 -0.99 19.40
CA TRP G 94 5.47 -2.19 19.49
C TRP G 94 5.69 -3.06 18.26
N MET G 95 5.61 -2.43 17.10
CA MET G 95 5.75 -3.12 15.82
C MET G 95 7.10 -3.76 15.55
N LYS G 96 8.14 -3.33 16.25
CA LYS G 96 9.41 -4.05 16.13
C LYS G 96 9.28 -5.46 16.71
N ARG G 97 8.32 -5.65 17.63
CA ARG G 97 8.15 -6.94 18.33
C ARG G 97 6.93 -7.73 17.89
N LYS G 98 5.86 -7.03 17.51
CA LYS G 98 4.58 -7.68 17.20
C LYS G 98 3.92 -6.88 16.10
N ILE G 99 3.24 -7.54 15.15
CA ILE G 99 2.55 -6.79 14.09
C ILE G 99 1.03 -6.96 14.24
N GLU G 100 0.56 -6.96 15.48
CA GLU G 100 -0.86 -7.00 15.82
C GLU G 100 -1.24 -5.76 16.61
N CYS G 101 -2.38 -5.14 16.29
CA CYS G 101 -2.83 -3.97 17.07
C CYS G 101 -2.79 -4.31 18.57
N PRO G 102 -2.16 -3.44 19.38
CA PRO G 102 -2.21 -3.71 20.82
C PRO G 102 -3.61 -3.94 21.36
N ILE G 103 -4.59 -3.17 20.87
CA ILE G 103 -5.94 -3.16 21.44
C ILE G 103 -6.81 -4.32 20.92
N CYS G 104 -6.94 -4.47 19.60
CA CYS G 104 -7.81 -5.49 19.02
C CYS G 104 -7.08 -6.72 18.49
N ARG G 105 -5.74 -6.65 18.47
CA ARG G 105 -4.87 -7.73 17.99
C ARG G 105 -5.03 -8.11 16.51
N LYS G 106 -5.73 -7.31 15.71
CA LYS G 106 -5.76 -7.55 14.26
C LYS G 106 -4.39 -7.24 13.66
N ASP G 107 -3.97 -8.03 12.67
CA ASP G 107 -2.68 -7.80 12.03
C ASP G 107 -2.66 -6.39 11.47
N ILE G 108 -1.58 -5.66 11.74
CA ILE G 108 -1.44 -4.29 11.28
C ILE G 108 -1.11 -4.29 9.80
N LYS G 109 -1.91 -3.58 9.02
CA LYS G 109 -1.73 -3.49 7.58
C LYS G 109 -1.46 -2.07 7.12
N SER G 110 -1.90 -1.07 7.89
CA SER G 110 -1.59 0.32 7.54
C SER G 110 -1.50 1.24 8.74
N LYS G 111 -0.69 2.30 8.56
CA LYS G 111 -0.57 3.40 9.51
C LYS G 111 -0.80 4.70 8.78
N THR G 112 -1.49 5.63 9.42
CA THR G 112 -1.48 6.98 8.92
C THR G 112 -1.45 7.96 10.07
N TYR G 113 -0.68 9.04 9.90
CA TYR G 113 -0.71 10.17 10.83
C TYR G 113 -2.05 10.89 10.74
N SER G 114 -2.36 11.69 11.74
CA SER G 114 -3.65 12.34 11.83
C SER G 114 -3.44 13.76 12.35
N LEU G 115 -3.45 14.73 11.43
CA LEU G 115 -3.36 16.13 11.76
C LEU G 115 -4.50 16.60 12.67
N VAL G 116 -5.70 16.09 12.43
CA VAL G 116 -6.89 16.50 13.18
C VAL G 116 -6.73 16.07 14.65
N LEU G 117 -6.30 14.83 14.87
CA LEU G 117 -6.10 14.35 16.24
C LEU G 117 -5.01 15.15 16.95
N ASP G 118 -3.89 15.40 16.28
CA ASP G 118 -2.84 16.21 16.89
C ASP G 118 -3.32 17.62 17.22
N ASN G 119 -4.03 18.25 16.29
CA ASN G 119 -4.53 19.62 16.50
C ASN G 119 -5.60 19.70 17.59
N CYS G 120 -6.49 18.70 17.62
CA CYS G 120 -7.50 18.62 18.67
C CYS G 120 -6.81 18.49 20.01
N ILE G 121 -5.87 17.57 20.12
CA ILE G 121 -5.15 17.35 21.39
C ILE G 121 -4.40 18.61 21.85
N ASN G 122 -3.68 19.26 20.95
CA ASN G 122 -3.02 20.53 21.32
C ASN G 122 -3.97 21.57 21.88
N LYS G 123 -5.15 21.69 21.29
CA LYS G 123 -6.13 22.64 21.75
C LYS G 123 -6.65 22.25 23.14
N MET G 124 -6.94 20.96 23.33
CA MET G 124 -7.45 20.47 24.62
C MET G 124 -6.39 20.64 25.72
N VAL G 125 -5.18 20.16 25.44
CA VAL G 125 -4.10 20.24 26.42
C VAL G 125 -3.79 21.70 26.82
N ASN G 126 -3.99 22.61 25.86
CA ASN G 126 -3.78 24.04 26.09
C ASN G 126 -4.64 24.61 27.23
N ASN G 127 -5.76 23.94 27.51
CA ASN G 127 -6.63 24.31 28.62
C ASN G 127 -6.33 23.59 29.93
N LEU G 128 -5.21 22.88 30.01
CA LEU G 128 -4.86 22.13 31.20
C LEU G 128 -3.74 22.85 31.94
N SER G 129 -3.32 22.31 33.08
CA SER G 129 -2.31 22.96 33.93
C SER G 129 -0.97 23.04 33.22
N SER G 130 -0.15 24.02 33.59
CA SER G 130 1.14 24.22 32.92
C SER G 130 2.10 23.04 33.18
N GLU G 131 1.84 22.27 34.23
CA GLU G 131 2.55 21.01 34.47
C GLU G 131 2.27 19.99 33.37
N VAL G 132 0.99 19.83 33.04
CA VAL G 132 0.57 18.90 31.97
C VAL G 132 1.11 19.39 30.63
N LYS G 133 1.01 20.70 30.40
CA LYS G 133 1.48 21.29 29.14
C LYS G 133 3.00 21.12 28.97
N GLU G 134 3.77 21.32 30.05
CA GLU G 134 5.23 21.23 29.98
C GLU G 134 5.71 19.78 29.84
N ARG G 135 5.05 18.87 30.55
CA ARG G 135 5.30 17.43 30.38
C ARG G 135 5.16 16.98 28.91
N ARG G 136 4.07 17.38 28.28
CA ARG G 136 3.83 17.11 26.86
C ARG G 136 4.95 17.68 25.97
N ILE G 137 5.41 18.89 26.27
CA ILE G 137 6.48 19.53 25.51
C ILE G 137 7.77 18.70 25.63
N VAL G 138 8.07 18.25 26.84
CA VAL G 138 9.25 17.44 27.12
C VAL G 138 9.24 16.12 26.36
N LEU G 139 8.10 15.43 26.36
CA LEU G 139 8.00 14.15 25.64
C LEU G 139 8.16 14.35 24.14
N ILE G 140 7.51 15.38 23.62
CA ILE G 140 7.61 15.71 22.19
C ILE G 140 9.06 15.85 21.77
N ARG G 141 9.83 16.61 22.53
CA ARG G 141 11.24 16.81 22.19
C ARG G 141 12.07 15.54 22.45
N GLU G 142 11.81 14.88 23.58
CA GLU G 142 12.44 13.59 23.91
C GLU G 142 12.26 12.52 22.83
N ARG G 143 11.07 12.47 22.23
CA ARG G 143 10.80 11.46 21.20
C ARG G 143 11.20 11.94 19.81
N LYS G 144 11.47 13.26 19.74
CA LYS G 144 12.12 13.89 18.59
C LYS G 144 13.63 13.62 18.60
N LEU H 12 8.55 6.75 37.20
CA LEU H 12 7.84 5.76 36.41
C LEU H 12 7.04 6.39 35.29
N PRO H 13 6.82 5.64 34.20
CA PRO H 13 5.89 6.08 33.14
C PRO H 13 4.51 6.34 33.74
N ARG H 14 3.75 7.27 33.16
CA ARG H 14 2.46 7.65 33.70
C ARG H 14 1.55 6.44 33.92
N ARG H 15 1.60 5.49 33.00
CA ARG H 15 0.73 4.32 33.06
C ARG H 15 0.96 3.49 34.32
N ILE H 16 2.22 3.24 34.63
CA ILE H 16 2.57 2.49 35.82
C ILE H 16 2.10 3.24 37.07
N ILE H 17 2.29 4.56 37.09
CA ILE H 17 1.80 5.37 38.19
C ILE H 17 0.29 5.25 38.28
N LYS H 18 -0.35 5.34 37.12
CA LYS H 18 -1.79 5.24 36.99
C LYS H 18 -2.34 3.93 37.57
N GLU H 19 -1.80 2.81 37.12
CA GLU H 19 -2.25 1.50 37.55
C GLU H 19 -1.97 1.25 39.03
N THR H 20 -0.74 1.59 39.45
CA THR H 20 -0.31 1.42 40.84
C THR H 20 -1.28 2.06 41.83
N GLN H 21 -1.75 3.26 41.49
CA GLN H 21 -2.63 4.01 42.37
C GLN H 21 -4.07 3.63 42.18
N ARG H 22 -4.38 3.01 41.05
CA ARG H 22 -5.71 2.48 40.83
C ARG H 22 -5.89 1.23 41.68
N LEU H 23 -4.80 0.49 41.87
CA LEU H 23 -4.81 -0.71 42.70
C LEU H 23 -5.09 -0.37 44.16
N LEU H 24 -4.46 0.71 44.64
CA LEU H 24 -4.66 1.15 46.01
C LEU H 24 -6.04 1.79 46.19
N ALA H 25 -6.49 2.54 45.19
CA ALA H 25 -7.75 3.26 45.27
C ALA H 25 -8.94 2.38 44.91
N GLU H 26 -8.80 1.58 43.86
CA GLU H 26 -9.88 0.72 43.39
C GLU H 26 -9.46 -0.75 43.39
N PRO H 27 -9.45 -1.37 44.58
CA PRO H 27 -8.99 -2.77 44.73
C PRO H 27 -9.90 -3.78 44.03
N VAL H 28 -9.30 -4.74 43.35
CA VAL H 28 -10.03 -5.85 42.76
C VAL H 28 -10.67 -6.70 43.85
N PRO H 29 -11.96 -7.07 43.68
CA PRO H 29 -12.63 -7.94 44.65
C PRO H 29 -11.91 -9.26 44.86
N GLY H 30 -11.65 -9.62 46.11
CA GLY H 30 -11.02 -10.88 46.44
C GLY H 30 -9.53 -10.90 46.17
N ILE H 31 -8.97 -9.73 45.84
CA ILE H 31 -7.55 -9.61 45.53
C ILE H 31 -6.94 -8.39 46.20
N LYS H 32 -5.89 -8.61 46.98
CA LYS H 32 -5.11 -7.51 47.55
C LYS H 32 -3.82 -7.37 46.77
N ALA H 33 -3.38 -6.14 46.54
CA ALA H 33 -2.14 -5.90 45.81
C ALA H 33 -1.41 -4.70 46.35
N GLU H 34 -0.29 -4.94 47.00
CA GLU H 34 0.46 -3.88 47.66
C GLU H 34 1.86 -3.74 47.08
N PRO H 35 2.34 -2.49 46.96
CA PRO H 35 3.68 -2.25 46.42
C PRO H 35 4.76 -2.69 47.40
N ASP H 36 5.86 -3.19 46.85
CA ASP H 36 7.01 -3.53 47.65
C ASP H 36 7.63 -2.26 48.26
N GLU H 37 8.28 -2.42 49.40
CA GLU H 37 8.82 -1.28 50.12
C GLU H 37 10.12 -0.73 49.54
N SER H 38 10.65 -1.43 48.53
CA SER H 38 11.94 -1.03 47.95
C SER H 38 11.89 -0.92 46.43
N ASN H 39 10.92 -1.59 45.82
CA ASN H 39 10.84 -1.67 44.37
C ASN H 39 9.46 -1.26 43.88
N ALA H 40 9.39 -0.12 43.19
CA ALA H 40 8.11 0.45 42.77
C ALA H 40 7.46 -0.35 41.65
N ARG H 41 8.18 -1.31 41.09
CA ARG H 41 7.65 -2.15 40.01
C ARG H 41 7.29 -3.53 40.52
N TYR H 42 7.45 -3.72 41.83
CA TYR H 42 7.30 -5.01 42.47
C TYR H 42 6.08 -4.99 43.38
N PHE H 43 5.17 -5.95 43.20
CA PHE H 43 3.95 -5.97 43.99
C PHE H 43 3.71 -7.30 44.67
N HIS H 44 3.22 -7.22 45.91
CA HIS H 44 2.88 -8.41 46.66
C HIS H 44 1.38 -8.55 46.65
N VAL H 45 0.92 -9.64 46.05
CA VAL H 45 -0.49 -9.85 45.80
C VAL H 45 -1.00 -10.99 46.66
N VAL H 46 -2.21 -10.83 47.18
CA VAL H 46 -2.90 -11.94 47.84
C VAL H 46 -4.21 -12.18 47.13
N ILE H 47 -4.39 -13.39 46.59
CA ILE H 47 -5.65 -13.74 45.95
C ILE H 47 -6.45 -14.68 46.84
N ALA H 48 -7.68 -14.29 47.14
CA ALA H 48 -8.62 -15.15 47.85
C ALA H 48 -9.05 -16.29 46.93
N GLY H 49 -9.13 -17.51 47.47
CA GLY H 49 -9.64 -18.62 46.69
C GLY H 49 -11.04 -18.29 46.22
N PRO H 50 -11.33 -18.51 44.93
CA PRO H 50 -12.63 -18.14 44.36
C PRO H 50 -13.78 -18.95 44.96
N GLN H 51 -14.95 -18.31 45.06
CA GLN H 51 -16.12 -18.99 45.60
C GLN H 51 -16.46 -20.24 44.79
N ASP H 52 -16.87 -21.28 45.50
CA ASP H 52 -17.26 -22.56 44.89
C ASP H 52 -16.07 -23.28 44.24
N SER H 53 -14.86 -22.86 44.55
CA SER H 53 -13.65 -23.56 44.09
C SER H 53 -13.07 -24.39 45.24
N PRO H 54 -12.21 -25.38 44.93
CA PRO H 54 -11.58 -26.12 46.03
C PRO H 54 -10.56 -25.28 46.79
N PHE H 55 -10.32 -24.06 46.30
CA PHE H 55 -9.40 -23.13 46.95
C PHE H 55 -10.15 -22.13 47.82
N GLU H 56 -11.48 -22.23 47.81
CA GLU H 56 -12.30 -21.30 48.58
C GLU H 56 -11.92 -21.36 50.05
N GLY H 57 -11.75 -20.20 50.66
CA GLY H 57 -11.37 -20.14 52.06
C GLY H 57 -9.89 -19.94 52.24
N GLY H 58 -9.13 -20.23 51.19
CA GLY H 58 -7.69 -20.05 51.21
C GLY H 58 -7.27 -18.67 50.75
N THR H 59 -6.05 -18.28 51.09
CA THR H 59 -5.45 -17.05 50.57
C THR H 59 -4.11 -17.40 49.95
N PHE H 60 -3.85 -16.87 48.77
CA PHE H 60 -2.67 -17.29 48.01
C PHE H 60 -1.79 -16.10 47.70
N LYS H 61 -0.53 -16.20 48.08
CA LYS H 61 0.42 -15.14 47.80
C LYS H 61 0.88 -15.23 46.36
N LEU H 62 0.93 -14.07 45.71
CA LEU H 62 1.52 -13.97 44.40
C LEU H 62 2.46 -12.79 44.40
N GLU H 63 3.44 -12.83 43.52
CA GLU H 63 4.27 -11.66 43.35
C GLU H 63 4.17 -11.23 41.90
N LEU H 64 4.19 -9.92 41.69
CA LEU H 64 4.05 -9.37 40.36
C LEU H 64 5.15 -8.36 40.15
N PHE H 65 5.79 -8.44 38.98
CA PHE H 65 6.84 -7.51 38.63
C PHE H 65 6.58 -6.91 37.25
N LEU H 66 6.74 -5.60 37.16
CA LEU H 66 6.60 -4.88 35.90
C LEU H 66 7.98 -4.60 35.32
N PRO H 67 8.38 -5.34 34.27
CA PRO H 67 9.68 -5.21 33.62
C PRO H 67 9.94 -3.82 33.04
N GLU H 68 11.19 -3.53 32.67
CA GLU H 68 11.55 -2.26 32.07
C GLU H 68 10.67 -1.93 30.88
N GLU H 69 10.49 -2.92 30.01
CA GLU H 69 9.81 -2.69 28.73
C GLU H 69 8.29 -2.77 28.86
N TYR H 70 7.79 -2.94 30.08
CA TYR H 70 6.35 -2.87 30.32
C TYR H 70 5.85 -1.49 29.90
N PRO H 71 4.71 -1.44 29.18
CA PRO H 71 3.79 -2.54 28.89
C PRO H 71 4.03 -3.30 27.58
N MET H 72 5.14 -3.04 26.89
CA MET H 72 5.45 -3.82 25.69
C MET H 72 5.66 -5.28 26.07
N ALA H 73 6.39 -5.47 27.16
CA ALA H 73 6.58 -6.80 27.74
C ALA H 73 5.52 -7.07 28.79
N ALA H 74 5.13 -8.33 28.92
CA ALA H 74 4.11 -8.72 29.87
C ALA H 74 4.62 -8.56 31.29
N PRO H 75 3.69 -8.39 32.25
CA PRO H 75 4.12 -8.42 33.65
C PRO H 75 4.60 -9.81 34.00
N LYS H 76 5.48 -9.94 34.98
CA LYS H 76 5.89 -11.25 35.47
C LYS H 76 5.10 -11.57 36.72
N VAL H 77 4.53 -12.77 36.77
CA VAL H 77 3.72 -13.18 37.91
C VAL H 77 4.05 -14.61 38.32
N ARG H 78 4.06 -14.87 39.61
CA ARG H 78 4.31 -16.22 40.13
C ARG H 78 3.60 -16.40 41.46
N PHE H 79 3.07 -17.59 41.69
CA PHE H 79 2.55 -17.92 43.01
C PHE H 79 3.69 -18.13 43.99
N MET H 80 3.51 -17.67 45.22
CA MET H 80 4.49 -17.89 46.28
C MET H 80 3.92 -18.83 47.33
N THR H 81 2.65 -19.19 47.15
CA THR H 81 1.99 -20.17 48.00
C THR H 81 1.82 -21.45 47.21
N LYS H 82 2.23 -22.57 47.80
CA LYS H 82 2.07 -23.87 47.15
C LYS H 82 0.60 -24.15 46.85
N ILE H 83 0.31 -24.58 45.63
CA ILE H 83 -1.08 -24.79 45.24
C ILE H 83 -1.19 -25.97 44.27
N TYR H 84 -2.26 -26.73 44.40
CA TYR H 84 -2.50 -27.90 43.56
C TYR H 84 -3.40 -27.49 42.42
N HIS H 85 -2.81 -27.23 41.26
CA HIS H 85 -3.54 -26.69 40.14
C HIS H 85 -2.80 -27.07 38.87
N PRO H 86 -3.53 -27.51 37.84
CA PRO H 86 -2.95 -27.98 36.57
C PRO H 86 -2.08 -26.94 35.88
N ASN H 87 -2.33 -25.67 36.15
CA ASN H 87 -1.66 -24.58 35.45
C ASN H 87 -0.72 -23.79 36.33
N VAL H 88 -0.43 -24.33 37.51
CA VAL H 88 0.57 -23.75 38.39
C VAL H 88 1.56 -24.85 38.76
N ASP H 89 2.84 -24.65 38.50
CA ASP H 89 3.79 -25.73 38.75
C ASP H 89 4.33 -25.68 40.18
N LYS H 90 5.33 -26.51 40.44
CA LYS H 90 5.83 -26.70 41.79
C LYS H 90 6.53 -25.46 42.32
N LEU H 91 6.98 -24.61 41.40
CA LEU H 91 7.67 -23.37 41.78
C LEU H 91 6.76 -22.16 41.67
N GLY H 92 5.48 -22.40 41.38
CA GLY H 92 4.48 -21.34 41.39
C GLY H 92 4.35 -20.65 40.05
N ARG H 93 5.07 -21.13 39.05
CA ARG H 93 4.99 -20.51 37.73
C ARG H 93 3.63 -20.77 37.12
N ILE H 94 3.09 -19.75 36.48
CA ILE H 94 1.72 -19.78 35.99
C ILE H 94 1.68 -19.98 34.49
N LYS H 95 0.91 -20.98 34.06
CA LYS H 95 0.67 -21.19 32.66
C LYS H 95 -0.61 -20.45 32.25
N LEU H 96 -0.43 -19.26 31.68
CA LEU H 96 -1.54 -18.41 31.27
C LEU H 96 -1.14 -17.67 30.01
N ASP H 97 -1.90 -17.85 28.94
CA ASP H 97 -1.45 -17.42 27.62
C ASP H 97 -1.35 -15.91 27.47
N ILE H 98 -2.05 -15.15 28.31
CA ILE H 98 -1.94 -13.69 28.24
C ILE H 98 -0.69 -13.20 28.96
N LEU H 99 0.02 -14.13 29.61
CA LEU H 99 1.29 -13.81 30.23
C LEU H 99 2.45 -14.06 29.27
N LYS H 100 2.14 -14.59 28.10
CA LYS H 100 3.17 -14.90 27.11
C LYS H 100 2.68 -14.68 25.68
N ASP H 101 1.82 -15.57 25.20
CA ASP H 101 1.33 -15.54 23.83
C ASP H 101 0.45 -14.33 23.53
N LYS H 102 -0.68 -14.25 24.23
CA LYS H 102 -1.69 -13.25 23.94
C LYS H 102 -1.55 -11.99 24.80
N TRP H 103 -0.33 -11.53 25.02
CA TRP H 103 -0.14 -10.29 25.76
C TRP H 103 -0.17 -9.07 24.83
N SER H 104 -0.98 -8.09 25.17
CA SER H 104 -1.02 -6.81 24.48
C SER H 104 -1.10 -5.68 25.50
N PRO H 105 -0.44 -4.54 25.19
CA PRO H 105 -0.36 -3.38 26.09
C PRO H 105 -1.71 -2.82 26.57
N ALA H 106 -2.82 -3.30 26.03
CA ALA H 106 -4.13 -2.80 26.44
C ALA H 106 -4.68 -3.57 27.63
N LEU H 107 -4.09 -4.73 27.92
CA LEU H 107 -4.64 -5.66 28.89
C LEU H 107 -4.68 -5.13 30.32
N GLN H 108 -3.57 -4.56 30.78
CA GLN H 108 -3.40 -4.00 32.14
C GLN H 108 -3.13 -5.07 33.19
N ILE H 109 -2.80 -4.62 34.40
CA ILE H 109 -2.43 -5.51 35.49
C ILE H 109 -3.61 -6.25 36.08
N ARG H 110 -4.71 -5.54 36.33
CA ARG H 110 -5.84 -6.16 37.02
C ARG H 110 -6.54 -7.19 36.14
N THR H 111 -6.42 -7.06 34.82
CA THR H 111 -6.96 -8.06 33.92
C THR H 111 -6.25 -9.39 34.16
N VAL H 112 -4.91 -9.31 34.23
CA VAL H 112 -4.09 -10.46 34.54
C VAL H 112 -4.50 -11.09 35.87
N LEU H 113 -4.64 -10.26 36.90
CA LEU H 113 -4.96 -10.76 38.23
C LEU H 113 -6.33 -11.44 38.27
N LEU H 114 -7.32 -10.84 37.61
CA LEU H 114 -8.65 -11.44 37.54
C LEU H 114 -8.62 -12.74 36.75
N SER H 115 -7.83 -12.76 35.68
CA SER H 115 -7.67 -13.95 34.86
C SER H 115 -7.03 -15.09 35.65
N ILE H 116 -6.04 -14.76 36.48
CA ILE H 116 -5.41 -15.76 37.34
C ILE H 116 -6.44 -16.31 38.33
N GLN H 117 -7.23 -15.41 38.92
CA GLN H 117 -8.29 -15.82 39.82
C GLN H 117 -9.28 -16.73 39.12
N ALA H 118 -9.56 -16.40 37.86
CA ALA H 118 -10.49 -17.17 37.06
C ALA H 118 -9.93 -18.53 36.72
N LEU H 119 -8.62 -18.61 36.62
CA LEU H 119 -7.93 -19.87 36.36
C LEU H 119 -8.12 -20.80 37.55
N LEU H 120 -8.08 -20.23 38.76
CA LEU H 120 -8.36 -20.99 39.96
C LEU H 120 -9.81 -21.47 39.96
N SER H 121 -10.71 -20.58 39.57
CA SER H 121 -12.14 -20.89 39.50
C SER H 121 -12.47 -21.95 38.46
N ALA H 122 -11.68 -21.98 37.38
CA ALA H 122 -11.90 -22.95 36.30
C ALA H 122 -10.58 -23.41 35.70
N PRO H 123 -9.98 -24.45 36.30
CA PRO H 123 -8.70 -25.01 35.86
C PRO H 123 -8.71 -25.54 34.42
N ASN H 124 -7.55 -25.53 33.78
CA ASN H 124 -7.41 -26.01 32.41
C ASN H 124 -6.44 -27.19 32.33
N PRO H 125 -6.92 -28.38 32.71
CA PRO H 125 -6.07 -29.58 32.73
C PRO H 125 -5.60 -29.96 31.34
N ASP H 126 -6.34 -29.55 30.32
CA ASP H 126 -6.07 -29.98 28.96
C ASP H 126 -4.99 -29.14 28.29
N ASP H 127 -4.33 -28.29 29.07
CA ASP H 127 -3.26 -27.44 28.55
C ASP H 127 -2.04 -28.27 28.17
N PRO H 128 -1.46 -28.00 26.99
CA PRO H 128 -0.27 -28.70 26.52
C PRO H 128 0.89 -28.69 27.52
N LEU H 129 1.24 -27.50 28.01
CA LEU H 129 2.35 -27.35 28.94
C LEU H 129 1.89 -27.43 30.39
N ALA H 130 0.90 -28.28 30.65
CA ALA H 130 0.37 -28.41 32.00
C ALA H 130 1.24 -29.33 32.85
N ASN H 131 1.04 -29.24 34.16
CA ASN H 131 1.85 -29.93 35.17
C ASN H 131 2.08 -31.43 34.96
N ASP H 132 1.28 -32.19 35.69
CA ASP H 132 1.39 -33.62 35.87
C ASP H 132 0.25 -33.87 36.83
N VAL H 133 -0.04 -32.79 37.55
CA VAL H 133 -1.29 -32.61 38.28
C VAL H 133 -2.44 -32.65 37.28
N ALA H 134 -2.20 -32.11 36.10
CA ALA H 134 -3.19 -32.12 35.02
C ALA H 134 -3.71 -33.52 34.73
N GLU H 135 -2.79 -34.48 34.65
CA GLU H 135 -3.15 -35.86 34.35
C GLU H 135 -4.12 -36.42 35.40
N GLN H 136 -3.85 -36.13 36.66
CA GLN H 136 -4.76 -36.53 37.71
C GLN H 136 -6.09 -35.80 37.56
N TRP H 137 -6.02 -34.54 37.14
CA TRP H 137 -7.23 -33.73 36.99
C TRP H 137 -8.09 -34.24 35.84
N LYS H 138 -7.45 -34.79 34.83
CA LYS H 138 -8.14 -35.33 33.66
C LYS H 138 -8.84 -36.65 33.95
N THR H 139 -8.08 -37.56 34.56
CA THR H 139 -8.53 -38.93 34.74
C THR H 139 -9.36 -39.12 35.99
N ASN H 140 -8.96 -38.43 37.07
CA ASN H 140 -9.69 -38.52 38.33
C ASN H 140 -9.95 -37.13 38.88
N GLU H 141 -10.83 -36.38 38.23
CA GLU H 141 -11.10 -35.00 38.60
C GLU H 141 -11.56 -34.87 40.05
N ALA H 142 -12.40 -35.80 40.50
CA ALA H 142 -12.92 -35.75 41.86
C ALA H 142 -11.80 -35.81 42.88
N GLN H 143 -10.84 -36.71 42.65
CA GLN H 143 -9.72 -36.86 43.57
C GLN H 143 -8.82 -35.63 43.52
N ALA H 144 -8.59 -35.10 42.32
CA ALA H 144 -7.75 -33.91 42.15
C ALA H 144 -8.34 -32.72 42.89
N ILE H 145 -9.65 -32.56 42.81
CA ILE H 145 -10.32 -31.47 43.48
C ILE H 145 -10.21 -31.60 45.01
N GLU H 146 -10.28 -32.82 45.51
CA GLU H 146 -10.11 -33.03 46.95
C GLU H 146 -8.67 -32.73 47.36
N THR H 147 -7.72 -33.10 46.50
CA THR H 147 -6.31 -32.83 46.79
C THR H 147 -6.04 -31.33 46.74
N ALA H 148 -6.65 -30.63 45.80
CA ALA H 148 -6.58 -29.17 45.76
C ALA H 148 -7.07 -28.59 47.07
N ARG H 149 -8.18 -29.12 47.57
CA ARG H 149 -8.74 -28.66 48.84
C ARG H 149 -7.78 -29.04 49.97
N ALA H 150 -7.22 -30.23 49.90
CA ALA H 150 -6.23 -30.67 50.89
C ALA H 150 -5.06 -29.69 50.94
N TRP H 151 -4.49 -29.35 49.80
CA TRP H 151 -3.36 -28.43 49.77
C TRP H 151 -3.74 -27.03 50.23
N THR H 152 -4.99 -26.64 49.97
CA THR H 152 -5.48 -25.36 50.46
C THR H 152 -5.46 -25.35 51.99
N ARG H 153 -5.94 -26.43 52.59
CA ARG H 153 -5.91 -26.57 54.05
C ARG H 153 -4.47 -26.49 54.57
N LEU H 154 -3.56 -27.15 53.87
CA LEU H 154 -2.20 -27.31 54.32
C LEU H 154 -1.36 -26.06 54.17
N TYR H 155 -1.56 -25.32 53.07
CA TYR H 155 -0.64 -24.24 52.71
C TYR H 155 -1.25 -22.85 52.63
N ALA H 156 -2.57 -22.77 52.45
CA ALA H 156 -3.17 -21.47 52.15
C ALA H 156 -4.12 -20.96 53.22
N MET H 157 -4.04 -21.50 54.44
CA MET H 157 -4.96 -21.07 55.49
C MET H 157 -4.26 -20.18 56.52
N ASN H 158 -2.98 -19.89 56.29
CA ASN H 158 -2.24 -18.99 57.17
C ASN H 158 -1.39 -18.01 56.38
N MET I 8 -6.53 -37.12 -6.63
CA MET I 8 -6.96 -36.81 -8.02
C MET I 8 -6.94 -35.30 -8.27
N GLN I 9 -6.77 -34.92 -9.53
CA GLN I 9 -6.74 -33.52 -9.93
C GLN I 9 -8.02 -33.14 -10.63
N ILE I 10 -8.49 -31.92 -10.39
CA ILE I 10 -9.55 -31.30 -11.20
C ILE I 10 -9.09 -29.92 -11.64
N PHE I 11 -9.76 -29.38 -12.65
CA PHE I 11 -9.46 -28.05 -13.16
C PHE I 11 -10.53 -27.08 -12.71
N VAL I 12 -10.14 -25.84 -12.44
CA VAL I 12 -11.11 -24.77 -12.23
C VAL I 12 -10.84 -23.64 -13.19
N LYS I 13 -11.85 -23.31 -13.99
CA LYS I 13 -11.75 -22.13 -14.86
C LYS I 13 -12.15 -20.85 -14.09
N THR I 14 -11.14 -20.04 -13.78
CA THR I 14 -11.28 -18.87 -12.89
C THR I 14 -12.02 -17.73 -13.60
N LEU I 15 -12.20 -16.62 -12.89
CA LEU I 15 -12.94 -15.46 -13.42
C LEU I 15 -12.39 -14.91 -14.73
N THR I 16 -11.08 -14.96 -14.90
CA THR I 16 -10.43 -14.40 -16.07
C THR I 16 -10.35 -15.43 -17.21
N GLY I 17 -10.92 -16.62 -17.01
CA GLY I 17 -10.88 -17.66 -18.03
C GLY I 17 -9.59 -18.48 -18.04
N LYS I 18 -8.75 -18.28 -17.04
CA LYS I 18 -7.55 -19.10 -16.88
C LYS I 18 -7.91 -20.37 -16.12
N THR I 19 -7.07 -21.38 -16.29
CA THR I 19 -7.29 -22.67 -15.64
C THR I 19 -6.29 -22.87 -14.52
N ILE I 20 -6.78 -23.25 -13.33
CA ILE I 20 -5.91 -23.73 -12.27
C ILE I 20 -6.19 -25.21 -11.99
N THR I 21 -5.22 -25.91 -11.40
CA THR I 21 -5.37 -27.31 -10.99
C THR I 21 -5.50 -27.41 -9.47
N LEU I 22 -6.48 -28.18 -9.00
CA LEU I 22 -6.65 -28.45 -7.56
C LEU I 22 -6.33 -29.92 -7.26
N GLU I 23 -5.69 -30.17 -6.12
CA GLU I 23 -5.50 -31.53 -5.61
C GLU I 23 -6.65 -31.85 -4.67
N VAL I 24 -7.48 -32.83 -5.04
CA VAL I 24 -8.73 -33.11 -4.32
C VAL I 24 -8.97 -34.58 -4.12
N GLU I 25 -9.93 -34.90 -3.25
CA GLU I 25 -10.47 -36.26 -3.09
C GLU I 25 -11.97 -36.25 -3.40
N PRO I 26 -12.51 -37.40 -3.85
CA PRO I 26 -13.97 -37.53 -4.05
C PRO I 26 -14.79 -37.20 -2.80
N SER I 27 -14.23 -37.48 -1.61
CA SER I 27 -14.90 -37.17 -0.34
C SER I 27 -14.93 -35.67 -0.01
N ASP I 28 -14.01 -34.89 -0.55
CA ASP I 28 -13.95 -33.44 -0.27
C ASP I 28 -15.29 -32.73 -0.45
N THR I 29 -15.66 -31.87 0.49
CA THR I 29 -16.89 -31.07 0.39
C THR I 29 -16.69 -29.92 -0.61
N ILE I 30 -17.76 -29.24 -0.99
CA ILE I 30 -17.63 -28.08 -1.88
C ILE I 30 -16.92 -26.93 -1.16
N GLU I 31 -17.26 -26.73 0.11
CA GLU I 31 -16.58 -25.74 0.97
C GLU I 31 -15.07 -25.96 0.97
N ASN I 32 -14.67 -27.22 1.08
CA ASN I 32 -13.27 -27.59 1.08
C ASN I 32 -12.61 -27.17 -0.23
N VAL I 33 -13.27 -27.44 -1.35
CA VAL I 33 -12.75 -27.06 -2.67
C VAL I 33 -12.66 -25.53 -2.81
N LYS I 34 -13.66 -24.84 -2.27
CA LYS I 34 -13.65 -23.38 -2.28
C LYS I 34 -12.52 -22.82 -1.44
N ALA I 35 -12.16 -23.49 -0.35
CA ALA I 35 -11.03 -23.08 0.49
C ALA I 35 -9.73 -23.13 -0.32
N LYS I 36 -9.56 -24.19 -1.09
CA LYS I 36 -8.40 -24.34 -1.96
C LYS I 36 -8.37 -23.30 -3.07
N ILE I 37 -9.56 -22.92 -3.57
CA ILE I 37 -9.65 -21.85 -4.57
C ILE I 37 -9.28 -20.49 -3.98
N GLN I 38 -9.75 -20.19 -2.78
CA GLN I 38 -9.37 -18.97 -2.06
C GLN I 38 -7.84 -18.83 -1.95
N ASP I 39 -7.17 -19.93 -1.64
CA ASP I 39 -5.70 -19.94 -1.49
C ASP I 39 -5.01 -19.52 -2.79
N LYS I 40 -5.56 -19.94 -3.92
CA LYS I 40 -4.97 -19.62 -5.23
C LYS I 40 -5.44 -18.30 -5.84
N GLU I 41 -6.72 -17.95 -5.64
CA GLU I 41 -7.34 -16.76 -6.27
C GLU I 41 -7.62 -15.59 -5.32
N GLY I 42 -7.65 -15.85 -4.02
CA GLY I 42 -7.95 -14.82 -3.02
C GLY I 42 -9.40 -14.37 -2.96
N ILE I 43 -10.30 -15.18 -3.52
CA ILE I 43 -11.74 -14.92 -3.49
C ILE I 43 -12.38 -15.72 -2.36
N PRO I 44 -12.99 -15.05 -1.37
CA PRO I 44 -13.50 -15.83 -0.25
C PRO I 44 -14.59 -16.82 -0.70
N PRO I 45 -14.75 -17.93 0.04
CA PRO I 45 -15.74 -18.94 -0.30
C PRO I 45 -17.15 -18.40 -0.53
N ASP I 46 -17.61 -17.48 0.32
CA ASP I 46 -18.97 -16.96 0.19
C ASP I 46 -19.18 -16.12 -1.08
N GLN I 47 -18.10 -15.72 -1.75
CA GLN I 47 -18.22 -14.98 -3.03
C GLN I 47 -18.06 -15.87 -4.25
N GLN I 48 -17.62 -17.11 -4.04
CA GLN I 48 -17.47 -18.07 -5.11
C GLN I 48 -18.78 -18.82 -5.38
N ARG I 49 -19.17 -18.87 -6.64
CA ARG I 49 -20.24 -19.78 -7.08
C ARG I 49 -19.57 -20.75 -8.05
N LEU I 50 -19.53 -22.04 -7.71
CA LEU I 50 -18.90 -23.04 -8.60
C LEU I 50 -19.96 -23.76 -9.43
N ILE I 51 -19.69 -23.92 -10.73
CA ILE I 51 -20.66 -24.45 -11.67
C ILE I 51 -20.11 -25.66 -12.36
N PHE I 52 -20.89 -26.73 -12.40
CA PHE I 52 -20.55 -27.92 -13.17
C PHE I 52 -21.79 -28.46 -13.86
N ALA I 53 -21.66 -28.78 -15.15
CA ALA I 53 -22.80 -29.24 -15.94
C ALA I 53 -23.98 -28.26 -15.88
N GLY I 54 -23.67 -26.96 -15.87
CA GLY I 54 -24.70 -25.92 -15.92
C GLY I 54 -25.39 -25.57 -14.60
N LYS I 55 -24.96 -26.19 -13.50
CA LYS I 55 -25.62 -26.03 -12.22
C LYS I 55 -24.60 -25.66 -11.15
N GLN I 56 -25.04 -24.88 -10.16
CA GLN I 56 -24.16 -24.55 -9.04
C GLN I 56 -23.97 -25.74 -8.10
N LEU I 57 -22.85 -25.74 -7.39
CA LEU I 57 -22.51 -26.78 -6.44
C LEU I 57 -22.72 -26.24 -5.03
N GLU I 58 -23.57 -26.91 -4.25
CA GLU I 58 -23.94 -26.43 -2.92
C GLU I 58 -22.91 -26.85 -1.87
N ASP I 59 -22.73 -25.99 -0.86
CA ASP I 59 -21.61 -26.05 0.09
C ASP I 59 -21.43 -27.35 0.91
N GLY I 60 -22.55 -27.97 1.32
CA GLY I 60 -22.49 -29.17 2.18
C GLY I 60 -22.22 -30.47 1.43
N ARG I 61 -22.39 -30.43 0.12
CA ARG I 61 -22.31 -31.63 -0.71
C ARG I 61 -20.84 -31.94 -1.03
N THR I 62 -20.55 -33.15 -1.47
CA THR I 62 -19.18 -33.53 -1.86
C THR I 62 -19.04 -33.60 -3.40
N LEU I 63 -17.80 -33.78 -3.87
CA LEU I 63 -17.52 -33.98 -5.30
C LEU I 63 -18.13 -35.28 -5.83
N SER I 64 -18.10 -36.32 -5.00
CA SER I 64 -18.73 -37.60 -5.29
C SER I 64 -20.22 -37.43 -5.58
N ASP I 65 -20.88 -36.60 -4.77
CA ASP I 65 -22.33 -36.33 -4.94
C ASP I 65 -22.69 -35.69 -6.30
N TYR I 66 -21.77 -34.95 -6.89
CA TYR I 66 -22.00 -34.31 -8.19
C TYR I 66 -21.37 -35.06 -9.35
N ASN I 67 -20.97 -36.32 -9.13
CA ASN I 67 -20.24 -37.08 -10.13
C ASN I 67 -19.09 -36.30 -10.81
N ILE I 68 -18.41 -35.46 -10.04
CA ILE I 68 -17.18 -34.82 -10.49
C ILE I 68 -16.07 -35.84 -10.31
N GLN I 69 -15.24 -36.00 -11.35
CA GLN I 69 -14.20 -37.01 -11.35
C GLN I 69 -12.87 -36.44 -11.77
N LYS I 70 -11.85 -37.28 -11.70
CA LYS I 70 -10.55 -37.07 -12.32
C LYS I 70 -10.64 -36.19 -13.55
N GLU I 71 -10.08 -34.98 -13.45
CA GLU I 71 -9.95 -34.03 -14.56
C GLU I 71 -11.27 -33.42 -15.06
N SER I 72 -12.33 -33.46 -14.24
CA SER I 72 -13.51 -32.64 -14.50
C SER I 72 -13.07 -31.17 -14.42
N THR I 73 -13.77 -30.30 -15.15
CA THR I 73 -13.54 -28.85 -15.00
C THR I 73 -14.72 -28.19 -14.30
N LEU I 74 -14.43 -27.49 -13.21
CA LEU I 74 -15.41 -26.65 -12.53
C LEU I 74 -15.23 -25.21 -13.01
N HIS I 75 -16.34 -24.47 -13.12
CA HIS I 75 -16.30 -23.10 -13.58
C HIS I 75 -16.62 -22.17 -12.44
N LEU I 76 -15.83 -21.12 -12.28
CA LEU I 76 -16.02 -20.17 -11.18
C LEU I 76 -16.63 -18.87 -11.71
N VAL I 77 -17.71 -18.45 -11.09
CA VAL I 77 -18.31 -17.15 -11.32
C VAL I 77 -18.48 -16.53 -9.92
N LEU I 78 -18.95 -15.29 -9.87
CA LEU I 78 -19.25 -14.64 -8.61
C LEU I 78 -20.63 -15.00 -8.07
N MET J 8 25.27 10.74 -24.89
CA MET J 8 26.25 9.73 -24.40
C MET J 8 25.65 8.89 -23.28
N GLN J 9 26.17 7.68 -23.13
CA GLN J 9 25.70 6.76 -22.08
C GLN J 9 26.72 6.67 -20.97
N ILE J 10 26.23 6.54 -19.74
CA ILE J 10 27.07 6.15 -18.60
C ILE J 10 26.38 5.01 -17.86
N PHE J 11 27.16 4.31 -17.04
CA PHE J 11 26.65 3.21 -16.24
C PHE J 11 26.52 3.65 -14.80
N VAL J 12 25.49 3.15 -14.11
CA VAL J 12 25.40 3.31 -12.67
C VAL J 12 25.29 1.96 -12.00
N LYS J 13 26.22 1.67 -11.10
CA LYS J 13 26.14 0.45 -10.29
C LYS J 13 25.25 0.69 -9.06
N THR J 14 24.06 0.09 -9.09
CA THR J 14 23.00 0.35 -8.11
C THR J 14 23.31 -0.33 -6.77
N LEU J 15 22.41 -0.18 -5.80
CA LEU J 15 22.62 -0.73 -4.45
C LEU J 15 22.85 -2.23 -4.42
N THR J 16 22.21 -2.96 -5.32
CA THR J 16 22.30 -4.41 -5.34
C THR J 16 23.48 -4.89 -6.20
N GLY J 17 24.28 -3.96 -6.71
CA GLY J 17 25.43 -4.32 -7.55
C GLY J 17 25.08 -4.58 -9.00
N LYS J 18 23.84 -4.30 -9.39
CA LYS J 18 23.44 -4.39 -10.78
C LYS J 18 23.80 -3.09 -11.50
N THR J 19 23.92 -3.18 -12.81
CA THR J 19 24.27 -2.03 -13.63
C THR J 19 23.06 -1.54 -14.43
N ILE J 20 22.79 -0.24 -14.37
CA ILE J 20 21.83 0.38 -15.29
C ILE J 20 22.56 1.36 -16.20
N THR J 21 21.96 1.66 -17.37
CA THR J 21 22.48 2.64 -18.32
C THR J 21 21.64 3.91 -18.28
N LEU J 22 22.30 5.07 -18.20
CA LEU J 22 21.62 6.37 -18.27
C LEU J 22 21.98 7.08 -19.59
N GLU J 23 20.99 7.76 -20.18
CA GLU J 23 21.24 8.65 -21.33
C GLU J 23 21.48 10.06 -20.79
N VAL J 24 22.69 10.58 -20.99
CA VAL J 24 23.11 11.85 -20.37
C VAL J 24 23.86 12.74 -21.32
N GLU J 25 24.02 14.00 -20.92
CA GLU J 25 24.91 14.96 -21.59
C GLU J 25 25.99 15.42 -20.61
N PRO J 26 27.17 15.83 -21.13
CA PRO J 26 28.22 16.43 -20.29
C PRO J 26 27.74 17.63 -19.47
N SER J 27 26.79 18.40 -20.02
CA SER J 27 26.24 19.56 -19.32
C SER J 27 25.29 19.19 -18.16
N ASP J 28 24.70 18.00 -18.19
CA ASP J 28 23.77 17.57 -17.13
C ASP J 28 24.34 17.76 -15.72
N THR J 29 23.52 18.31 -14.81
CA THR J 29 23.92 18.45 -13.40
C THR J 29 23.85 17.11 -12.69
N ILE J 30 24.40 17.03 -11.48
CA ILE J 30 24.30 15.77 -10.71
C ILE J 30 22.86 15.50 -10.28
N GLU J 31 22.15 16.56 -9.88
CA GLU J 31 20.71 16.49 -9.57
C GLU J 31 19.93 15.86 -10.73
N ASN J 32 20.26 16.29 -11.93
CA ASN J 32 19.61 15.79 -13.13
C ASN J 32 19.84 14.29 -13.27
N VAL J 33 21.08 13.85 -13.07
CA VAL J 33 21.42 12.44 -13.13
C VAL J 33 20.69 11.64 -12.04
N LYS J 34 20.60 12.22 -10.86
CA LYS J 34 19.87 11.58 -9.76
C LYS J 34 18.40 11.45 -10.07
N ALA J 35 17.82 12.43 -10.78
CA ALA J 35 16.42 12.35 -11.20
C ALA J 35 16.19 11.14 -12.11
N LYS J 36 17.11 10.92 -13.03
CA LYS J 36 17.06 9.76 -13.93
C LYS J 36 17.24 8.45 -13.17
N ILE J 37 18.05 8.46 -12.12
CA ILE J 37 18.22 7.27 -11.27
C ILE J 37 16.95 6.97 -10.47
N GLN J 38 16.31 8.00 -9.92
CA GLN J 38 15.02 7.86 -9.22
C GLN J 38 13.98 7.16 -10.12
N ASP J 39 13.94 7.56 -11.39
CA ASP J 39 12.98 6.97 -12.34
C ASP J 39 13.19 5.47 -12.52
N LYS J 40 14.43 5.02 -12.49
CA LYS J 40 14.77 3.61 -12.67
C LYS J 40 14.78 2.80 -11.37
N GLU J 41 15.23 3.40 -10.26
CA GLU J 41 15.40 2.70 -8.97
C GLU J 41 14.38 3.07 -7.88
N GLY J 42 13.70 4.19 -8.03
CA GLY J 42 12.73 4.66 -7.04
C GLY J 42 13.33 5.20 -5.75
N ILE J 43 14.61 5.54 -5.79
CA ILE J 43 15.33 6.13 -4.64
C ILE J 43 15.38 7.65 -4.81
N PRO J 44 14.78 8.41 -3.88
CA PRO J 44 14.75 9.85 -4.12
C PRO J 44 16.18 10.44 -4.17
N PRO J 45 16.34 11.56 -4.89
CA PRO J 45 17.65 12.20 -5.01
C PRO J 45 18.36 12.46 -3.68
N ASP J 46 17.63 12.93 -2.66
CA ASP J 46 18.27 13.25 -1.38
C ASP J 46 18.78 12.02 -0.63
N GLN J 47 18.37 10.81 -1.05
CA GLN J 47 18.89 9.57 -0.44
C GLN J 47 20.02 8.93 -1.25
N GLN J 48 20.24 9.41 -2.46
CA GLN J 48 21.30 8.93 -3.30
C GLN J 48 22.62 9.66 -3.01
N ARG J 49 23.68 8.90 -2.82
CA ARG J 49 25.04 9.45 -2.82
C ARG J 49 25.74 8.80 -4.01
N LEU J 50 26.14 9.59 -5.00
CA LEU J 50 26.83 9.04 -6.18
C LEU J 50 28.35 9.20 -6.05
N ILE J 51 29.09 8.14 -6.37
CA ILE J 51 30.52 8.10 -6.15
C ILE J 51 31.24 7.82 -7.45
N PHE J 52 32.26 8.62 -7.74
CA PHE J 52 33.14 8.38 -8.87
C PHE J 52 34.58 8.66 -8.48
N ALA J 53 35.47 7.75 -8.83
CA ALA J 53 36.89 7.87 -8.44
C ALA J 53 37.05 8.06 -6.93
N GLY J 54 36.22 7.37 -6.15
CA GLY J 54 36.34 7.37 -4.69
C GLY J 54 35.74 8.55 -3.95
N LYS J 55 35.09 9.46 -4.68
CA LYS J 55 34.58 10.70 -4.11
C LYS J 55 33.12 10.88 -4.48
N GLN J 56 32.37 11.52 -3.60
CA GLN J 56 30.97 11.83 -3.88
C GLN J 56 30.85 12.97 -4.89
N LEU J 57 29.73 12.98 -5.61
CA LEU J 57 29.45 14.01 -6.60
C LEU J 57 28.41 14.97 -6.04
N GLU J 58 28.74 16.24 -5.97
CA GLU J 58 27.87 17.25 -5.35
C GLU J 58 26.80 17.75 -6.32
N ASP J 59 25.64 18.08 -5.76
CA ASP J 59 24.39 18.31 -6.52
C ASP J 59 24.42 19.42 -7.61
N GLY J 60 25.12 20.51 -7.34
CA GLY J 60 25.14 21.66 -8.26
C GLY J 60 26.09 21.51 -9.44
N ARG J 61 27.01 20.57 -9.33
CA ARG J 61 28.09 20.40 -10.29
C ARG J 61 27.58 19.59 -11.49
N THR J 62 28.28 19.64 -12.61
CA THR J 62 27.92 18.85 -13.80
C THR J 62 28.85 17.64 -13.98
N LEU J 63 28.50 16.76 -14.93
CA LEU J 63 29.35 15.61 -15.30
C LEU J 63 30.69 16.05 -15.88
N SER J 64 30.66 17.12 -16.67
CA SER J 64 31.85 17.73 -17.23
C SER J 64 32.84 18.15 -16.14
N ASP J 65 32.31 18.73 -15.06
CA ASP J 65 33.12 19.16 -13.92
C ASP J 65 33.89 18.02 -13.22
N TYR J 66 33.35 16.80 -13.27
CA TYR J 66 34.00 15.64 -12.65
C TYR J 66 34.73 14.76 -13.67
N ASN J 67 34.98 15.28 -14.86
CA ASN J 67 35.58 14.50 -15.95
C ASN J 67 34.93 13.09 -16.12
N ILE J 68 33.62 13.00 -15.91
CA ILE J 68 32.86 11.80 -16.24
C ILE J 68 32.60 11.85 -17.75
N GLN J 69 32.86 10.74 -18.42
CA GLN J 69 32.75 10.67 -19.87
C GLN J 69 31.95 9.47 -20.31
N LYS J 70 31.72 9.42 -21.62
CA LYS J 70 31.22 8.24 -22.32
C LYS J 70 31.64 6.94 -21.62
N GLU J 71 30.63 6.25 -21.07
CA GLU J 71 30.79 4.92 -20.45
C GLU J 71 31.59 4.89 -19.14
N SER J 72 31.72 6.04 -18.47
CA SER J 72 32.16 6.04 -17.07
C SER J 72 31.13 5.28 -16.25
N THR J 73 31.57 4.67 -15.14
CA THR J 73 30.63 4.05 -14.21
C THR J 73 30.55 4.87 -12.92
N LEU J 74 29.33 5.28 -12.55
CA LEU J 74 29.06 5.91 -11.27
C LEU J 74 28.55 4.83 -10.30
N HIS J 75 28.91 4.96 -9.03
CA HIS J 75 28.50 4.00 -8.02
C HIS J 75 27.50 4.63 -7.10
N LEU J 76 26.40 3.94 -6.81
CA LEU J 76 25.35 4.47 -5.94
C LEU J 76 25.41 3.78 -4.58
N VAL J 77 25.44 4.60 -3.54
CA VAL J 77 25.29 4.15 -2.16
C VAL J 77 24.20 5.04 -1.56
N LEU J 78 23.83 4.77 -0.32
CA LEU J 78 22.88 5.60 0.39
C LEU J 78 23.53 6.83 1.04
N MET K 8 9.72 37.63 17.79
CA MET K 8 8.51 38.43 17.46
C MET K 8 7.42 37.54 16.84
N GLN K 9 6.18 37.97 16.99
CA GLN K 9 5.03 37.25 16.44
C GLN K 9 4.48 37.96 15.22
N ILE K 10 4.04 37.17 14.24
CA ILE K 10 3.22 37.69 13.14
C ILE K 10 1.98 36.83 12.99
N PHE K 11 0.98 37.35 12.29
CA PHE K 11 -0.25 36.63 12.04
C PHE K 11 -0.28 36.17 10.60
N VAL K 12 -0.86 34.99 10.36
CA VAL K 12 -1.15 34.54 9.00
C VAL K 12 -2.62 34.24 8.87
N LYS K 13 -3.28 34.92 7.92
CA LYS K 13 -4.67 34.61 7.61
C LYS K 13 -4.74 33.44 6.60
N THR K 14 -5.16 32.28 7.09
CA THR K 14 -5.11 31.02 6.33
C THR K 14 -6.21 30.97 5.27
N LEU K 15 -6.28 29.87 4.53
CA LEU K 15 -7.24 29.73 3.42
C LEU K 15 -8.70 29.90 3.83
N THR K 16 -9.03 29.48 5.05
CA THR K 16 -10.40 29.53 5.53
C THR K 16 -10.71 30.87 6.20
N GLY K 17 -9.76 31.80 6.20
CA GLY K 17 -9.95 33.11 6.82
C GLY K 17 -9.71 33.12 8.33
N LYS K 18 -9.19 32.03 8.86
CA LYS K 18 -8.79 31.97 10.25
C LYS K 18 -7.38 32.54 10.41
N THR K 19 -7.07 32.97 11.62
CA THR K 19 -5.76 33.54 11.91
C THR K 19 -4.93 32.58 12.75
N ILE K 20 -3.68 32.34 12.32
CA ILE K 20 -2.71 31.65 13.17
C ILE K 20 -1.57 32.62 13.53
N THR K 21 -0.87 32.32 14.62
CA THR K 21 0.31 33.09 15.05
C THR K 21 1.59 32.30 14.79
N LEU K 22 2.59 32.96 14.19
CA LEU K 22 3.90 32.34 13.98
C LEU K 22 4.95 33.03 14.87
N GLU K 23 5.89 32.25 15.40
CA GLU K 23 7.05 32.79 16.10
C GLU K 23 8.19 32.94 15.10
N VAL K 24 8.61 34.17 14.84
CA VAL K 24 9.57 34.45 13.77
C VAL K 24 10.64 35.44 14.17
N GLU K 25 11.68 35.53 13.34
CA GLU K 25 12.70 36.59 13.45
C GLU K 25 12.71 37.41 12.16
N PRO K 26 13.12 38.70 12.24
CA PRO K 26 13.31 39.52 11.03
C PRO K 26 14.25 38.88 9.99
N SER K 27 15.24 38.13 10.45
CA SER K 27 16.19 37.45 9.55
C SER K 27 15.57 36.24 8.81
N ASP K 28 14.52 35.64 9.37
CA ASP K 28 13.89 34.46 8.74
C ASP K 28 13.56 34.68 7.26
N THR K 29 13.87 33.68 6.42
CA THR K 29 13.53 33.72 5.00
C THR K 29 12.03 33.45 4.81
N ILE K 30 11.52 33.67 3.60
CA ILE K 30 10.11 33.36 3.33
C ILE K 30 9.88 31.84 3.35
N GLU K 31 10.83 31.09 2.79
CA GLU K 31 10.81 29.62 2.85
C GLU K 31 10.66 29.12 4.28
N ASN K 32 11.42 29.75 5.19
CA ASN K 32 11.39 29.40 6.59
C ASN K 32 9.99 29.62 7.16
N VAL K 33 9.38 30.76 6.84
CA VAL K 33 8.03 31.06 7.30
C VAL K 33 7.01 30.07 6.72
N LYS K 34 7.21 29.71 5.46
CA LYS K 34 6.34 28.72 4.83
C LYS K 34 6.47 27.35 5.48
N ALA K 35 7.67 27.00 5.94
CA ALA K 35 7.88 25.74 6.67
C ALA K 35 7.04 25.71 7.95
N LYS K 36 7.03 26.83 8.67
CA LYS K 36 6.23 26.95 9.88
C LYS K 36 4.72 26.91 9.59
N ILE K 37 4.31 27.45 8.43
CA ILE K 37 2.92 27.36 8.00
C ILE K 37 2.52 25.92 7.66
N GLN K 38 3.38 25.20 6.95
CA GLN K 38 3.16 23.78 6.65
C GLN K 38 2.90 22.98 7.93
N ASP K 39 3.68 23.24 8.98
CA ASP K 39 3.54 22.53 10.26
C ASP K 39 2.14 22.73 10.87
N LYS K 40 1.59 23.93 10.71
CA LYS K 40 0.27 24.25 11.27
C LYS K 40 -0.90 23.92 10.34
N GLU K 41 -0.73 24.11 9.03
CA GLU K 41 -1.82 23.94 8.04
C GLU K 41 -1.70 22.70 7.14
N GLY K 42 -0.53 22.11 7.07
CA GLY K 42 -0.29 20.93 6.21
C GLY K 42 -0.25 21.21 4.72
N ILE K 43 -0.05 22.48 4.35
CA ILE K 43 0.07 22.90 2.95
C ILE K 43 1.55 23.04 2.58
N PRO K 44 2.04 22.24 1.62
CA PRO K 44 3.47 22.33 1.37
C PRO K 44 3.90 23.72 0.90
N PRO K 45 5.16 24.10 1.15
CA PRO K 45 5.66 25.42 0.76
C PRO K 45 5.41 25.78 -0.70
N ASP K 46 5.61 24.85 -1.63
CA ASP K 46 5.44 25.16 -3.05
C ASP K 46 3.99 25.43 -3.45
N GLN K 47 3.03 25.10 -2.58
CA GLN K 47 1.61 25.42 -2.83
C GLN K 47 1.13 26.69 -2.13
N GLN K 48 1.96 27.21 -1.22
CA GLN K 48 1.65 28.44 -0.53
C GLN K 48 2.10 29.66 -1.34
N ARG K 49 1.21 30.64 -1.49
CA ARG K 49 1.58 31.96 -1.98
C ARG K 49 1.27 32.91 -0.83
N LEU K 50 2.28 33.57 -0.27
CA LEU K 50 2.06 34.51 0.85
C LEU K 50 2.01 35.95 0.33
N ILE K 51 1.03 36.72 0.81
CA ILE K 51 0.79 38.06 0.31
C ILE K 51 0.84 39.06 1.43
N PHE K 52 1.58 40.15 1.20
CA PHE K 52 1.61 41.27 2.13
C PHE K 52 1.60 42.56 1.36
N ALA K 53 0.76 43.51 1.78
CA ALA K 53 0.60 44.77 1.08
C ALA K 53 0.28 44.57 -0.41
N GLY K 54 -0.52 43.56 -0.71
CA GLY K 54 -1.00 43.32 -2.08
C GLY K 54 -0.04 42.58 -3.02
N LYS K 55 1.11 42.17 -2.50
CA LYS K 55 2.15 41.56 -3.33
C LYS K 55 2.59 40.25 -2.72
N GLN K 56 2.99 39.31 -3.58
CA GLN K 56 3.54 38.04 -3.11
C GLN K 56 4.94 38.21 -2.53
N LEU K 57 5.30 37.30 -1.63
CA LEU K 57 6.61 37.29 -0.99
C LEU K 57 7.44 36.17 -1.59
N GLU K 58 8.60 36.52 -2.16
CA GLU K 58 9.44 35.55 -2.86
C GLU K 58 10.32 34.77 -1.91
N ASP K 59 10.58 33.51 -2.26
CA ASP K 59 11.18 32.50 -1.36
C ASP K 59 12.56 32.82 -0.74
N GLY K 60 13.44 33.45 -1.51
CA GLY K 60 14.81 33.74 -1.04
C GLY K 60 14.94 34.95 -0.13
N ARG K 61 13.92 35.78 -0.11
CA ARG K 61 13.94 37.06 0.58
C ARG K 61 13.61 36.83 2.06
N THR K 62 13.93 37.80 2.92
CA THR K 62 13.60 37.71 4.35
C THR K 62 12.41 38.62 4.71
N LEU K 63 11.92 38.50 5.94
CA LEU K 63 10.86 39.36 6.47
C LEU K 63 11.31 40.83 6.57
N SER K 64 12.58 41.01 6.95
CA SER K 64 13.20 42.33 7.00
C SER K 64 13.14 43.03 5.64
N ASP K 65 13.41 42.27 4.57
CA ASP K 65 13.37 42.80 3.19
C ASP K 65 11.98 43.32 2.76
N TYR K 66 10.91 42.79 3.34
CA TYR K 66 9.56 43.22 3.01
C TYR K 66 8.97 44.17 4.06
N ASN K 67 9.81 44.71 4.94
CA ASN K 67 9.34 45.53 6.06
C ASN K 67 8.14 44.91 6.82
N ILE K 68 8.14 43.58 6.95
CA ILE K 68 7.19 42.90 7.82
C ILE K 68 7.74 43.01 9.24
N GLN K 69 6.87 43.39 10.17
CA GLN K 69 7.27 43.64 11.55
C GLN K 69 6.37 42.93 12.52
N LYS K 70 6.75 43.04 13.79
CA LYS K 70 5.91 42.70 14.94
C LYS K 70 4.42 42.88 14.63
N GLU K 71 3.71 41.77 14.58
CA GLU K 71 2.25 41.72 14.41
C GLU K 71 1.72 42.18 13.05
N SER K 72 2.57 42.17 12.02
CA SER K 72 2.09 42.26 10.64
C SER K 72 1.22 41.05 10.37
N THR K 73 0.26 41.17 9.46
CA THR K 73 -0.52 40.01 9.02
C THR K 73 -0.14 39.65 7.58
N LEU K 74 0.25 38.39 7.38
CA LEU K 74 0.47 37.83 6.05
C LEU K 74 -0.79 37.07 5.63
N HIS K 75 -1.11 37.11 4.34
CA HIS K 75 -2.29 36.43 3.82
C HIS K 75 -1.87 35.26 2.98
N LEU K 76 -2.51 34.11 3.21
CA LEU K 76 -2.16 32.89 2.46
C LEU K 76 -3.25 32.59 1.43
N VAL K 77 -2.81 32.40 0.20
CA VAL K 77 -3.64 31.90 -0.88
C VAL K 77 -2.88 30.72 -1.49
N LEU K 78 -3.49 30.04 -2.46
CA LEU K 78 -2.82 28.97 -3.17
C LEU K 78 -1.93 29.48 -4.31
N MET L 8 -32.18 -2.59 29.35
CA MET L 8 -31.27 -2.61 30.54
C MET L 8 -29.81 -2.41 30.13
N GLN L 9 -29.02 -1.89 31.05
CA GLN L 9 -27.59 -1.65 30.80
C GLN L 9 -26.75 -2.67 31.53
N ILE L 10 -25.65 -3.09 30.89
CA ILE L 10 -24.60 -3.85 31.58
C ILE L 10 -23.26 -3.19 31.28
N PHE L 11 -22.26 -3.53 32.09
CA PHE L 11 -20.92 -3.00 31.92
C PHE L 11 -20.02 -4.08 31.34
N VAL L 12 -19.08 -3.68 30.50
CA VAL L 12 -18.01 -4.58 30.06
C VAL L 12 -16.67 -3.98 30.38
N LYS L 13 -15.87 -4.72 31.15
CA LYS L 13 -14.49 -4.31 31.41
C LYS L 13 -13.57 -4.79 30.27
N THR L 14 -13.12 -3.84 29.45
CA THR L 14 -12.39 -4.12 28.21
C THR L 14 -10.95 -4.56 28.50
N LEU L 15 -10.19 -4.84 27.44
CA LEU L 15 -8.81 -5.32 27.58
C LEU L 15 -7.90 -4.41 28.39
N THR L 16 -8.11 -3.10 28.28
CA THR L 16 -7.26 -2.13 28.96
C THR L 16 -7.77 -1.83 30.38
N GLY L 17 -8.82 -2.52 30.82
CA GLY L 17 -9.38 -2.29 32.15
C GLY L 17 -10.33 -1.12 32.23
N LYS L 18 -10.69 -0.55 31.10
CA LYS L 18 -11.71 0.50 31.05
C LYS L 18 -13.08 -0.14 30.98
N THR L 19 -14.09 0.63 31.38
CA THR L 19 -15.46 0.15 31.39
C THR L 19 -16.27 0.81 30.28
N ILE L 20 -16.97 -0.01 29.50
CA ILE L 20 -17.98 0.51 28.58
C ILE L 20 -19.38 0.05 29.02
N THR L 21 -20.42 0.78 28.59
CA THR L 21 -21.81 0.41 28.84
C THR L 21 -22.47 -0.11 27.57
N LEU L 22 -23.17 -1.24 27.68
CA LEU L 22 -23.94 -1.80 26.56
C LEU L 22 -25.45 -1.69 26.85
N GLU L 23 -26.23 -1.38 25.81
CA GLU L 23 -27.69 -1.44 25.89
C GLU L 23 -28.14 -2.82 25.44
N VAL L 24 -28.74 -3.60 26.35
CA VAL L 24 -29.04 -5.00 26.08
C VAL L 24 -30.42 -5.41 26.59
N GLU L 25 -30.86 -6.59 26.14
CA GLU L 25 -32.06 -7.24 26.69
C GLU L 25 -31.67 -8.60 27.27
N PRO L 26 -32.44 -9.09 28.26
CA PRO L 26 -32.22 -10.45 28.80
C PRO L 26 -32.26 -11.55 27.71
N SER L 27 -33.07 -11.35 26.68
CA SER L 27 -33.16 -12.30 25.56
C SER L 27 -31.93 -12.31 24.64
N ASP L 28 -31.18 -11.21 24.60
CA ASP L 28 -29.99 -11.11 23.73
C ASP L 28 -29.04 -12.31 23.88
N THR L 29 -28.57 -12.85 22.76
CA THR L 29 -27.58 -13.94 22.77
C THR L 29 -26.20 -13.40 23.12
N ILE L 30 -25.24 -14.27 23.40
CA ILE L 30 -23.87 -13.82 23.67
C ILE L 30 -23.22 -13.25 22.40
N GLU L 31 -23.48 -13.90 21.26
CA GLU L 31 -23.05 -13.39 19.95
C GLU L 31 -23.51 -11.95 19.72
N ASN L 32 -24.75 -11.69 20.08
CA ASN L 32 -25.34 -10.37 19.94
C ASN L 32 -24.57 -9.36 20.78
N VAL L 33 -24.27 -9.72 22.03
CA VAL L 33 -23.50 -8.85 22.92
C VAL L 33 -22.08 -8.61 22.38
N LYS L 34 -21.48 -9.66 21.83
CA LYS L 34 -20.17 -9.53 21.22
C LYS L 34 -20.19 -8.62 20.00
N ALA L 35 -21.28 -8.63 19.25
CA ALA L 35 -21.44 -7.72 18.10
C ALA L 35 -21.40 -6.26 18.56
N LYS L 36 -22.09 -5.97 19.66
CA LYS L 36 -22.09 -4.64 20.25
C LYS L 36 -20.72 -4.24 20.80
N ILE L 37 -19.97 -5.22 21.32
CA ILE L 37 -18.61 -4.96 21.77
C ILE L 37 -17.67 -4.66 20.60
N GLN L 38 -17.78 -5.41 19.50
CA GLN L 38 -17.02 -5.15 18.28
C GLN L 38 -17.21 -3.69 17.81
N ASP L 39 -18.45 -3.22 17.86
CA ASP L 39 -18.76 -1.85 17.42
C ASP L 39 -18.02 -0.79 18.24
N LYS L 40 -17.85 -1.06 19.54
CA LYS L 40 -17.17 -0.13 20.44
C LYS L 40 -15.65 -0.31 20.52
N GLU L 41 -15.19 -1.57 20.47
CA GLU L 41 -13.75 -1.91 20.65
C GLU L 41 -13.01 -2.34 19.38
N GLY L 42 -13.74 -2.73 18.34
CA GLY L 42 -13.15 -3.21 17.09
C GLY L 42 -12.51 -4.59 17.16
N ILE L 43 -12.87 -5.36 18.17
CA ILE L 43 -12.38 -6.73 18.34
C ILE L 43 -13.44 -7.71 17.81
N PRO L 44 -13.10 -8.51 16.77
CA PRO L 44 -14.16 -9.34 16.23
C PRO L 44 -14.68 -10.35 17.26
N PRO L 45 -15.95 -10.78 17.10
CA PRO L 45 -16.56 -11.73 18.05
C PRO L 45 -15.72 -12.98 18.31
N ASP L 46 -15.14 -13.58 17.27
CA ASP L 46 -14.37 -14.82 17.45
C ASP L 46 -13.08 -14.62 18.26
N GLN L 47 -12.64 -13.37 18.46
CA GLN L 47 -11.47 -13.09 19.31
C GLN L 47 -11.83 -12.67 20.73
N GLN L 48 -13.10 -12.41 20.97
CA GLN L 48 -13.60 -12.06 22.28
C GLN L 48 -13.92 -13.31 23.10
N ARG L 49 -13.41 -13.35 24.34
CA ARG L 49 -13.88 -14.34 25.32
C ARG L 49 -14.49 -13.51 26.45
N LEU L 50 -15.80 -13.66 26.69
CA LEU L 50 -16.46 -12.90 27.75
C LEU L 50 -16.60 -13.75 29.02
N ILE L 51 -16.29 -13.17 30.16
CA ILE L 51 -16.24 -13.90 31.42
C ILE L 51 -17.17 -13.27 32.43
N PHE L 52 -17.97 -14.10 33.08
CA PHE L 52 -18.81 -13.66 34.18
C PHE L 52 -18.81 -14.71 35.27
N ALA L 53 -18.63 -14.27 36.52
CA ALA L 53 -18.53 -15.19 37.66
C ALA L 53 -17.46 -16.27 37.42
N GLY L 54 -16.35 -15.89 36.81
CA GLY L 54 -15.20 -16.77 36.63
C GLY L 54 -15.28 -17.76 35.46
N LYS L 55 -16.34 -17.68 34.66
CA LYS L 55 -16.58 -18.64 33.60
C LYS L 55 -16.84 -17.91 32.29
N GLN L 56 -16.44 -18.53 31.19
CA GLN L 56 -16.73 -17.96 29.87
C GLN L 56 -18.20 -18.12 29.50
N LEU L 57 -18.68 -17.22 28.64
CA LEU L 57 -20.06 -17.23 28.16
C LEU L 57 -20.08 -17.75 26.74
N GLU L 58 -20.82 -18.82 26.51
CA GLU L 58 -20.86 -19.49 25.20
C GLU L 58 -21.82 -18.81 24.24
N ASP L 59 -21.46 -18.85 22.95
CA ASP L 59 -22.09 -18.02 21.90
C ASP L 59 -23.61 -18.17 21.69
N GLY L 60 -24.13 -19.38 21.82
CA GLY L 60 -25.56 -19.65 21.55
C GLY L 60 -26.49 -19.29 22.70
N ARG L 61 -25.92 -19.10 23.88
CA ARG L 61 -26.69 -18.90 25.11
C ARG L 61 -27.11 -17.43 25.20
N THR L 62 -28.09 -17.12 26.04
CA THR L 62 -28.52 -15.74 26.27
C THR L 62 -28.02 -15.21 27.63
N LEU L 63 -28.21 -13.91 27.86
CA LEU L 63 -27.89 -13.27 29.14
C LEU L 63 -28.75 -13.82 30.28
N SER L 64 -30.02 -14.09 29.98
CA SER L 64 -30.95 -14.71 30.92
C SER L 64 -30.43 -16.06 31.40
N ASP L 65 -29.87 -16.85 30.49
CA ASP L 65 -29.30 -18.18 30.82
C ASP L 65 -28.13 -18.11 31.82
N TYR L 66 -27.39 -17.02 31.84
CA TYR L 66 -26.26 -16.85 32.76
C TYR L 66 -26.61 -15.99 33.98
N ASN L 67 -27.90 -15.76 34.22
CA ASN L 67 -28.35 -14.85 35.29
C ASN L 67 -27.57 -13.51 35.32
N ILE L 68 -27.23 -12.99 34.13
CA ILE L 68 -26.69 -11.65 34.01
C ILE L 68 -27.88 -10.69 34.05
N GLN L 69 -27.78 -9.65 34.87
CA GLN L 69 -28.87 -8.72 35.08
C GLN L 69 -28.42 -7.29 34.93
N LYS L 70 -29.40 -6.39 35.01
CA LYS L 70 -29.20 -4.96 35.18
C LYS L 70 -27.90 -4.65 35.93
N GLU L 71 -26.95 -4.05 35.21
CA GLU L 71 -25.69 -3.57 35.77
C GLU L 71 -24.70 -4.65 36.23
N SER L 72 -24.87 -5.88 35.75
CA SER L 72 -23.81 -6.89 35.87
C SER L 72 -22.60 -6.38 35.10
N THR L 73 -21.40 -6.80 35.51
CA THR L 73 -20.19 -6.49 34.74
C THR L 73 -19.66 -7.77 34.09
N LEU L 74 -19.49 -7.73 32.76
CA LEU L 74 -18.83 -8.79 32.01
C LEU L 74 -17.37 -8.38 31.79
N HIS L 75 -16.47 -9.35 31.81
CA HIS L 75 -15.06 -9.09 31.64
C HIS L 75 -14.60 -9.63 30.30
N LEU L 76 -13.86 -8.84 29.55
CA LEU L 76 -13.38 -9.23 28.23
C LEU L 76 -11.90 -9.57 28.28
N VAL L 77 -11.56 -10.76 27.78
CA VAL L 77 -10.19 -11.17 27.56
C VAL L 77 -10.15 -11.65 26.10
N LEU L 78 -8.96 -12.02 25.63
CA LEU L 78 -8.81 -12.59 24.30
C LEU L 78 -9.10 -14.09 24.26
#